data_2OEH
#
_entry.id   2OEH
#
loop_
_entity.id
_entity.type
_entity.pdbx_description
1 polymer "5'-D(P*TP*AP*CP*AP*AP*TP*AP*TP*AP*AP*CP*GP*TP*CP*G)-3'"
2 polymer "5'-D(P*CP*GP*AP*CP*GP*TP*TP*AP*TP*AP*TP*TP*GP*T)-3'"
3 polymer 'AT-rich interactive domain-containing protein 5B'
#
loop_
_entity_poly.entity_id
_entity_poly.type
_entity_poly.pdbx_seq_one_letter_code
_entity_poly.pdbx_strand_id
1 'polydeoxyribonucleotide' (DT)(DA)(DC)(DA)(DA)(DT)(DA)(DT)(DA)(DA)(DC)(DG)(DT)(DC)(DG) B
2 'polydeoxyribonucleotide' (DC)(DG)(DA)(DC)(DG)(DT)(DT)(DA)(DT)(DA)(DT)(DT)(DG)(DT) C
3 'polypeptide(L)'
;RADEQAFLVALYKYMKERKTPIERIPYLGFKQINLWTMFQAAQKLGGYETITARRQWKHIYDELGGNPGSTSAATCTRRH
YERLILPYERFIKGEEDKPLPPIKPRK
;
A
#
# COMPACT_ATOMS: atom_id res chain seq x y z
N ARG C 1 -12.17 2.59 6.85
CA ARG C 1 -11.80 3.96 6.41
C ARG C 1 -11.23 4.81 7.55
N ALA C 2 -12.02 5.07 8.59
CA ALA C 2 -11.68 6.05 9.62
C ALA C 2 -10.45 5.67 10.45
N ASP C 3 -10.28 4.38 10.75
CA ASP C 3 -9.12 3.89 11.50
C ASP C 3 -7.82 3.90 10.69
N GLU C 4 -7.90 3.69 9.35
CA GLU C 4 -6.72 3.82 8.48
C GLU C 4 -6.29 5.28 8.43
N GLN C 5 -7.25 6.20 8.26
CA GLN C 5 -6.94 7.63 8.30
C GLN C 5 -6.35 8.05 9.66
N ALA C 6 -6.94 7.63 10.78
CA ALA C 6 -6.40 7.88 12.11
C ALA C 6 -4.96 7.36 12.26
N PHE C 7 -4.70 6.10 11.87
CA PHE C 7 -3.36 5.52 11.96
C PHE C 7 -2.38 6.04 10.88
N LEU C 8 -2.88 6.71 9.82
CA LEU C 8 -1.94 7.37 8.89
C LEU C 8 -1.72 8.85 9.28
N VAL C 9 -2.59 9.44 10.12
CA VAL C 9 -2.30 10.74 10.75
C VAL C 9 -1.27 10.55 11.87
N ALA C 10 -1.36 9.43 12.61
CA ALA C 10 -0.32 9.03 13.55
C ALA C 10 1.01 8.73 12.84
N LEU C 11 0.99 7.98 11.72
CA LEU C 11 2.20 7.87 10.88
C LEU C 11 2.66 9.22 10.36
N TYR C 12 1.78 10.10 9.87
CA TYR C 12 2.17 11.42 9.38
C TYR C 12 2.99 12.20 10.41
N LYS C 13 2.56 12.20 11.68
CA LYS C 13 3.36 12.76 12.77
C LYS C 13 4.70 12.02 12.93
N TYR C 14 4.70 10.70 13.11
CA TYR C 14 5.98 9.98 13.21
C TYR C 14 6.93 10.14 12.02
N MET C 15 6.44 10.14 10.78
CA MET C 15 7.27 10.26 9.59
C MET C 15 7.75 11.69 9.37
N LYS C 16 6.98 12.72 9.77
CA LYS C 16 7.48 14.10 9.83
C LYS C 16 8.60 14.25 10.86
N GLU C 17 8.49 13.54 12.00
CA GLU C 17 9.59 13.42 12.97
C GLU C 17 10.76 12.50 12.48
N ARG C 18 10.64 11.93 11.26
CA ARG C 18 11.72 11.14 10.63
C ARG C 18 12.19 11.76 9.29
N LYS C 19 11.94 13.07 9.08
CA LYS C 19 12.37 13.89 7.93
C LYS C 19 11.76 13.40 6.61
N THR C 20 10.64 12.68 6.72
CA THR C 20 9.97 12.06 5.58
C THR C 20 8.45 12.28 5.65
N PRO C 21 7.95 13.53 5.75
CA PRO C 21 6.51 13.81 5.86
C PRO C 21 5.74 13.45 4.57
N ILE C 22 4.42 13.27 4.67
CA ILE C 22 3.54 13.16 3.48
C ILE C 22 3.63 14.44 2.61
N GLU C 23 4.04 15.55 3.23
CA GLU C 23 4.41 16.79 2.52
C GLU C 23 5.49 16.62 1.42
N ARG C 24 6.20 15.47 1.34
CA ARG C 24 7.11 15.10 0.22
C ARG C 24 6.63 13.90 -0.62
N ILE C 25 5.38 13.47 -0.43
CA ILE C 25 4.72 12.32 -1.07
C ILE C 25 3.37 12.79 -1.69
N PRO C 26 3.45 13.70 -2.70
CA PRO C 26 2.27 14.37 -3.29
C PRO C 26 1.20 13.53 -4.00
N TYR C 27 1.53 12.42 -4.66
CA TYR C 27 0.48 11.71 -5.40
C TYR C 27 0.56 10.18 -5.36
N LEU C 28 -0.53 9.60 -5.85
CA LEU C 28 -0.71 8.16 -6.03
C LEU C 28 -0.64 7.95 -7.53
N GLY C 29 -0.39 6.73 -8.03
CA GLY C 29 -0.18 6.53 -9.47
C GLY C 29 -1.11 7.33 -10.39
N PHE C 30 -2.42 7.22 -10.21
CA PHE C 30 -3.32 8.03 -11.03
C PHE C 30 -3.90 9.22 -10.26
N LYS C 31 -4.50 8.91 -9.12
CA LYS C 31 -5.18 9.91 -8.27
C LYS C 31 -4.31 10.35 -7.09
N GLN C 32 -4.93 11.09 -6.14
CA GLN C 32 -4.24 11.59 -4.94
C GLN C 32 -3.76 10.40 -4.09
N ILE C 33 -3.00 10.67 -3.03
CA ILE C 33 -2.40 9.60 -2.22
C ILE C 33 -3.41 8.53 -1.75
N ASN C 34 -4.54 8.95 -1.13
CA ASN C 34 -5.58 8.02 -0.63
C ASN C 34 -4.98 6.67 -0.17
N LEU C 35 -4.24 6.72 0.95
CA LEU C 35 -3.55 5.55 1.50
C LEU C 35 -4.46 4.34 1.79
N TRP C 36 -5.54 4.56 2.54
CA TRP C 36 -6.47 3.48 2.91
C TRP C 36 -6.92 2.64 1.69
N THR C 37 -7.04 3.30 0.54
CA THR C 37 -7.49 2.62 -0.70
C THR C 37 -6.39 1.76 -1.33
N MET C 38 -5.15 2.27 -1.52
CA MET C 38 -4.05 1.42 -2.00
C MET C 38 -3.71 0.29 -1.01
N PHE C 39 -3.92 0.53 0.30
CA PHE C 39 -3.81 -0.50 1.32
C PHE C 39 -4.85 -1.61 1.14
N GLN C 40 -6.15 -1.32 1.19
CA GLN C 40 -7.15 -2.38 1.01
C GLN C 40 -7.08 -3.06 -0.37
N ALA C 41 -6.63 -2.33 -1.41
CA ALA C 41 -6.31 -2.92 -2.70
C ALA C 41 -5.14 -3.92 -2.60
N ALA C 42 -4.01 -3.55 -2.02
CA ALA C 42 -2.90 -4.47 -1.78
C ALA C 42 -3.31 -5.69 -0.94
N GLN C 43 -4.17 -5.51 0.06
CA GLN C 43 -4.65 -6.61 0.91
C GLN C 43 -5.58 -7.57 0.14
N LYS C 44 -6.23 -7.10 -0.93
CA LYS C 44 -6.99 -7.97 -1.85
C LYS C 44 -6.06 -8.69 -2.81
N LEU C 45 -5.11 -7.95 -3.39
CA LEU C 45 -4.06 -8.51 -4.24
C LEU C 45 -2.95 -9.29 -3.45
N GLY C 46 -3.16 -9.61 -2.16
CA GLY C 46 -2.29 -10.58 -1.45
C GLY C 46 -1.25 -10.00 -0.45
N GLY C 47 -1.55 -8.81 0.06
CA GLY C 47 -0.61 -8.01 0.84
C GLY C 47 0.66 -7.63 0.08
N TYR C 48 1.49 -6.79 0.71
CA TYR C 48 2.83 -6.48 0.21
C TYR C 48 3.69 -7.72 -0.08
N GLU C 49 3.38 -8.87 0.53
CA GLU C 49 4.20 -10.09 0.37
C GLU C 49 3.95 -10.79 -0.97
N THR C 50 2.69 -11.00 -1.37
CA THR C 50 2.38 -11.46 -2.73
C THR C 50 2.80 -10.42 -3.76
N ILE C 51 2.63 -9.13 -3.44
CA ILE C 51 3.12 -8.04 -4.28
C ILE C 51 4.63 -8.15 -4.57
N THR C 52 5.45 -8.42 -3.55
CA THR C 52 6.90 -8.56 -3.73
C THR C 52 7.27 -9.86 -4.44
N ALA C 53 6.55 -10.95 -4.16
CA ALA C 53 6.75 -12.22 -4.84
C ALA C 53 6.32 -12.21 -6.33
N ARG C 54 5.43 -11.29 -6.75
CA ARG C 54 4.80 -11.36 -8.10
C ARG C 54 4.79 -10.07 -8.91
N ARG C 55 5.20 -8.92 -8.35
CA ARG C 55 5.04 -7.57 -8.92
C ARG C 55 3.57 -7.34 -9.31
N GLN C 56 2.73 -7.53 -8.29
CA GLN C 56 1.27 -7.53 -8.46
C GLN C 56 0.67 -6.11 -8.45
N TRP C 57 1.49 -5.03 -8.32
CA TRP C 57 1.03 -3.64 -8.42
C TRP C 57 0.27 -3.34 -9.71
N LYS C 58 0.60 -4.02 -10.81
CA LYS C 58 -0.15 -3.82 -12.06
C LYS C 58 -1.63 -4.16 -11.82
N HIS C 59 -1.88 -5.12 -10.92
CA HIS C 59 -3.23 -5.56 -10.55
C HIS C 59 -3.89 -4.56 -9.57
N ILE C 60 -3.08 -3.95 -8.70
CA ILE C 60 -3.53 -2.88 -7.79
C ILE C 60 -4.04 -1.74 -8.68
N TYR C 61 -3.31 -1.39 -9.76
CA TYR C 61 -3.79 -0.47 -10.81
C TYR C 61 -5.16 -0.90 -11.40
N ASP C 62 -5.40 -2.21 -11.42
CA ASP C 62 -6.71 -2.76 -11.81
C ASP C 62 -7.81 -2.41 -10.79
N GLU C 63 -7.58 -2.66 -9.50
CA GLU C 63 -8.49 -2.21 -8.43
C GLU C 63 -8.61 -0.67 -8.31
N LEU C 64 -7.54 0.11 -8.56
CA LEU C 64 -7.56 1.58 -8.62
C LEU C 64 -8.43 2.09 -9.78
N GLY C 65 -8.19 1.56 -10.97
CA GLY C 65 -8.96 2.07 -12.10
C GLY C 65 -8.17 2.01 -13.39
N GLY C 66 -8.71 2.60 -14.45
CA GLY C 66 -7.96 2.68 -15.71
C GLY C 66 -7.29 4.06 -15.91
N ASN C 67 -6.07 4.08 -16.48
CA ASN C 67 -5.33 5.33 -16.79
C ASN C 67 -4.55 5.16 -18.11
N PRO C 68 -5.12 5.60 -19.26
CA PRO C 68 -4.52 5.46 -20.61
C PRO C 68 -3.04 5.86 -20.74
N GLY C 69 -2.22 4.92 -21.25
CA GLY C 69 -0.81 5.19 -21.51
C GLY C 69 0.15 4.72 -20.42
N SER C 70 -0.36 4.02 -19.41
CA SER C 70 0.51 3.58 -18.32
C SER C 70 0.79 2.07 -18.36
N THR C 71 2.00 1.73 -17.92
CA THR C 71 2.46 0.33 -17.87
C THR C 71 3.23 0.10 -16.56
N SER C 72 3.32 1.16 -15.75
CA SER C 72 4.03 1.09 -14.47
C SER C 72 3.50 2.15 -13.50
N ALA C 73 2.21 2.51 -13.65
CA ALA C 73 1.58 3.52 -12.81
C ALA C 73 1.59 3.12 -11.33
N ALA C 74 1.13 1.90 -11.04
CA ALA C 74 1.08 1.42 -9.67
C ALA C 74 2.45 0.91 -9.22
N THR C 75 3.35 0.71 -10.19
CA THR C 75 4.70 0.25 -9.90
C THR C 75 5.46 1.30 -9.11
N CYS C 76 5.15 2.57 -9.38
CA CYS C 76 5.76 3.70 -8.69
C CYS C 76 5.24 3.77 -7.24
N THR C 77 4.01 3.28 -7.06
CA THR C 77 3.35 3.26 -5.76
C THR C 77 4.09 2.32 -4.77
N ARG C 78 4.77 1.32 -5.33
CA ARG C 78 5.55 0.35 -4.54
C ARG C 78 6.57 1.06 -3.65
N ARG C 79 7.21 2.06 -4.22
CA ARG C 79 8.24 2.87 -3.56
C ARG C 79 7.66 3.83 -2.52
N HIS C 80 6.39 4.24 -2.69
CA HIS C 80 5.63 4.98 -1.69
C HIS C 80 5.18 4.04 -0.55
N TYR C 81 4.55 2.90 -0.87
CA TYR C 81 4.05 1.94 0.12
C TYR C 81 5.13 1.44 1.09
N GLU C 82 6.37 1.24 0.62
CA GLU C 82 7.47 0.72 1.43
C GLU C 82 7.99 1.74 2.46
N ARG C 83 7.47 2.98 2.42
CA ARG C 83 7.69 3.98 3.48
C ARG C 83 6.41 4.56 4.08
N LEU C 84 5.23 4.24 3.52
CA LEU C 84 3.99 4.93 3.88
C LEU C 84 2.97 3.99 4.54
N ILE C 85 3.21 2.68 4.53
CA ILE C 85 2.43 1.73 5.35
C ILE C 85 3.15 0.41 5.63
N LEU C 86 4.14 -0.01 4.84
CA LEU C 86 5.03 -1.12 5.20
C LEU C 86 5.61 -0.99 6.64
N PRO C 87 6.02 0.20 7.13
CA PRO C 87 6.41 0.37 8.54
C PRO C 87 5.25 0.38 9.55
N TYR C 88 3.98 0.55 9.14
CA TYR C 88 2.84 0.64 10.07
C TYR C 88 1.93 -0.60 10.07
N GLU C 89 1.79 -1.34 8.96
CA GLU C 89 1.13 -2.68 8.99
C GLU C 89 1.84 -3.65 9.96
N ARG C 90 3.06 -3.28 10.38
CA ARG C 90 3.78 -3.96 11.46
C ARG C 90 2.95 -4.11 12.76
N PHE C 91 2.08 -3.15 13.12
CA PHE C 91 1.15 -3.33 14.25
C PHE C 91 -0.03 -4.28 13.93
N ILE C 92 -0.45 -4.35 12.66
CA ILE C 92 -1.56 -5.23 12.24
C ILE C 92 -1.08 -6.69 12.22
N LYS C 93 0.14 -6.89 11.71
CA LYS C 93 0.70 -8.23 11.47
C LYS C 93 1.54 -8.75 12.64
N GLY C 94 1.71 -7.92 13.67
CA GLY C 94 2.47 -8.28 14.88
C GLY C 94 1.64 -8.21 16.17
N GLU C 95 0.49 -7.53 16.19
CA GLU C 95 -0.34 -7.32 17.39
C GLU C 95 -1.86 -7.37 17.13
N GLU C 96 -2.29 -8.02 16.03
CA GLU C 96 -3.73 -8.25 15.73
C GLU C 96 -4.00 -9.52 14.88
N ASP C 97 -3.29 -9.70 13.78
CA ASP C 97 -3.50 -10.86 12.92
C ASP C 97 -2.52 -10.88 11.75
N LYS C 98 -2.11 -12.09 11.35
CA LYS C 98 -1.19 -12.25 10.24
C LYS C 98 -1.86 -13.04 9.11
N PRO C 99 -2.57 -12.35 8.20
CA PRO C 99 -3.24 -12.99 7.07
C PRO C 99 -2.33 -13.16 5.87
N LEU C 100 -1.09 -12.71 6.02
CA LEU C 100 -0.09 -12.80 4.95
C LEU C 100 1.08 -13.68 5.36
N PRO C 101 1.08 -14.96 4.92
CA PRO C 101 2.14 -15.91 5.26
C PRO C 101 3.39 -15.72 4.40
N PRO C 102 4.55 -16.18 4.87
CA PRO C 102 5.83 -16.05 4.15
C PRO C 102 5.94 -16.98 2.93
N ILE C 103 4.95 -17.83 2.72
CA ILE C 103 4.98 -18.75 1.59
C ILE C 103 4.43 -18.10 0.32
N LYS C 104 5.35 -17.76 -0.59
CA LYS C 104 5.00 -17.15 -1.86
C LYS C 104 6.18 -17.14 -2.82
N PRO C 105 6.43 -18.26 -3.52
CA PRO C 105 7.52 -18.37 -4.48
C PRO C 105 7.20 -17.62 -5.78
N ARG C 106 6.12 -18.05 -6.44
CA ARG C 106 5.68 -17.43 -7.67
C ARG C 106 4.22 -17.82 -7.98
N LYS C 107 4.00 -18.48 -9.12
CA LYS C 107 2.65 -18.90 -9.51
C LYS C 107 2.19 -20.10 -8.68
N ARG C 1 -13.98 2.61 5.88
CA ARG C 1 -13.60 3.98 5.46
C ARG C 1 -13.08 4.84 6.61
N ALA C 2 -13.93 5.09 7.62
CA ALA C 2 -13.62 6.08 8.66
C ALA C 2 -12.43 5.71 9.54
N ASP C 3 -12.25 4.42 9.85
CA ASP C 3 -11.12 3.94 10.65
C ASP C 3 -9.79 3.96 9.88
N GLU C 4 -9.82 3.76 8.55
CA GLU C 4 -8.61 3.88 7.72
C GLU C 4 -8.19 5.35 7.69
N GLN C 5 -9.15 6.26 7.47
CA GLN C 5 -8.85 7.70 7.53
C GLN C 5 -8.33 8.14 8.90
N ALA C 6 -8.96 7.71 10.00
CA ALA C 6 -8.46 7.96 11.36
C ALA C 6 -7.02 7.45 11.56
N PHE C 7 -6.74 6.19 11.18
CA PHE C 7 -5.40 5.64 11.33
C PHE C 7 -4.39 6.16 10.29
N LEU C 8 -4.85 6.82 9.20
CA LEU C 8 -3.88 7.48 8.32
C LEU C 8 -3.69 8.96 8.70
N VAL C 9 -4.59 9.55 9.51
CA VAL C 9 -4.34 10.85 10.15
C VAL C 9 -3.35 10.67 11.31
N ALA C 10 -3.47 9.56 12.05
CA ALA C 10 -2.46 9.17 13.03
C ALA C 10 -1.09 8.88 12.38
N LEU C 11 -1.06 8.13 11.25
CA LEU C 11 0.17 8.02 10.46
C LEU C 11 0.64 9.38 9.95
N TYR C 12 -0.23 10.25 9.43
CA TYR C 12 0.18 11.58 8.96
C TYR C 12 0.95 12.35 10.02
N LYS C 13 0.46 12.35 11.27
CA LYS C 13 1.21 12.93 12.39
C LYS C 13 2.56 12.21 12.60
N TYR C 14 2.57 10.88 12.78
CA TYR C 14 3.84 10.16 12.94
C TYR C 14 4.84 10.33 11.79
N MET C 15 4.39 10.33 10.52
CA MET C 15 5.27 10.46 9.37
C MET C 15 5.75 11.89 9.16
N LYS C 16 4.96 12.91 9.53
CA LYS C 16 5.43 14.30 9.61
C LYS C 16 6.52 14.46 10.69
N GLU C 17 6.37 13.76 11.81
CA GLU C 17 7.44 13.63 12.83
C GLU C 17 8.62 12.73 12.39
N ARG C 18 8.56 12.16 11.17
CA ARG C 18 9.66 11.38 10.57
C ARG C 18 10.18 12.00 9.26
N LYS C 19 9.93 13.31 9.05
CA LYS C 19 10.40 14.13 7.91
C LYS C 19 9.85 13.63 6.57
N THR C 20 8.73 12.90 6.63
CA THR C 20 8.11 12.28 5.47
C THR C 20 6.59 12.48 5.47
N PRO C 21 6.07 13.73 5.56
CA PRO C 21 4.63 13.99 5.60
C PRO C 21 3.91 13.62 4.29
N ILE C 22 2.59 13.43 4.34
CA ILE C 22 1.76 13.31 3.12
C ILE C 22 1.86 14.60 2.24
N GLU C 23 2.23 15.70 2.88
CA GLU C 23 2.63 16.94 2.18
C GLU C 23 3.75 16.78 1.12
N ARG C 24 4.48 15.64 1.07
CA ARG C 24 5.43 15.28 -0.01
C ARG C 24 5.00 14.06 -0.86
N ILE C 25 3.74 13.64 -0.73
CA ILE C 25 3.12 12.48 -1.40
C ILE C 25 1.80 12.94 -2.06
N PRO C 26 1.95 13.75 -3.12
CA PRO C 26 0.82 14.44 -3.74
C PRO C 26 -0.26 13.64 -4.42
N TYR C 27 0.05 12.55 -5.10
CA TYR C 27 -1.01 11.85 -5.83
C TYR C 27 -0.65 10.46 -6.31
N LEU C 28 -1.68 9.80 -6.86
CA LEU C 28 -1.60 8.47 -7.48
C LEU C 28 -1.21 8.70 -8.94
N GLY C 29 -0.74 7.68 -9.64
CA GLY C 29 -0.31 7.86 -11.02
C GLY C 29 -1.27 8.68 -11.88
N PHE C 30 -2.53 8.30 -11.93
CA PHE C 30 -3.52 9.06 -12.70
C PHE C 30 -4.45 9.92 -11.83
N LYS C 31 -4.63 9.51 -10.57
CA LYS C 31 -5.56 10.19 -9.65
C LYS C 31 -4.91 10.58 -8.32
N GLN C 32 -5.75 10.99 -7.35
CA GLN C 32 -5.29 11.34 -5.99
C GLN C 32 -4.78 10.10 -5.24
N ILE C 33 -4.11 10.29 -4.10
CA ILE C 33 -3.54 9.19 -3.32
C ILE C 33 -4.57 8.13 -2.87
N ASN C 34 -5.67 8.56 -2.22
CA ASN C 34 -6.72 7.64 -1.70
C ASN C 34 -6.12 6.35 -1.12
N LEU C 35 -5.60 6.44 0.11
CA LEU C 35 -4.93 5.31 0.78
C LEU C 35 -5.82 4.09 1.03
N TRP C 36 -6.94 4.29 1.75
CA TRP C 36 -7.84 3.19 2.10
C TRP C 36 -8.20 2.29 0.89
N THR C 37 -8.31 2.88 -0.30
CA THR C 37 -8.64 2.18 -1.56
C THR C 37 -7.45 1.36 -2.09
N MET C 38 -6.25 1.94 -2.21
CA MET C 38 -5.08 1.13 -2.60
C MET C 38 -4.74 0.03 -1.57
N PHE C 39 -5.05 0.28 -0.29
CA PHE C 39 -4.95 -0.72 0.76
C PHE C 39 -5.92 -1.90 0.53
N GLN C 40 -7.24 -1.67 0.48
CA GLN C 40 -8.18 -2.78 0.26
C GLN C 40 -7.98 -3.47 -1.11
N ALA C 41 -7.49 -2.74 -2.12
CA ALA C 41 -7.05 -3.32 -3.39
C ALA C 41 -5.85 -4.28 -3.19
N ALA C 42 -4.78 -3.83 -2.53
CA ALA C 42 -3.64 -4.68 -2.21
C ALA C 42 -4.05 -5.91 -1.37
N GLN C 43 -4.98 -5.76 -0.44
CA GLN C 43 -5.46 -6.88 0.39
C GLN C 43 -6.28 -7.90 -0.41
N LYS C 44 -6.89 -7.47 -1.54
CA LYS C 44 -7.54 -8.40 -2.48
C LYS C 44 -6.50 -9.08 -3.37
N LEU C 45 -5.56 -8.29 -3.91
CA LEU C 45 -4.43 -8.82 -4.67
C LEU C 45 -3.33 -9.52 -3.80
N GLY C 46 -3.62 -9.84 -2.52
CA GLY C 46 -2.75 -10.75 -1.72
C GLY C 46 -1.81 -10.11 -0.68
N GLY C 47 -2.20 -8.92 -0.21
CA GLY C 47 -1.35 -8.07 0.62
C GLY C 47 -0.06 -7.63 -0.07
N TYR C 48 0.68 -6.74 0.61
CA TYR C 48 2.04 -6.36 0.18
C TYR C 48 2.98 -7.57 -0.03
N GLU C 49 2.69 -8.73 0.58
CA GLU C 49 3.57 -9.90 0.50
C GLU C 49 3.45 -10.63 -0.84
N THR C 50 2.24 -10.92 -1.32
CA THR C 50 2.03 -11.42 -2.69
C THR C 50 2.46 -10.36 -3.71
N ILE C 51 2.21 -9.08 -3.41
CA ILE C 51 2.70 -7.97 -4.25
C ILE C 51 4.23 -8.01 -4.43
N THR C 52 4.99 -8.23 -3.35
CA THR C 52 6.46 -8.29 -3.43
C THR C 52 6.95 -9.58 -4.09
N ALA C 53 6.26 -10.71 -3.85
CA ALA C 53 6.57 -11.98 -4.50
C ALA C 53 6.24 -12.00 -6.01
N ARG C 54 5.33 -11.14 -6.50
CA ARG C 54 4.80 -11.27 -7.88
C ARG C 54 4.78 -9.98 -8.72
N ARG C 55 5.10 -8.81 -8.15
CA ARG C 55 4.90 -7.47 -8.77
C ARG C 55 3.46 -7.32 -9.25
N GLN C 56 2.56 -7.54 -8.27
CA GLN C 56 1.12 -7.62 -8.54
C GLN C 56 0.45 -6.22 -8.60
N TRP C 57 1.19 -5.12 -8.43
CA TRP C 57 0.68 -3.75 -8.59
C TRP C 57 -0.01 -3.51 -9.94
N LYS C 58 0.40 -4.19 -10.98
CA LYS C 58 -0.28 -4.04 -12.27
C LYS C 58 -1.74 -4.52 -12.14
N HIS C 59 -1.98 -5.45 -11.20
CA HIS C 59 -3.33 -5.97 -10.92
C HIS C 59 -4.14 -4.99 -10.07
N ILE C 60 -3.47 -4.27 -9.15
CA ILE C 60 -4.11 -3.19 -8.37
C ILE C 60 -4.55 -2.13 -9.37
N TYR C 61 -3.73 -1.77 -10.36
CA TYR C 61 -4.12 -0.95 -11.51
C TYR C 61 -5.37 -1.50 -12.24
N ASP C 62 -5.53 -2.82 -12.23
CA ASP C 62 -6.75 -3.47 -12.75
C ASP C 62 -7.98 -3.15 -11.90
N GLU C 63 -7.90 -3.33 -10.58
CA GLU C 63 -8.96 -2.90 -9.65
C GLU C 63 -9.20 -1.36 -9.63
N LEU C 64 -8.15 -0.53 -9.78
CA LEU C 64 -8.27 0.93 -9.92
C LEU C 64 -9.01 1.33 -11.21
N GLY C 65 -8.57 0.81 -12.31
CA GLY C 65 -9.20 1.23 -13.54
C GLY C 65 -8.20 1.23 -14.67
N GLY C 66 -8.53 1.77 -15.82
CA GLY C 66 -7.55 1.88 -16.87
C GLY C 66 -6.98 3.29 -17.00
N ASN C 67 -5.67 3.42 -17.28
CA ASN C 67 -5.01 4.74 -17.50
C ASN C 67 -4.30 4.70 -18.87
N PRO C 68 -4.97 5.22 -19.93
CA PRO C 68 -4.44 5.21 -21.32
C PRO C 68 -3.03 5.81 -21.50
N GLY C 69 -2.15 5.02 -22.16
CA GLY C 69 -0.79 5.47 -22.46
C GLY C 69 0.27 4.95 -21.50
N SER C 70 -0.15 4.30 -20.42
CA SER C 70 0.80 3.79 -19.44
C SER C 70 0.69 2.26 -19.28
N THR C 71 1.82 1.58 -19.38
CA THR C 71 1.87 0.13 -19.20
C THR C 71 2.42 -0.17 -17.81
N SER C 72 2.88 0.89 -17.14
CA SER C 72 3.45 0.78 -15.79
C SER C 72 3.21 2.07 -15.00
N ALA C 73 2.07 2.15 -14.33
CA ALA C 73 1.72 3.32 -13.54
C ALA C 73 1.45 2.95 -12.09
N ALA C 74 1.35 1.65 -11.83
CA ALA C 74 1.09 1.16 -10.49
C ALA C 74 2.38 0.97 -9.69
N THR C 75 3.52 0.99 -10.40
CA THR C 75 4.82 0.84 -9.75
C THR C 75 5.11 2.05 -8.88
N CYS C 76 4.54 3.19 -9.27
CA CYS C 76 4.69 4.43 -8.53
C CYS C 76 3.92 4.38 -7.21
N THR C 77 2.82 3.62 -7.19
CA THR C 77 1.98 3.47 -6.00
C THR C 77 2.69 2.63 -4.94
N ARG C 78 3.56 1.72 -5.39
CA ARG C 78 4.33 0.84 -4.51
C ARG C 78 5.23 1.64 -3.57
N ARG C 79 5.81 2.71 -4.12
CA ARG C 79 6.71 3.58 -3.40
C ARG C 79 6.00 4.48 -2.37
N HIS C 80 4.72 4.75 -2.59
CA HIS C 80 3.85 5.41 -1.61
C HIS C 80 3.44 4.41 -0.51
N TYR C 81 2.93 3.23 -0.87
CA TYR C 81 2.48 2.21 0.09
C TYR C 81 3.56 1.81 1.10
N GLU C 82 4.84 1.72 0.67
CA GLU C 82 5.95 1.30 1.53
C GLU C 82 6.31 2.34 2.60
N ARG C 83 5.68 3.53 2.55
CA ARG C 83 5.77 4.53 3.62
C ARG C 83 4.42 4.98 4.18
N LEU C 84 3.30 4.56 3.57
CA LEU C 84 1.98 5.12 3.87
C LEU C 84 1.03 4.07 4.48
N ILE C 85 1.40 2.79 4.46
CA ILE C 85 0.67 1.76 5.24
C ILE C 85 1.50 0.52 5.53
N LEU C 86 2.56 0.21 4.77
CA LEU C 86 3.53 -0.83 5.16
C LEU C 86 4.03 -0.68 6.63
N PRO C 87 4.31 0.54 7.16
CA PRO C 87 4.63 0.73 8.58
C PRO C 87 3.43 0.61 9.54
N TYR C 88 2.17 0.67 9.07
CA TYR C 88 0.99 0.63 9.96
C TYR C 88 0.20 -0.68 9.89
N GLU C 89 0.17 -1.42 8.78
CA GLU C 89 -0.36 -2.81 8.75
C GLU C 89 0.40 -3.73 9.75
N ARG C 90 1.55 -3.25 10.22
CA ARG C 90 2.29 -3.88 11.34
C ARG C 90 1.43 -4.12 12.58
N PHE C 91 0.46 -3.26 12.92
CA PHE C 91 -0.50 -3.55 14.01
C PHE C 91 -1.56 -4.59 13.62
N ILE C 92 -1.92 -4.68 12.33
CA ILE C 92 -2.93 -5.67 11.86
C ILE C 92 -2.30 -7.07 11.84
N LYS C 93 -1.05 -7.14 11.38
CA LYS C 93 -0.36 -8.41 11.15
C LYS C 93 0.47 -8.88 12.35
N GLY C 94 0.52 -8.05 13.39
CA GLY C 94 1.25 -8.36 14.63
C GLY C 94 0.37 -8.40 15.88
N GLU C 95 -0.84 -7.81 15.86
CA GLU C 95 -1.74 -7.72 17.02
C GLU C 95 -3.23 -7.90 16.70
N GLU C 96 -3.56 -8.56 15.58
CA GLU C 96 -4.94 -8.93 15.21
C GLU C 96 -5.06 -10.20 14.34
N ASP C 97 -4.28 -10.29 13.26
CA ASP C 97 -4.35 -11.45 12.35
C ASP C 97 -3.40 -11.30 11.17
N LYS C 98 -2.88 -12.42 10.69
CA LYS C 98 -1.96 -12.41 9.55
C LYS C 98 -2.71 -12.78 8.27
N PRO C 99 -2.79 -11.84 7.30
CA PRO C 99 -3.48 -12.05 6.03
C PRO C 99 -2.69 -12.91 5.04
N LEU C 100 -1.38 -13.01 5.24
CA LEU C 100 -0.51 -13.80 4.36
C LEU C 100 0.84 -14.04 5.03
N PRO C 101 1.32 -15.31 5.06
CA PRO C 101 2.61 -15.65 5.66
C PRO C 101 3.80 -15.19 4.81
N PRO C 102 4.98 -14.98 5.44
CA PRO C 102 6.19 -14.51 4.75
C PRO C 102 6.84 -15.54 3.82
N ILE C 103 6.23 -16.72 3.68
CA ILE C 103 6.77 -17.75 2.79
C ILE C 103 6.37 -17.50 1.33
N LYS C 104 7.21 -16.77 0.61
CA LYS C 104 6.97 -16.45 -0.79
C LYS C 104 8.14 -15.67 -1.39
N PRO C 105 9.10 -16.38 -2.02
CA PRO C 105 10.27 -15.76 -2.64
C PRO C 105 9.91 -15.06 -3.95
N ARG C 106 9.16 -15.76 -4.80
CA ARG C 106 8.73 -15.23 -6.09
C ARG C 106 7.54 -16.04 -6.60
N LYS C 107 7.48 -16.26 -7.91
CA LYS C 107 6.40 -17.03 -8.52
C LYS C 107 6.71 -18.52 -8.53
N ARG C 1 -13.73 2.93 5.42
CA ARG C 1 -13.33 4.28 4.95
C ARG C 1 -12.84 5.19 6.08
N ALA C 2 -13.71 5.49 7.05
CA ALA C 2 -13.45 6.52 8.05
C ALA C 2 -12.27 6.18 8.98
N ASP C 3 -12.11 4.91 9.35
CA ASP C 3 -11.00 4.47 10.20
C ASP C 3 -9.66 4.45 9.47
N GLU C 4 -9.64 4.18 8.16
CA GLU C 4 -8.41 4.28 7.36
C GLU C 4 -7.98 5.74 7.27
N GLN C 5 -8.93 6.64 6.98
CA GLN C 5 -8.63 8.08 6.98
C GLN C 5 -8.14 8.57 8.36
N ALA C 6 -8.81 8.19 9.45
CA ALA C 6 -8.35 8.51 10.81
C ALA C 6 -6.93 8.00 11.07
N PHE C 7 -6.63 6.72 10.76
CA PHE C 7 -5.29 6.18 10.96
C PHE C 7 -4.26 6.66 9.94
N LEU C 8 -4.67 7.27 8.81
CA LEU C 8 -3.68 7.89 7.93
C LEU C 8 -3.50 9.38 8.25
N VAL C 9 -4.43 10.01 9.00
CA VAL C 9 -4.19 11.34 9.59
C VAL C 9 -3.23 11.20 10.79
N ALA C 10 -3.37 10.13 11.57
CA ALA C 10 -2.39 9.77 12.60
C ALA C 10 -1.01 9.46 11.98
N LEU C 11 -0.95 8.66 10.90
CA LEU C 11 0.30 8.50 10.15
C LEU C 11 0.79 9.84 9.59
N TYR C 12 -0.06 10.69 9.02
CA TYR C 12 0.36 12.00 8.49
C TYR C 12 1.10 12.82 9.55
N LYS C 13 0.58 12.89 10.77
CA LYS C 13 1.31 13.50 11.90
C LYS C 13 2.64 12.78 12.17
N TYR C 14 2.63 11.47 12.42
CA TYR C 14 3.91 10.76 12.64
C TYR C 14 4.94 10.88 11.51
N MET C 15 4.53 10.81 10.24
CA MET C 15 5.44 10.88 9.09
C MET C 15 5.93 12.31 8.84
N LYS C 16 5.13 13.35 9.14
CA LYS C 16 5.61 14.74 9.17
C LYS C 16 6.67 14.94 10.28
N GLU C 17 6.47 14.29 11.42
CA GLU C 17 7.52 14.22 12.48
C GLU C 17 8.70 13.29 12.11
N ARG C 18 8.68 12.67 10.91
CA ARG C 18 9.80 11.86 10.39
C ARG C 18 10.36 12.42 9.06
N LYS C 19 10.12 13.71 8.78
CA LYS C 19 10.62 14.48 7.61
C LYS C 19 10.10 13.93 6.28
N THR C 20 8.98 13.20 6.35
CA THR C 20 8.39 12.53 5.20
C THR C 20 6.87 12.74 5.16
N PRO C 21 6.36 13.98 5.17
CA PRO C 21 4.91 14.26 5.16
C PRO C 21 4.23 13.83 3.85
N ILE C 22 2.91 13.65 3.87
CA ILE C 22 2.11 13.47 2.62
C ILE C 22 2.24 14.71 1.70
N GLU C 23 2.61 15.85 2.30
CA GLU C 23 3.02 17.06 1.56
C GLU C 23 4.18 16.84 0.53
N ARG C 24 4.91 15.71 0.56
CA ARG C 24 5.89 15.30 -0.47
C ARG C 24 5.47 14.04 -1.28
N ILE C 25 4.21 13.63 -1.17
CA ILE C 25 3.60 12.43 -1.79
C ILE C 25 2.30 12.87 -2.52
N PRO C 26 2.41 13.69 -3.59
CA PRO C 26 1.23 14.31 -4.25
C PRO C 26 0.20 13.43 -4.97
N TYR C 27 0.58 12.32 -5.59
CA TYR C 27 -0.43 11.58 -6.35
C TYR C 27 -0.33 10.05 -6.27
N LEU C 28 -1.14 9.46 -7.16
CA LEU C 28 -1.23 8.02 -7.42
C LEU C 28 -0.97 7.91 -8.92
N GLY C 29 -0.65 6.72 -9.43
CA GLY C 29 -0.33 6.60 -10.84
C GLY C 29 -1.32 7.31 -11.77
N PHE C 30 -2.61 7.03 -11.66
CA PHE C 30 -3.57 7.70 -12.54
C PHE C 30 -4.34 8.84 -11.83
N LYS C 31 -4.71 8.63 -10.56
CA LYS C 31 -5.52 9.59 -9.80
C LYS C 31 -4.78 10.08 -8.54
N GLN C 32 -5.54 10.73 -7.63
CA GLN C 32 -5.03 11.25 -6.36
C GLN C 32 -4.49 10.10 -5.49
N ILE C 33 -3.80 10.42 -4.37
CA ILE C 33 -3.16 9.39 -3.53
C ILE C 33 -4.10 8.28 -3.09
N ASN C 34 -5.26 8.64 -2.50
CA ASN C 34 -6.26 7.68 -2.02
C ASN C 34 -5.61 6.41 -1.44
N LEU C 35 -5.17 6.53 -0.20
CA LEU C 35 -4.48 5.45 0.51
C LEU C 35 -5.36 4.23 0.78
N TRP C 36 -6.51 4.44 1.44
CA TRP C 36 -7.42 3.35 1.78
C TRP C 36 -7.81 2.49 0.55
N THR C 37 -7.88 3.12 -0.62
CA THR C 37 -8.24 2.43 -1.88
C THR C 37 -7.11 1.56 -2.41
N MET C 38 -5.87 2.05 -2.53
CA MET C 38 -4.75 1.18 -2.92
C MET C 38 -4.48 0.07 -1.90
N PHE C 39 -4.77 0.34 -0.61
CA PHE C 39 -4.73 -0.68 0.43
C PHE C 39 -5.76 -1.79 0.21
N GLN C 40 -7.07 -1.48 0.16
CA GLN C 40 -8.06 -2.54 -0.05
C GLN C 40 -7.91 -3.24 -1.42
N ALA C 41 -7.38 -2.55 -2.43
CA ALA C 41 -6.99 -3.16 -3.70
C ALA C 41 -5.84 -4.17 -3.51
N ALA C 42 -4.74 -3.79 -2.85
CA ALA C 42 -3.66 -4.71 -2.53
C ALA C 42 -4.13 -5.91 -1.70
N GLN C 43 -5.06 -5.70 -0.76
CA GLN C 43 -5.60 -6.79 0.07
C GLN C 43 -6.48 -7.77 -0.73
N LYS C 44 -7.06 -7.30 -1.85
CA LYS C 44 -7.76 -8.18 -2.80
C LYS C 44 -6.77 -8.93 -3.69
N LEU C 45 -5.80 -8.20 -4.23
CA LEU C 45 -4.69 -8.79 -4.99
C LEU C 45 -3.64 -9.56 -4.12
N GLY C 46 -3.93 -9.85 -2.84
CA GLY C 46 -3.12 -10.82 -2.05
C GLY C 46 -2.14 -10.23 -1.01
N GLY C 47 -2.46 -9.02 -0.53
CA GLY C 47 -1.56 -8.22 0.29
C GLY C 47 -0.25 -7.86 -0.39
N TYR C 48 0.54 -7.01 0.27
CA TYR C 48 1.92 -6.72 -0.15
C TYR C 48 2.79 -7.98 -0.36
N GLU C 49 2.43 -9.12 0.25
CA GLU C 49 3.25 -10.33 0.16
C GLU C 49 3.08 -11.06 -1.18
N THR C 50 1.85 -11.27 -1.66
CA THR C 50 1.61 -11.76 -3.03
C THR C 50 2.10 -10.73 -4.04
N ILE C 51 1.93 -9.44 -3.76
CA ILE C 51 2.48 -8.36 -4.59
C ILE C 51 4.00 -8.49 -4.77
N THR C 52 4.74 -8.75 -3.70
CA THR C 52 6.21 -8.90 -3.79
C THR C 52 6.62 -10.23 -4.44
N ALA C 53 5.87 -11.30 -4.19
CA ALA C 53 6.10 -12.59 -4.84
C ALA C 53 5.77 -12.60 -6.36
N ARG C 54 4.92 -11.68 -6.84
CA ARG C 54 4.37 -11.77 -8.22
C ARG C 54 4.42 -10.49 -9.06
N ARG C 55 4.81 -9.34 -8.49
CA ARG C 55 4.69 -7.99 -9.10
C ARG C 55 3.26 -7.76 -9.59
N GLN C 56 2.35 -7.93 -8.62
CA GLN C 56 0.91 -7.92 -8.87
C GLN C 56 0.32 -6.48 -8.93
N TRP C 57 1.13 -5.42 -8.77
CA TRP C 57 0.70 -4.03 -8.93
C TRP C 57 0.02 -3.75 -10.26
N LYS C 58 0.36 -4.50 -11.31
CA LYS C 58 -0.31 -4.34 -12.59
C LYS C 58 -1.82 -4.60 -12.43
N HIS C 59 -2.15 -5.58 -11.58
CA HIS C 59 -3.54 -5.94 -11.30
C HIS C 59 -4.20 -4.91 -10.37
N ILE C 60 -3.41 -4.30 -9.50
CA ILE C 60 -3.88 -3.19 -8.65
C ILE C 60 -4.23 -2.03 -9.58
N TYR C 61 -3.42 -1.73 -10.59
CA TYR C 61 -3.75 -0.80 -11.68
C TYR C 61 -5.08 -1.17 -12.38
N ASP C 62 -5.40 -2.47 -12.42
CA ASP C 62 -6.70 -2.94 -12.91
C ASP C 62 -7.86 -2.52 -11.99
N GLU C 63 -7.74 -2.77 -10.68
CA GLU C 63 -8.71 -2.27 -9.70
C GLU C 63 -8.76 -0.72 -9.60
N LEU C 64 -7.64 -0.01 -9.76
CA LEU C 64 -7.58 1.46 -9.83
C LEU C 64 -8.32 2.01 -11.07
N GLY C 65 -8.01 1.46 -12.25
CA GLY C 65 -8.66 1.99 -13.45
C GLY C 65 -7.80 1.84 -14.72
N GLY C 66 -8.21 2.49 -15.82
CA GLY C 66 -7.39 2.51 -17.04
C GLY C 66 -6.60 3.84 -17.15
N ASN C 67 -5.34 3.82 -17.63
CA ASN C 67 -4.52 5.04 -17.78
C ASN C 67 -3.66 4.99 -19.07
N PRO C 68 -4.04 5.74 -20.12
CA PRO C 68 -3.34 5.75 -21.42
C PRO C 68 -1.81 5.97 -21.38
N GLY C 69 -1.08 5.01 -22.00
CA GLY C 69 0.37 5.09 -22.11
C GLY C 69 1.17 4.60 -20.92
N SER C 70 0.52 4.00 -19.93
CA SER C 70 1.25 3.55 -18.74
C SER C 70 1.18 2.04 -18.52
N THR C 71 2.35 1.43 -18.29
CA THR C 71 2.44 0.01 -18.01
C THR C 71 3.31 -0.24 -16.77
N SER C 72 3.32 0.74 -15.87
CA SER C 72 4.11 0.66 -14.62
C SER C 72 3.66 1.71 -13.61
N ALA C 73 2.43 2.22 -13.80
CA ALA C 73 1.86 3.25 -12.93
C ALA C 73 1.75 2.79 -11.47
N ALA C 74 1.33 1.55 -11.27
CA ALA C 74 1.17 1.01 -9.93
C ALA C 74 2.49 0.48 -9.35
N THR C 75 3.48 0.31 -10.22
CA THR C 75 4.80 -0.17 -9.80
C THR C 75 5.51 0.89 -8.96
N CYS C 76 5.32 2.15 -9.35
CA CYS C 76 5.90 3.28 -8.62
C CYS C 76 5.21 3.43 -7.26
N THR C 77 3.95 3.02 -7.22
CA THR C 77 3.12 3.09 -6.00
C THR C 77 3.67 2.15 -4.91
N ARG C 78 4.36 1.09 -5.32
CA ARG C 78 4.95 0.12 -4.39
C ARG C 78 5.93 0.81 -3.42
N ARG C 79 6.68 1.75 -3.96
CA ARG C 79 7.67 2.52 -3.21
C ARG C 79 7.03 3.53 -2.25
N HIS C 80 5.81 3.99 -2.55
CA HIS C 80 4.98 4.79 -1.64
C HIS C 80 4.37 3.89 -0.55
N TYR C 81 3.73 2.77 -0.91
CA TYR C 81 3.07 1.85 0.03
C TYR C 81 4.03 1.33 1.12
N GLU C 82 5.30 1.06 0.78
CA GLU C 82 6.29 0.51 1.71
C GLU C 82 6.73 1.52 2.77
N ARG C 83 6.28 2.78 2.66
CA ARG C 83 6.45 3.78 3.73
C ARG C 83 5.14 4.43 4.19
N LEU C 84 4.01 4.16 3.51
CA LEU C 84 2.77 4.91 3.73
C LEU C 84 1.64 4.03 4.29
N ILE C 85 1.83 2.70 4.32
CA ILE C 85 0.92 1.81 5.07
C ILE C 85 1.54 0.47 5.44
N LEU C 86 2.59 -0.01 4.75
CA LEU C 86 3.38 -1.15 5.22
C LEU C 86 3.81 -1.03 6.72
N PRO C 87 4.24 0.15 7.24
CA PRO C 87 4.48 0.32 8.67
C PRO C 87 3.22 0.41 9.56
N TYR C 88 2.02 0.64 9.01
CA TYR C 88 0.80 0.79 9.82
C TYR C 88 -0.17 -0.40 9.73
N GLU C 89 -0.24 -1.17 8.63
CA GLU C 89 -0.95 -2.46 8.60
C GLU C 89 -0.40 -3.44 9.66
N ARG C 90 0.79 -3.12 10.20
CA ARG C 90 1.36 -3.82 11.36
C ARG C 90 0.40 -3.91 12.56
N PHE C 91 -0.46 -2.90 12.82
CA PHE C 91 -1.51 -3.03 13.85
C PHE C 91 -2.69 -3.93 13.42
N ILE C 92 -2.98 -4.00 12.12
CA ILE C 92 -4.08 -4.85 11.60
C ILE C 92 -3.66 -6.32 11.64
N LYS C 93 -2.41 -6.58 11.27
CA LYS C 93 -1.89 -7.94 11.11
C LYS C 93 -1.20 -8.49 12.37
N GLY C 94 -1.11 -7.65 13.39
CA GLY C 94 -0.50 -8.01 14.68
C GLY C 94 -1.45 -7.89 15.88
N GLU C 95 -2.55 -7.15 15.76
CA GLU C 95 -3.50 -6.89 16.86
C GLU C 95 -4.99 -6.87 16.45
N GLU C 96 -5.33 -7.52 15.32
CA GLU C 96 -6.73 -7.70 14.88
C GLU C 96 -6.98 -8.96 14.03
N ASP C 97 -6.16 -9.18 13.02
CA ASP C 97 -6.32 -10.34 12.15
C ASP C 97 -4.99 -10.69 11.49
N LYS C 98 -4.98 -11.78 10.75
CA LYS C 98 -3.77 -12.23 10.08
C LYS C 98 -4.13 -13.11 8.89
N PRO C 99 -4.54 -12.49 7.76
CA PRO C 99 -4.93 -13.20 6.55
C PRO C 99 -3.73 -13.56 5.66
N LEU C 100 -2.55 -13.06 6.05
CA LEU C 100 -1.34 -13.31 5.28
C LEU C 100 -0.33 -14.09 6.12
N PRO C 101 -0.02 -15.34 5.71
CA PRO C 101 0.94 -16.19 6.42
C PRO C 101 2.39 -15.76 6.17
N PRO C 102 3.31 -16.10 7.10
CA PRO C 102 4.73 -15.74 6.97
C PRO C 102 5.45 -16.49 5.85
N ILE C 103 4.79 -17.50 5.29
CA ILE C 103 5.40 -18.29 4.22
C ILE C 103 4.88 -17.86 2.84
N LYS C 104 5.59 -16.90 2.23
CA LYS C 104 5.23 -16.41 0.91
C LYS C 104 6.34 -15.53 0.32
N PRO C 105 7.52 -16.12 0.01
CA PRO C 105 8.63 -15.39 -0.58
C PRO C 105 8.45 -15.18 -2.08
N ARG C 106 8.22 -16.27 -2.80
CA ARG C 106 8.01 -16.24 -4.23
C ARG C 106 7.24 -17.48 -4.68
N LYS C 107 6.77 -17.48 -5.93
CA LYS C 107 6.03 -18.60 -6.47
C LYS C 107 6.06 -18.58 -8.01
N ARG C 1 -12.01 2.11 7.17
CA ARG C 1 -11.62 3.49 6.79
C ARG C 1 -11.00 4.28 7.95
N ALA C 2 -11.77 4.49 9.02
CA ALA C 2 -11.37 5.42 10.08
C ALA C 2 -10.13 4.97 10.87
N ASP C 3 -9.97 3.66 11.10
CA ASP C 3 -8.81 3.11 11.79
C ASP C 3 -7.53 3.13 10.93
N GLU C 4 -7.65 3.00 9.61
CA GLU C 4 -6.50 3.14 8.71
C GLU C 4 -6.03 4.60 8.72
N GLN C 5 -6.98 5.54 8.61
CA GLN C 5 -6.64 6.96 8.72
C GLN C 5 -6.01 7.31 10.07
N ALA C 6 -6.58 6.84 11.20
CA ALA C 6 -5.99 7.02 12.52
C ALA C 6 -4.55 6.45 12.60
N PHE C 7 -4.34 5.21 12.14
CA PHE C 7 -3.00 4.62 12.16
C PHE C 7 -2.05 5.17 11.09
N LEU C 8 -2.55 5.89 10.08
CA LEU C 8 -1.63 6.58 9.16
C LEU C 8 -1.37 8.03 9.61
N VAL C 9 -2.20 8.59 10.49
CA VAL C 9 -1.86 9.85 11.18
C VAL C 9 -0.80 9.58 12.26
N ALA C 10 -0.91 8.44 12.95
CA ALA C 10 0.15 7.97 13.84
C ALA C 10 1.46 7.67 13.08
N LEU C 11 1.39 6.99 11.92
CA LEU C 11 2.57 6.89 11.05
C LEU C 11 3.05 8.26 10.57
N TYR C 12 2.17 9.18 10.17
CA TYR C 12 2.58 10.52 9.72
C TYR C 12 3.44 11.22 10.77
N LYS C 13 3.05 11.17 12.05
CA LYS C 13 3.90 11.66 13.14
C LYS C 13 5.21 10.89 13.22
N TYR C 14 5.20 9.56 13.35
CA TYR C 14 6.46 8.80 13.37
C TYR C 14 7.39 9.01 12.17
N MET C 15 6.86 9.07 10.95
CA MET C 15 7.66 9.24 9.73
C MET C 15 8.17 10.68 9.57
N LYS C 16 7.42 11.69 10.04
CA LYS C 16 7.95 13.06 10.16
C LYS C 16 9.11 13.14 11.16
N GLU C 17 9.01 12.38 12.26
CA GLU C 17 10.13 12.18 13.20
C GLU C 17 11.26 11.26 12.63
N ARG C 18 11.10 10.76 11.39
CA ARG C 18 12.14 9.98 10.68
C ARG C 18 12.60 10.66 9.38
N LYS C 19 12.37 11.98 9.24
CA LYS C 19 12.79 12.85 8.12
C LYS C 19 12.13 12.43 6.79
N THR C 20 11.00 11.74 6.90
CA THR C 20 10.29 11.19 5.74
C THR C 20 8.77 11.43 5.87
N PRO C 21 8.30 12.69 6.05
CA PRO C 21 6.87 12.99 6.20
C PRO C 21 6.06 12.70 4.92
N ILE C 22 4.75 12.55 5.06
CA ILE C 22 3.83 12.51 3.89
C ILE C 22 3.90 13.84 3.08
N GLU C 23 4.36 14.90 3.74
CA GLU C 23 4.74 16.16 3.08
C GLU C 23 5.79 16.03 1.94
N ARG C 24 6.48 14.88 1.78
CA ARG C 24 7.34 14.54 0.62
C ARG C 24 6.82 13.38 -0.26
N ILE C 25 5.56 12.99 -0.07
CA ILE C 25 4.87 11.88 -0.74
C ILE C 25 3.52 12.41 -1.29
N PRO C 26 3.58 13.30 -2.30
CA PRO C 26 2.40 14.03 -2.81
C PRO C 26 1.33 13.28 -3.61
N TYR C 27 1.67 12.30 -4.43
CA TYR C 27 0.62 11.67 -5.25
C TYR C 27 0.59 10.15 -5.24
N LEU C 28 -0.45 9.64 -5.91
CA LEU C 28 -0.69 8.21 -6.11
C LEU C 28 -0.85 8.01 -7.63
N GLY C 29 -0.62 6.79 -8.13
CA GLY C 29 -0.68 6.55 -9.57
C GLY C 29 -1.91 7.10 -10.29
N PHE C 30 -3.11 6.78 -9.82
CA PHE C 30 -4.34 7.26 -10.45
C PHE C 30 -4.97 8.46 -9.74
N LYS C 31 -4.96 8.44 -8.41
CA LYS C 31 -5.61 9.49 -7.59
C LYS C 31 -4.70 10.08 -6.51
N GLN C 32 -5.30 10.81 -5.56
CA GLN C 32 -4.58 11.41 -4.42
C GLN C 32 -3.92 10.27 -3.62
N ILE C 33 -3.08 10.59 -2.62
CA ILE C 33 -2.34 9.56 -1.89
C ILE C 33 -3.24 8.44 -1.34
N ASN C 34 -4.35 8.80 -0.65
CA ASN C 34 -5.33 7.83 -0.08
C ASN C 34 -4.69 6.47 0.23
N LEU C 35 -4.05 6.36 1.40
CA LEU C 35 -3.36 5.13 1.81
C LEU C 35 -4.27 3.92 1.97
N TRP C 36 -5.36 4.08 2.73
CA TRP C 36 -6.30 2.97 3.01
C TRP C 36 -6.77 2.22 1.73
N THR C 37 -6.89 2.95 0.61
CA THR C 37 -7.33 2.38 -0.69
C THR C 37 -6.25 1.53 -1.36
N MET C 38 -5.01 2.01 -1.48
CA MET C 38 -3.91 1.16 -2.00
C MET C 38 -3.62 -0.04 -1.09
N PHE C 39 -3.85 0.12 0.22
CA PHE C 39 -3.78 -0.99 1.18
C PHE C 39 -4.85 -2.05 0.91
N GLN C 40 -6.14 -1.72 0.95
CA GLN C 40 -7.18 -2.74 0.69
C GLN C 40 -7.10 -3.32 -0.74
N ALA C 41 -6.61 -2.55 -1.72
CA ALA C 41 -6.28 -3.05 -3.04
C ALA C 41 -5.15 -4.10 -3.00
N ALA C 42 -4.02 -3.79 -2.36
CA ALA C 42 -2.93 -4.76 -2.17
C ALA C 42 -3.39 -6.02 -1.42
N GLN C 43 -4.27 -5.88 -0.42
CA GLN C 43 -4.79 -7.02 0.33
C GLN C 43 -5.74 -7.91 -0.51
N LYS C 44 -6.35 -7.35 -1.56
CA LYS C 44 -7.11 -8.13 -2.54
C LYS C 44 -6.18 -8.81 -3.54
N LEU C 45 -5.22 -8.05 -4.05
CA LEU C 45 -4.16 -8.59 -4.93
C LEU C 45 -3.09 -9.45 -4.17
N GLY C 46 -3.34 -9.85 -2.91
CA GLY C 46 -2.51 -10.89 -2.25
C GLY C 46 -1.47 -10.42 -1.21
N GLY C 47 -1.73 -9.25 -0.62
CA GLY C 47 -0.78 -8.54 0.23
C GLY C 47 0.51 -8.14 -0.48
N TYR C 48 1.34 -7.36 0.22
CA TYR C 48 2.70 -7.06 -0.24
C TYR C 48 3.54 -8.31 -0.61
N GLU C 49 3.18 -9.49 -0.08
CA GLU C 49 3.96 -10.71 -0.31
C GLU C 49 3.73 -11.32 -1.69
N THR C 50 2.47 -11.46 -2.14
CA THR C 50 2.16 -11.83 -3.53
C THR C 50 2.63 -10.73 -4.48
N ILE C 51 2.49 -9.46 -4.07
CA ILE C 51 3.03 -8.32 -4.83
C ILE C 51 4.54 -8.46 -5.10
N THR C 52 5.32 -8.82 -4.08
CA THR C 52 6.78 -8.99 -4.25
C THR C 52 7.13 -10.25 -5.03
N ALA C 53 6.37 -11.33 -4.85
CA ALA C 53 6.55 -12.56 -5.63
C ALA C 53 6.15 -12.44 -7.11
N ARG C 54 5.28 -11.46 -7.47
CA ARG C 54 4.67 -11.43 -8.83
C ARG C 54 4.71 -10.08 -9.56
N ARG C 55 5.16 -8.99 -8.91
CA ARG C 55 5.03 -7.59 -9.40
C ARG C 55 3.58 -7.30 -9.79
N GLN C 56 2.72 -7.53 -8.80
CA GLN C 56 1.26 -7.48 -8.98
C GLN C 56 0.71 -6.03 -8.88
N TRP C 57 1.55 -5.01 -8.68
CA TRP C 57 1.13 -3.59 -8.69
C TRP C 57 0.40 -3.18 -9.97
N LYS C 58 0.72 -3.81 -11.08
CA LYS C 58 0.02 -3.53 -12.33
C LYS C 58 -1.47 -3.89 -12.17
N HIS C 59 -1.76 -4.87 -11.30
CA HIS C 59 -3.14 -5.30 -11.01
C HIS C 59 -3.84 -4.32 -10.05
N ILE C 60 -3.08 -3.74 -9.11
CA ILE C 60 -3.59 -2.69 -8.22
C ILE C 60 -4.02 -1.52 -9.11
N TYR C 61 -3.22 -1.15 -10.13
CA TYR C 61 -3.61 -0.21 -11.19
C TYR C 61 -4.94 -0.62 -11.88
N ASP C 62 -5.19 -1.93 -11.96
CA ASP C 62 -6.47 -2.45 -12.45
C ASP C 62 -7.64 -2.11 -11.50
N GLU C 63 -7.50 -2.40 -10.20
CA GLU C 63 -8.48 -1.96 -9.19
C GLU C 63 -8.60 -0.42 -9.05
N LEU C 64 -7.50 0.34 -9.20
CA LEU C 64 -7.52 1.82 -9.23
C LEU C 64 -8.31 2.37 -10.44
N GLY C 65 -7.99 1.89 -11.61
CA GLY C 65 -8.68 2.43 -12.76
C GLY C 65 -7.79 2.39 -13.97
N GLY C 66 -8.23 2.98 -15.07
CA GLY C 66 -7.37 3.05 -16.24
C GLY C 66 -6.71 4.42 -16.41
N ASN C 67 -5.44 4.42 -16.85
CA ASN C 67 -4.69 5.66 -17.13
C ASN C 67 -4.11 5.55 -18.55
N PRO C 68 -4.80 6.15 -19.54
CA PRO C 68 -4.39 6.09 -20.96
C PRO C 68 -2.91 6.43 -21.21
N GLY C 69 -2.20 5.47 -21.83
CA GLY C 69 -0.79 5.67 -22.18
C GLY C 69 0.22 5.08 -21.22
N SER C 70 -0.19 4.82 -19.98
CA SER C 70 0.75 4.30 -18.97
C SER C 70 0.39 2.90 -18.48
N THR C 71 1.43 2.08 -18.25
CA THR C 71 1.26 0.72 -17.74
C THR C 71 1.97 0.55 -16.40
N SER C 72 3.05 1.32 -16.19
CA SER C 72 3.83 1.23 -14.95
C SER C 72 3.54 2.44 -14.03
N ALA C 73 2.24 2.71 -13.84
CA ALA C 73 1.81 3.83 -12.99
C ALA C 73 1.73 3.43 -11.52
N ALA C 74 1.20 2.24 -11.25
CA ALA C 74 1.06 1.75 -9.88
C ALA C 74 2.34 1.05 -9.41
N THR C 75 3.23 0.77 -10.36
CA THR C 75 4.50 0.11 -10.05
C THR C 75 5.38 1.03 -9.21
N CYS C 76 5.24 2.33 -9.43
CA CYS C 76 5.99 3.34 -8.69
C CYS C 76 5.51 3.40 -7.24
N THR C 77 4.24 3.02 -7.03
CA THR C 77 3.61 3.01 -5.71
C THR C 77 4.30 2.03 -4.76
N ARG C 78 4.92 0.98 -5.32
CA ARG C 78 5.64 -0.03 -4.52
C ARG C 78 6.67 0.61 -3.60
N ARG C 79 7.33 1.64 -4.12
CA ARG C 79 8.36 2.37 -3.41
C ARG C 79 7.80 3.29 -2.32
N HIS C 80 6.55 3.73 -2.47
CA HIS C 80 5.80 4.44 -1.43
C HIS C 80 5.31 3.45 -0.36
N TYR C 81 4.66 2.35 -0.75
CA TYR C 81 4.11 1.34 0.18
C TYR C 81 5.17 0.77 1.13
N GLU C 82 6.41 0.56 0.66
CA GLU C 82 7.49 -0.02 1.45
C GLU C 82 8.02 0.91 2.55
N ARG C 83 7.54 2.16 2.58
CA ARG C 83 7.78 3.09 3.69
C ARG C 83 6.50 3.68 4.31
N LEU C 84 5.33 3.42 3.73
CA LEU C 84 4.10 4.12 4.11
C LEU C 84 3.04 3.17 4.71
N ILE C 85 3.26 1.85 4.62
CA ILE C 85 2.45 0.88 5.38
C ILE C 85 3.13 -0.47 5.59
N LEU C 86 4.11 -0.87 4.78
CA LEU C 86 4.97 -2.02 5.09
C LEU C 86 5.53 -1.99 6.54
N PRO C 87 5.97 -0.84 7.10
CA PRO C 87 6.36 -0.77 8.52
C PRO C 87 5.19 -0.78 9.52
N TYR C 88 3.93 -0.55 9.11
CA TYR C 88 2.78 -0.49 10.03
C TYR C 88 1.83 -1.70 9.94
N GLU C 89 1.68 -2.38 8.80
CA GLU C 89 0.99 -3.69 8.74
C GLU C 89 1.67 -4.74 9.67
N ARG C 90 2.89 -4.43 10.12
CA ARG C 90 3.58 -5.18 11.17
C ARG C 90 2.74 -5.38 12.44
N PHE C 91 1.89 -4.42 12.85
CA PHE C 91 0.94 -4.65 13.97
C PHE C 91 -0.25 -5.54 13.58
N ILE C 92 -0.67 -5.53 12.31
CA ILE C 92 -1.80 -6.37 11.83
C ILE C 92 -1.34 -7.83 11.72
N LYS C 93 -0.13 -8.03 11.22
CA LYS C 93 0.40 -9.36 10.90
C LYS C 93 1.21 -9.98 12.05
N GLY C 94 1.39 -9.21 13.13
CA GLY C 94 2.12 -9.66 14.32
C GLY C 94 1.28 -9.65 15.61
N GLU C 95 0.15 -8.93 15.64
CA GLU C 95 -0.68 -8.77 16.85
C GLU C 95 -2.20 -8.77 16.58
N GLU C 96 -2.64 -9.34 15.45
CA GLU C 96 -4.06 -9.52 15.11
C GLU C 96 -4.37 -10.72 14.20
N ASP C 97 -3.64 -10.87 13.10
CA ASP C 97 -3.90 -11.98 12.19
C ASP C 97 -2.75 -12.21 11.23
N LYS C 98 -2.48 -13.49 10.92
CA LYS C 98 -1.41 -13.85 10.01
C LYS C 98 -1.73 -15.15 9.27
N PRO C 99 -2.57 -15.08 8.21
CA PRO C 99 -2.94 -16.25 7.43
C PRO C 99 -2.02 -16.48 6.23
N LEU C 100 -1.05 -15.59 6.05
CA LEU C 100 -0.10 -15.69 4.94
C LEU C 100 1.34 -15.65 5.48
N PRO C 101 1.95 -16.83 5.67
CA PRO C 101 3.32 -16.93 6.18
C PRO C 101 4.37 -16.64 5.11
N PRO C 102 5.62 -16.34 5.52
CA PRO C 102 6.73 -16.06 4.58
C PRO C 102 7.33 -17.32 3.99
N ILE C 103 6.60 -18.44 4.08
CA ILE C 103 7.07 -19.71 3.54
C ILE C 103 6.73 -19.81 2.05
N LYS C 104 5.91 -18.87 1.56
CA LYS C 104 5.51 -18.83 0.16
C LYS C 104 6.63 -18.25 -0.70
N PRO C 105 7.19 -19.06 -1.62
CA PRO C 105 8.28 -18.62 -2.51
C PRO C 105 7.79 -17.74 -3.66
N ARG C 106 6.62 -18.05 -4.20
CA ARG C 106 6.05 -17.27 -5.29
C ARG C 106 4.59 -16.91 -4.97
N LYS C 107 3.67 -17.24 -5.86
CA LYS C 107 2.25 -16.96 -5.65
C LYS C 107 1.69 -17.78 -4.48
N ARG C 1 -13.72 0.56 4.53
CA ARG C 1 -13.49 1.92 3.95
C ARG C 1 -13.01 2.95 4.97
N ALA C 2 -13.86 3.22 5.98
CA ALA C 2 -13.64 4.35 6.89
C ALA C 2 -12.39 4.20 7.76
N ASP C 3 -12.08 2.98 8.20
CA ASP C 3 -10.88 2.71 9.01
C ASP C 3 -9.58 2.77 8.19
N GLU C 4 -9.62 2.41 6.90
CA GLU C 4 -8.46 2.57 6.02
C GLU C 4 -8.18 4.06 5.81
N GLN C 5 -9.24 4.83 5.53
CA GLN C 5 -9.08 6.29 5.41
C GLN C 5 -8.57 6.92 6.71
N ALA C 6 -9.13 6.57 7.87
CA ALA C 6 -8.62 7.03 9.17
C ALA C 6 -7.14 6.67 9.39
N PHE C 7 -6.74 5.42 9.14
CA PHE C 7 -5.34 5.02 9.29
C PHE C 7 -4.43 5.53 8.16
N LEU C 8 -4.97 6.01 7.03
CA LEU C 8 -4.10 6.66 6.04
C LEU C 8 -4.05 8.19 6.25
N VAL C 9 -4.98 8.76 7.02
CA VAL C 9 -4.85 10.15 7.51
C VAL C 9 -3.82 10.19 8.64
N ALA C 10 -3.80 9.17 9.50
CA ALA C 10 -2.74 8.99 10.48
C ALA C 10 -1.37 8.77 9.82
N LEU C 11 -1.28 7.91 8.77
CA LEU C 11 -0.07 7.83 7.96
C LEU C 11 0.24 9.16 7.28
N TYR C 12 -0.72 9.88 6.71
CA TYR C 12 -0.47 11.18 6.07
C TYR C 12 0.24 12.14 7.01
N LYS C 13 -0.20 12.24 8.28
CA LYS C 13 0.53 13.00 9.30
C LYS C 13 1.92 12.45 9.53
N TYR C 14 2.07 11.15 9.86
CA TYR C 14 3.42 10.59 10.05
C TYR C 14 4.37 10.73 8.85
N MET C 15 3.90 10.54 7.61
CA MET C 15 4.72 10.61 6.41
C MET C 15 5.05 12.07 6.03
N LYS C 16 4.17 13.03 6.32
CA LYS C 16 4.50 14.46 6.22
C LYS C 16 5.59 14.84 7.24
N GLU C 17 5.54 14.27 8.44
CA GLU C 17 6.64 14.36 9.43
C GLU C 17 7.90 13.54 9.04
N ARG C 18 7.87 12.83 7.90
CA ARG C 18 9.03 12.10 7.35
C ARG C 18 9.44 12.62 5.96
N LYS C 19 9.06 13.86 5.61
CA LYS C 19 9.41 14.59 4.37
C LYS C 19 8.88 13.89 3.11
N THR C 20 7.84 13.07 3.30
CA THR C 20 7.26 12.26 2.23
C THR C 20 5.72 12.31 2.28
N PRO C 21 5.09 13.50 2.25
CA PRO C 21 3.62 13.63 2.31
C PRO C 21 2.92 13.04 1.07
N ILE C 22 1.62 12.73 1.20
CA ILE C 22 0.78 12.39 0.02
C ILE C 22 0.73 13.57 -0.99
N GLU C 23 1.00 14.78 -0.49
CA GLU C 23 1.24 15.96 -1.34
C GLU C 23 2.36 15.79 -2.42
N ARG C 24 3.20 14.74 -2.37
CA ARG C 24 4.16 14.35 -3.43
C ARG C 24 3.82 13.01 -4.12
N ILE C 25 2.62 12.48 -3.90
CA ILE C 25 2.10 11.19 -4.42
C ILE C 25 0.72 11.44 -5.07
N PRO C 26 0.75 12.11 -6.25
CA PRO C 26 -0.47 12.62 -6.91
C PRO C 26 -1.38 11.62 -7.58
N TYR C 27 -0.83 10.76 -8.42
CA TYR C 27 -1.68 9.84 -9.16
C TYR C 27 -1.14 8.45 -9.21
N LEU C 28 -1.97 7.63 -9.82
CA LEU C 28 -1.67 6.24 -10.14
C LEU C 28 -1.26 6.32 -11.61
N GLY C 29 -0.58 5.33 -12.16
CA GLY C 29 -0.15 5.44 -13.55
C GLY C 29 -1.24 5.95 -14.50
N PHE C 30 -2.40 5.31 -14.51
CA PHE C 30 -3.49 5.76 -15.38
C PHE C 30 -4.64 6.51 -14.64
N LYS C 31 -4.91 6.13 -13.39
CA LYS C 31 -6.03 6.74 -12.62
C LYS C 31 -5.57 7.37 -11.30
N GLN C 32 -6.55 7.76 -10.46
CA GLN C 32 -6.29 8.33 -9.13
C GLN C 32 -5.60 7.27 -8.24
N ILE C 33 -4.97 7.70 -7.14
CA ILE C 33 -4.25 6.77 -6.25
C ILE C 33 -5.19 5.80 -5.52
N ASN C 34 -6.20 6.37 -4.84
CA ASN C 34 -7.20 5.61 -4.06
C ASN C 34 -6.57 4.44 -3.30
N LEU C 35 -5.86 4.76 -2.21
CA LEU C 35 -5.15 3.76 -1.41
C LEU C 35 -6.03 2.61 -0.90
N TRP C 36 -7.04 2.93 -0.10
CA TRP C 36 -7.95 1.91 0.50
C TRP C 36 -8.40 0.82 -0.49
N THR C 37 -8.66 1.22 -1.74
CA THR C 37 -9.08 0.30 -2.81
C THR C 37 -7.93 -0.58 -3.32
N MET C 38 -6.76 -0.02 -3.66
CA MET C 38 -5.61 -0.86 -4.02
C MET C 38 -5.14 -1.76 -2.86
N PHE C 39 -5.33 -1.29 -1.61
CA PHE C 39 -5.09 -2.11 -0.43
C PHE C 39 -6.04 -3.31 -0.35
N GLN C 40 -7.37 -3.11 -0.30
CA GLN C 40 -8.28 -4.26 -0.22
C GLN C 40 -8.20 -5.17 -1.47
N ALA C 41 -7.84 -4.63 -2.63
CA ALA C 41 -7.51 -5.42 -3.82
C ALA C 41 -6.27 -6.30 -3.59
N ALA C 42 -5.15 -5.73 -3.13
CA ALA C 42 -3.95 -6.51 -2.78
C ALA C 42 -4.23 -7.57 -1.71
N GLN C 43 -5.08 -7.27 -0.73
CA GLN C 43 -5.43 -8.23 0.33
C GLN C 43 -6.30 -9.39 -0.20
N LYS C 44 -7.02 -9.18 -1.31
CA LYS C 44 -7.74 -10.26 -2.01
C LYS C 44 -6.78 -11.07 -2.87
N LEU C 45 -5.93 -10.38 -3.63
CA LEU C 45 -4.84 -11.01 -4.41
C LEU C 45 -3.66 -11.53 -3.54
N GLY C 46 -3.80 -11.63 -2.20
CA GLY C 46 -2.83 -12.37 -1.37
C GLY C 46 -1.81 -11.55 -0.54
N GLY C 47 -2.19 -10.31 -0.24
CA GLY C 47 -1.29 -9.31 0.33
C GLY C 47 -0.08 -8.98 -0.54
N TYR C 48 0.69 -7.97 -0.11
CA TYR C 48 1.98 -7.66 -0.74
C TYR C 48 2.94 -8.86 -0.83
N GLU C 49 2.74 -9.90 -0.01
CA GLU C 49 3.66 -11.07 0.02
C GLU C 49 3.43 -12.02 -1.15
N THR C 50 2.18 -12.39 -1.45
CA THR C 50 1.86 -13.13 -2.68
C THR C 50 2.15 -12.26 -3.91
N ILE C 51 1.89 -10.96 -3.81
CA ILE C 51 2.26 -10.01 -4.87
C ILE C 51 3.76 -10.05 -5.20
N THR C 52 4.62 -10.07 -4.19
CA THR C 52 6.08 -10.12 -4.40
C THR C 52 6.54 -11.51 -4.88
N ALA C 53 5.92 -12.57 -4.37
CA ALA C 53 6.20 -13.93 -4.82
C ALA C 53 5.73 -14.23 -6.26
N ARG C 54 4.75 -13.48 -6.81
CA ARG C 54 4.09 -13.85 -8.07
C ARG C 54 3.94 -12.73 -9.13
N ARG C 55 4.28 -11.47 -8.80
CA ARG C 55 3.97 -10.26 -9.61
C ARG C 55 2.48 -10.23 -9.96
N GLN C 56 1.70 -10.29 -8.88
CA GLN C 56 0.24 -10.43 -8.97
C GLN C 56 -0.47 -9.07 -9.20
N TRP C 57 0.25 -7.95 -9.30
CA TRP C 57 -0.32 -6.63 -9.64
C TRP C 57 -1.15 -6.64 -10.93
N LYS C 58 -0.84 -7.55 -11.83
CA LYS C 58 -1.59 -7.68 -13.05
C LYS C 58 -3.06 -8.05 -12.72
N HIS C 59 -3.26 -8.73 -11.57
CA HIS C 59 -4.61 -9.09 -11.11
C HIS C 59 -5.35 -7.88 -10.52
N ILE C 60 -4.64 -6.98 -9.80
CA ILE C 60 -5.25 -5.73 -9.33
C ILE C 60 -5.69 -4.95 -10.56
N TYR C 61 -4.86 -4.88 -11.61
CA TYR C 61 -5.26 -4.37 -12.94
C TYR C 61 -6.53 -5.07 -13.49
N ASP C 62 -6.70 -6.35 -13.14
CA ASP C 62 -7.93 -7.09 -13.46
C ASP C 62 -9.15 -6.54 -12.71
N GLU C 63 -9.06 -6.37 -11.39
CA GLU C 63 -10.11 -5.70 -10.61
C GLU C 63 -10.33 -4.21 -10.98
N LEU C 64 -9.27 -3.46 -11.35
CA LEU C 64 -9.37 -2.09 -11.87
C LEU C 64 -10.12 -2.01 -13.21
N GLY C 65 -9.75 -2.87 -14.15
CA GLY C 65 -10.43 -2.81 -15.44
C GLY C 65 -9.56 -3.31 -16.57
N GLY C 66 -10.11 -3.43 -17.79
CA GLY C 66 -9.24 -3.82 -18.90
C GLY C 66 -8.82 -2.61 -19.75
N ASN C 67 -7.52 -2.54 -20.10
CA ASN C 67 -6.98 -1.45 -20.96
C ASN C 67 -5.85 -2.00 -21.85
N PRO C 68 -6.16 -2.47 -23.07
CA PRO C 68 -5.17 -3.09 -23.97
C PRO C 68 -4.01 -2.20 -24.47
N GLY C 69 -2.80 -2.80 -24.52
CA GLY C 69 -1.62 -2.13 -25.05
C GLY C 69 -0.84 -1.27 -24.06
N SER C 70 -1.44 -0.93 -22.93
CA SER C 70 -0.77 -0.08 -21.96
C SER C 70 -0.49 -0.78 -20.63
N THR C 71 0.77 -0.71 -20.19
CA THR C 71 1.18 -1.32 -18.94
C THR C 71 2.18 -0.41 -18.21
N SER C 72 2.54 0.68 -18.85
CA SER C 72 3.47 1.64 -18.27
C SER C 72 2.72 2.62 -17.39
N ALA C 73 1.75 2.08 -16.65
CA ALA C 73 0.92 2.86 -15.76
C ALA C 73 0.37 1.99 -14.63
N ALA C 74 0.26 0.70 -14.90
CA ALA C 74 -0.25 -0.27 -13.91
C ALA C 74 0.87 -0.68 -12.95
N THR C 75 2.11 -0.47 -13.38
CA THR C 75 3.27 -0.81 -12.56
C THR C 75 3.57 0.29 -11.54
N CYS C 76 3.02 1.47 -11.77
CA CYS C 76 3.20 2.60 -10.85
C CYS C 76 2.50 2.35 -9.52
N THR C 77 1.41 1.58 -9.56
CA THR C 77 0.64 1.24 -8.36
C THR C 77 1.51 0.50 -7.34
N ARG C 78 2.45 -0.30 -7.83
CA ARG C 78 3.36 -1.08 -6.99
C ARG C 78 4.39 -0.16 -6.30
N ARG C 79 4.86 0.82 -7.05
CA ARG C 79 5.86 1.78 -6.59
C ARG C 79 5.29 2.82 -5.62
N HIS C 80 3.98 3.08 -5.71
CA HIS C 80 3.24 3.89 -4.72
C HIS C 80 2.97 3.07 -3.45
N TYR C 81 2.43 1.85 -3.57
CA TYR C 81 2.11 0.97 -2.42
C TYR C 81 3.32 0.71 -1.52
N GLU C 82 4.53 0.54 -2.08
CA GLU C 82 5.73 0.23 -1.33
C GLU C 82 6.24 1.40 -0.47
N ARG C 83 5.61 2.59 -0.61
CA ARG C 83 5.83 3.72 0.29
C ARG C 83 4.56 4.27 0.95
N LEU C 84 3.37 3.79 0.55
CA LEU C 84 2.11 4.41 0.94
C LEU C 84 1.23 3.48 1.81
N ILE C 85 1.60 2.20 1.93
CA ILE C 85 0.99 1.30 2.93
C ILE C 85 1.85 0.10 3.29
N LEU C 86 2.80 -0.34 2.45
CA LEU C 86 3.82 -1.32 2.85
C LEU C 86 4.50 -0.97 4.20
N PRO C 87 4.85 0.31 4.52
CA PRO C 87 5.34 0.68 5.85
C PRO C 87 4.28 0.72 6.96
N TYR C 88 2.96 0.75 6.66
CA TYR C 88 1.92 0.85 7.68
C TYR C 88 1.11 -0.45 7.91
N GLU C 89 0.95 -1.34 6.92
CA GLU C 89 0.42 -2.70 7.16
C GLU C 89 1.30 -3.49 8.17
N ARG C 90 2.52 -2.97 8.42
CA ARG C 90 3.38 -3.44 9.50
C ARG C 90 2.69 -3.49 10.88
N PHE C 91 1.77 -2.57 11.21
CA PHE C 91 0.96 -2.69 12.45
C PHE C 91 -0.14 -3.76 12.35
N ILE C 92 -0.67 -4.02 11.14
CA ILE C 92 -1.72 -5.05 10.95
C ILE C 92 -1.10 -6.45 11.04
N LYS C 93 0.08 -6.61 10.45
CA LYS C 93 0.74 -7.91 10.31
C LYS C 93 1.72 -8.22 11.45
N GLY C 94 1.89 -7.26 12.36
CA GLY C 94 2.78 -7.40 13.51
C GLY C 94 2.08 -7.24 14.86
N GLU C 95 0.87 -6.65 14.90
CA GLU C 95 0.13 -6.37 16.16
C GLU C 95 -1.40 -6.57 16.05
N GLU C 96 -1.86 -7.38 15.09
CA GLU C 96 -3.28 -7.77 14.95
C GLU C 96 -3.50 -9.14 14.30
N ASP C 97 -2.82 -9.41 13.20
CA ASP C 97 -2.98 -10.69 12.49
C ASP C 97 -2.02 -11.76 13.02
N LYS C 98 -0.75 -11.61 12.67
CA LYS C 98 0.28 -12.57 13.09
C LYS C 98 0.75 -12.30 14.52
N PRO C 99 1.05 -13.38 15.27
CA PRO C 99 1.54 -13.27 16.66
C PRO C 99 3.00 -12.86 16.73
N LEU C 100 3.62 -12.73 15.56
CA LEU C 100 5.02 -12.32 15.46
C LEU C 100 5.16 -10.83 15.69
N PRO C 101 6.26 -10.39 16.32
CA PRO C 101 6.51 -8.97 16.61
C PRO C 101 6.68 -8.14 15.34
N PRO C 102 6.42 -6.82 15.44
CA PRO C 102 6.56 -5.90 14.30
C PRO C 102 8.00 -5.62 13.91
N ILE C 103 8.94 -6.29 14.60
CA ILE C 103 10.37 -6.13 14.31
C ILE C 103 10.71 -6.65 12.92
N LYS C 104 10.14 -7.79 12.56
CA LYS C 104 10.38 -8.39 11.25
C LYS C 104 9.05 -8.80 10.61
N PRO C 105 8.43 -7.88 9.85
CA PRO C 105 7.15 -8.14 9.18
C PRO C 105 7.31 -8.96 7.89
N ARG C 106 8.47 -8.85 7.27
CA ARG C 106 8.74 -9.57 6.02
C ARG C 106 9.73 -10.71 6.29
N LYS C 107 10.47 -11.11 5.26
CA LYS C 107 11.44 -12.18 5.39
C LYS C 107 12.82 -11.64 5.74
N ARG C 1 -12.76 1.50 5.89
CA ARG C 1 -12.44 2.90 5.46
C ARG C 1 -11.94 3.78 6.61
N ALA C 2 -12.79 4.00 7.63
CA ALA C 2 -12.52 4.99 8.67
C ALA C 2 -11.30 4.67 9.53
N ASP C 3 -11.08 3.39 9.84
CA ASP C 3 -9.92 2.96 10.63
C ASP C 3 -8.59 3.02 9.84
N GLU C 4 -8.63 2.82 8.52
CA GLU C 4 -7.44 3.00 7.68
C GLU C 4 -7.07 4.49 7.64
N GLN C 5 -8.06 5.35 7.43
CA GLN C 5 -7.82 6.79 7.48
C GLN C 5 -7.30 7.25 8.85
N ALA C 6 -7.90 6.80 9.95
CA ALA C 6 -7.41 7.08 11.31
C ALA C 6 -5.95 6.61 11.50
N PHE C 7 -5.62 5.37 11.12
CA PHE C 7 -4.25 4.87 11.24
C PHE C 7 -3.28 5.44 10.20
N LEU C 8 -3.77 6.08 9.12
CA LEU C 8 -2.84 6.78 8.22
C LEU C 8 -2.70 8.26 8.61
N VAL C 9 -3.62 8.81 9.41
CA VAL C 9 -3.41 10.13 10.06
C VAL C 9 -2.40 9.98 11.21
N ALA C 10 -2.47 8.87 11.95
CA ALA C 10 -1.44 8.51 12.92
C ALA C 10 -0.07 8.28 12.25
N LEU C 11 -0.02 7.53 11.12
CA LEU C 11 1.21 7.47 10.33
C LEU C 11 1.62 8.84 9.80
N TYR C 12 0.71 9.68 9.30
CA TYR C 12 1.06 11.02 8.82
C TYR C 12 1.80 11.83 9.88
N LYS C 13 1.33 11.82 11.13
CA LYS C 13 2.08 12.42 12.25
C LYS C 13 3.45 11.75 12.44
N TYR C 14 3.51 10.43 12.63
CA TYR C 14 4.81 9.76 12.77
C TYR C 14 5.80 9.97 11.59
N MET C 15 5.34 9.94 10.34
CA MET C 15 6.20 10.10 9.18
C MET C 15 6.62 11.56 8.96
N LYS C 16 5.78 12.54 9.34
CA LYS C 16 6.21 13.96 9.41
C LYS C 16 7.30 14.15 10.48
N GLU C 17 7.18 13.45 11.61
CA GLU C 17 8.27 13.36 12.62
C GLU C 17 9.49 12.51 12.16
N ARG C 18 9.43 11.93 10.95
CA ARG C 18 10.56 11.20 10.34
C ARG C 18 11.05 11.84 9.01
N LYS C 19 10.74 13.14 8.81
CA LYS C 19 11.17 13.98 7.66
C LYS C 19 10.62 13.46 6.32
N THR C 20 9.53 12.69 6.41
CA THR C 20 8.93 12.04 5.24
C THR C 20 7.39 12.18 5.27
N PRO C 21 6.83 13.41 5.36
CA PRO C 21 5.37 13.62 5.42
C PRO C 21 4.67 13.22 4.11
N ILE C 22 3.35 12.98 4.18
CA ILE C 22 2.51 12.83 2.96
C ILE C 22 2.55 14.10 2.09
N GLU C 23 2.89 15.23 2.72
CA GLU C 23 3.23 16.49 2.02
C GLU C 23 4.34 16.37 0.95
N ARG C 24 5.12 15.26 0.88
CA ARG C 24 6.08 14.93 -0.19
C ARG C 24 5.68 13.70 -1.05
N ILE C 25 4.44 13.23 -0.90
CA ILE C 25 3.86 12.05 -1.56
C ILE C 25 2.52 12.45 -2.21
N PRO C 26 2.55 13.28 -3.27
CA PRO C 26 1.33 13.89 -3.84
C PRO C 26 0.32 12.98 -4.54
N TYR C 27 0.71 12.10 -5.45
CA TYR C 27 -0.30 11.32 -6.17
C TYR C 27 -0.03 9.81 -6.22
N LEU C 28 -0.96 9.15 -6.92
CA LEU C 28 -0.97 7.72 -7.21
C LEU C 28 -0.74 7.58 -8.71
N GLY C 29 -0.39 6.39 -9.20
CA GLY C 29 -0.08 6.24 -10.62
C GLY C 29 -1.03 6.96 -11.55
N PHE C 30 -2.33 6.72 -11.47
CA PHE C 30 -3.26 7.44 -12.33
C PHE C 30 -4.07 8.54 -11.58
N LYS C 31 -4.37 8.30 -10.29
CA LYS C 31 -5.20 9.21 -9.49
C LYS C 31 -4.50 9.71 -8.22
N GLN C 32 -5.26 10.33 -7.31
CA GLN C 32 -4.73 10.84 -6.02
C GLN C 32 -4.19 9.67 -5.18
N ILE C 33 -3.51 9.97 -4.07
CA ILE C 33 -2.88 8.93 -3.24
C ILE C 33 -3.82 7.80 -2.80
N ASN C 34 -4.99 8.14 -2.21
CA ASN C 34 -5.97 7.13 -1.74
C ASN C 34 -5.28 5.87 -1.18
N LEU C 35 -4.79 5.98 0.06
CA LEU C 35 -4.06 4.90 0.72
C LEU C 35 -4.89 3.64 0.93
N TRP C 36 -5.98 3.75 1.67
CA TRP C 36 -6.85 2.62 1.98
C TRP C 36 -7.24 1.83 0.71
N THR C 37 -7.32 2.52 -0.44
CA THR C 37 -7.69 1.86 -1.71
C THR C 37 -6.56 1.02 -2.30
N MET C 38 -5.32 1.53 -2.41
CA MET C 38 -4.19 0.69 -2.86
C MET C 38 -3.90 -0.45 -1.86
N PHE C 39 -4.18 -0.24 -0.58
CA PHE C 39 -4.12 -1.29 0.43
C PHE C 39 -5.14 -2.41 0.19
N GLN C 40 -6.45 -2.10 0.17
CA GLN C 40 -7.44 -3.17 -0.08
C GLN C 40 -7.30 -3.82 -1.47
N ALA C 41 -6.79 -3.08 -2.46
CA ALA C 41 -6.40 -3.64 -3.76
C ALA C 41 -5.25 -4.64 -3.62
N ALA C 42 -4.14 -4.28 -2.96
CA ALA C 42 -3.04 -5.20 -2.68
C ALA C 42 -3.50 -6.44 -1.89
N GLN C 43 -4.41 -6.27 -0.93
CA GLN C 43 -4.93 -7.39 -0.14
C GLN C 43 -5.81 -8.35 -0.96
N LYS C 44 -6.40 -7.85 -2.06
CA LYS C 44 -7.12 -8.71 -3.02
C LYS C 44 -6.13 -9.40 -3.96
N LEU C 45 -5.17 -8.65 -4.48
CA LEU C 45 -4.06 -9.19 -5.28
C LEU C 45 -2.99 -9.99 -4.45
N GLY C 46 -3.28 -10.33 -3.18
CA GLY C 46 -2.44 -11.32 -2.43
C GLY C 46 -1.46 -10.76 -1.38
N GLY C 47 -1.78 -9.57 -0.86
CA GLY C 47 -0.88 -8.79 -0.02
C GLY C 47 0.42 -8.39 -0.71
N TYR C 48 1.22 -7.56 -0.01
CA TYR C 48 2.59 -7.23 -0.45
C TYR C 48 3.46 -8.48 -0.72
N GLU C 49 3.13 -9.64 -0.14
CA GLU C 49 3.95 -10.84 -0.28
C GLU C 49 3.77 -11.52 -1.64
N THR C 50 2.54 -11.73 -2.11
CA THR C 50 2.29 -12.17 -3.50
C THR C 50 2.75 -11.11 -4.49
N ILE C 51 2.58 -9.83 -4.15
CA ILE C 51 3.10 -8.71 -4.94
C ILE C 51 4.63 -8.81 -5.15
N THR C 52 5.39 -9.12 -4.10
CA THR C 52 6.86 -9.25 -4.20
C THR C 52 7.27 -10.53 -4.91
N ALA C 53 6.53 -11.62 -4.69
CA ALA C 53 6.77 -12.89 -5.39
C ALA C 53 6.42 -12.84 -6.90
N ARG C 54 5.55 -11.92 -7.35
CA ARG C 54 4.98 -11.97 -8.72
C ARG C 54 5.01 -10.65 -9.52
N ARG C 55 5.40 -9.52 -8.91
CA ARG C 55 5.26 -8.16 -9.47
C ARG C 55 3.81 -7.93 -9.93
N GLN C 56 2.92 -8.13 -8.95
CA GLN C 56 1.47 -8.13 -9.19
C GLN C 56 0.87 -6.71 -9.18
N TRP C 57 1.67 -5.64 -9.00
CA TRP C 57 1.22 -4.25 -9.10
C TRP C 57 0.52 -3.92 -10.43
N LYS C 58 0.88 -4.58 -11.53
CA LYS C 58 0.15 -4.31 -12.78
C LYS C 58 -1.32 -4.74 -12.61
N HIS C 59 -1.55 -5.75 -11.77
CA HIS C 59 -2.91 -6.25 -11.49
C HIS C 59 -3.66 -5.30 -10.56
N ILE C 60 -2.92 -4.64 -9.66
CA ILE C 60 -3.49 -3.59 -8.79
C ILE C 60 -3.98 -2.47 -9.70
N TYR C 61 -3.20 -2.09 -10.73
CA TYR C 61 -3.65 -1.20 -11.81
C TYR C 61 -4.95 -1.68 -12.49
N ASP C 62 -5.12 -3.01 -12.54
CA ASP C 62 -6.38 -3.61 -13.01
C ASP C 62 -7.56 -3.31 -12.07
N GLU C 63 -7.40 -3.56 -10.77
CA GLU C 63 -8.40 -3.15 -9.76
C GLU C 63 -8.61 -1.62 -9.66
N LEU C 64 -7.56 -0.80 -9.82
CA LEU C 64 -7.65 0.67 -9.90
C LEU C 64 -8.47 1.15 -11.11
N GLY C 65 -8.12 0.63 -12.30
CA GLY C 65 -8.84 1.10 -13.49
C GLY C 65 -7.98 1.04 -14.76
N GLY C 66 -8.47 1.63 -15.85
CA GLY C 66 -7.66 1.75 -17.07
C GLY C 66 -7.05 3.16 -17.21
N ASN C 67 -5.78 3.27 -17.66
CA ASN C 67 -5.09 4.58 -17.84
C ASN C 67 -4.26 4.59 -19.15
N PRO C 68 -4.83 5.10 -20.27
CA PRO C 68 -4.18 5.13 -21.59
C PRO C 68 -2.75 5.70 -21.64
N GLY C 69 -1.82 4.90 -22.20
CA GLY C 69 -0.43 5.33 -22.39
C GLY C 69 0.56 4.86 -21.32
N SER C 70 0.06 4.29 -20.22
CA SER C 70 0.95 3.86 -19.14
C SER C 70 0.86 2.35 -18.85
N THR C 71 2.01 1.67 -18.86
CA THR C 71 2.05 0.23 -18.56
C THR C 71 2.77 -0.03 -17.22
N SER C 72 3.19 1.04 -16.56
CA SER C 72 3.89 0.91 -15.27
C SER C 72 3.39 1.98 -14.27
N ALA C 73 2.08 2.19 -14.23
CA ALA C 73 1.48 3.19 -13.35
C ALA C 73 1.45 2.75 -11.88
N ALA C 74 1.03 1.51 -11.64
CA ALA C 74 0.96 0.99 -10.27
C ALA C 74 2.31 0.47 -9.81
N THR C 75 3.25 0.33 -10.75
CA THR C 75 4.59 -0.14 -10.44
C THR C 75 5.35 0.90 -9.61
N CYS C 76 5.08 2.17 -9.90
CA CYS C 76 5.69 3.28 -9.17
C CYS C 76 5.14 3.35 -7.76
N THR C 77 3.90 2.89 -7.61
CA THR C 77 3.20 2.87 -6.32
C THR C 77 3.88 1.91 -5.33
N ARG C 78 4.55 0.89 -5.87
CA ARG C 78 5.28 -0.11 -5.08
C ARG C 78 6.29 0.54 -4.12
N ARG C 79 6.99 1.53 -4.65
CA ARG C 79 8.03 2.28 -3.94
C ARG C 79 7.47 3.26 -2.91
N HIS C 80 6.22 3.70 -3.10
CA HIS C 80 5.46 4.46 -2.10
C HIS C 80 4.94 3.53 -1.00
N TYR C 81 4.27 2.42 -1.35
CA TYR C 81 3.70 1.46 -0.38
C TYR C 81 4.74 0.91 0.61
N GLU C 82 5.98 0.66 0.16
CA GLU C 82 7.04 0.09 0.99
C GLU C 82 7.57 1.07 2.06
N ARG C 83 7.10 2.33 2.03
CA ARG C 83 7.35 3.30 3.10
C ARG C 83 6.07 3.93 3.68
N LEU C 84 4.90 3.67 3.09
CA LEU C 84 3.67 4.40 3.42
C LEU C 84 2.59 3.49 4.04
N ILE C 85 2.79 2.17 4.01
CA ILE C 85 1.95 1.25 4.80
C ILE C 85 2.61 -0.11 5.07
N LEU C 86 3.59 -0.56 4.30
CA LEU C 86 4.42 -1.71 4.67
C LEU C 86 4.96 -1.64 6.12
N PRO C 87 5.42 -0.47 6.65
CA PRO C 87 5.78 -0.34 8.06
C PRO C 87 4.60 -0.30 9.05
N TYR C 88 3.35 -0.05 8.61
CA TYR C 88 2.19 0.06 9.51
C TYR C 88 1.22 -1.14 9.46
N GLU C 89 1.08 -1.86 8.33
CA GLU C 89 0.37 -3.16 8.32
C GLU C 89 1.00 -4.18 9.30
N ARG C 90 2.23 -3.86 9.75
CA ARG C 90 2.89 -4.60 10.85
C ARG C 90 2.03 -4.72 12.12
N PHE C 91 1.18 -3.74 12.47
CA PHE C 91 0.22 -3.91 13.57
C PHE C 91 -0.99 -4.79 13.20
N ILE C 92 -1.38 -4.83 11.93
CA ILE C 92 -2.52 -5.66 11.47
C ILE C 92 -2.08 -7.13 11.43
N LYS C 93 -0.86 -7.38 10.94
CA LYS C 93 -0.36 -8.73 10.70
C LYS C 93 0.43 -9.31 11.88
N GLY C 94 0.60 -8.51 12.93
CA GLY C 94 1.31 -8.91 14.15
C GLY C 94 0.45 -8.83 15.42
N GLU C 95 -0.67 -8.10 15.42
CA GLU C 95 -1.52 -7.88 16.60
C GLU C 95 -3.03 -7.87 16.30
N GLU C 96 -3.46 -8.48 15.19
CA GLU C 96 -4.89 -8.64 14.84
C GLU C 96 -5.20 -9.87 13.97
N ASP C 97 -4.45 -10.06 12.89
CA ASP C 97 -4.69 -11.20 12.00
C ASP C 97 -3.40 -11.62 11.30
N LYS C 98 -3.08 -12.90 11.40
CA LYS C 98 -1.88 -13.43 10.77
C LYS C 98 -2.16 -14.80 10.16
N PRO C 99 -2.57 -14.82 8.88
CA PRO C 99 -2.88 -16.06 8.17
C PRO C 99 -1.64 -16.69 7.52
N LEU C 100 -0.53 -15.98 7.56
CA LEU C 100 0.72 -16.47 6.96
C LEU C 100 1.81 -16.56 8.02
N PRO C 101 2.47 -17.74 8.14
CA PRO C 101 3.54 -17.95 9.12
C PRO C 101 4.83 -17.23 8.76
N PRO C 102 5.70 -16.96 9.76
CA PRO C 102 6.98 -16.27 9.55
C PRO C 102 8.02 -17.11 8.80
N ILE C 103 7.67 -18.37 8.53
CA ILE C 103 8.57 -19.27 7.82
C ILE C 103 8.50 -19.04 6.30
N LYS C 104 7.41 -18.41 5.85
CA LYS C 104 7.23 -18.14 4.43
C LYS C 104 7.20 -16.63 4.17
N PRO C 105 8.32 -16.08 3.64
CA PRO C 105 8.43 -14.65 3.34
C PRO C 105 7.70 -14.24 2.05
N ARG C 106 7.63 -15.17 1.10
CA ARG C 106 6.97 -14.93 -0.18
C ARG C 106 6.34 -16.21 -0.70
N LYS C 107 5.26 -16.06 -1.46
CA LYS C 107 4.56 -17.20 -2.02
C LYS C 107 5.10 -17.55 -3.41
N ARG C 1 -13.37 1.11 7.06
CA ARG C 1 -13.07 2.54 6.79
C ARG C 1 -12.58 3.30 8.03
N ALA C 2 -13.42 3.39 9.07
CA ALA C 2 -13.16 4.27 10.21
C ALA C 2 -11.93 3.87 11.03
N ASP C 3 -11.67 2.57 11.18
CA ASP C 3 -10.49 2.08 11.90
C ASP C 3 -9.17 2.27 11.12
N GLU C 4 -9.22 2.21 9.78
CA GLU C 4 -8.04 2.52 8.96
C GLU C 4 -7.71 4.00 9.09
N GLN C 5 -8.73 4.87 8.98
CA GLN C 5 -8.52 6.30 9.19
C GLN C 5 -8.00 6.60 10.61
N ALA C 6 -8.58 6.03 11.66
CA ALA C 6 -8.07 6.16 13.02
C ALA C 6 -6.60 5.71 13.15
N PHE C 7 -6.24 4.53 12.63
CA PHE C 7 -4.86 4.04 12.69
C PHE C 7 -3.91 4.76 11.70
N LEU C 8 -4.43 5.50 10.70
CA LEU C 8 -3.53 6.32 9.89
C LEU C 8 -3.42 7.75 10.44
N VAL C 9 -4.34 8.18 11.31
CA VAL C 9 -4.16 9.42 12.10
C VAL C 9 -3.13 9.17 13.21
N ALA C 10 -3.17 7.98 13.82
CA ALA C 10 -2.11 7.55 14.73
C ALA C 10 -0.74 7.42 14.03
N LEU C 11 -0.69 6.81 12.83
CA LEU C 11 0.53 6.86 12.01
C LEU C 11 0.90 8.30 11.66
N TYR C 12 -0.03 9.16 11.26
CA TYR C 12 0.28 10.56 10.92
C TYR C 12 1.03 11.26 12.06
N LYS C 13 0.57 11.09 13.31
CA LYS C 13 1.31 11.58 14.47
C LYS C 13 2.69 10.93 14.57
N TYR C 14 2.79 9.59 14.61
CA TYR C 14 4.10 8.95 14.67
C TYR C 14 5.08 9.32 13.52
N MET C 15 4.60 9.41 12.27
CA MET C 15 5.45 9.72 11.13
C MET C 15 5.82 11.21 11.08
N LYS C 16 4.98 12.12 11.57
CA LYS C 16 5.38 13.53 11.79
C LYS C 16 6.47 13.63 12.87
N GLU C 17 6.39 12.80 13.92
CA GLU C 17 7.48 12.63 14.89
C GLU C 17 8.71 11.85 14.33
N ARG C 18 8.66 11.43 13.06
CA ARG C 18 9.80 10.79 12.36
C ARG C 18 10.25 11.59 11.12
N LYS C 19 9.91 12.89 11.05
CA LYS C 19 10.30 13.86 10.01
C LYS C 19 9.75 13.48 8.63
N THR C 20 8.68 12.68 8.63
CA THR C 20 8.08 12.15 7.41
C THR C 20 6.54 12.26 7.48
N PRO C 21 5.95 13.46 7.71
CA PRO C 21 4.50 13.62 7.80
C PRO C 21 3.79 13.35 6.46
N ILE C 22 2.48 13.08 6.51
CA ILE C 22 1.62 13.04 5.30
C ILE C 22 1.62 14.41 4.57
N GLU C 23 1.95 15.47 5.32
CA GLU C 23 2.24 16.80 4.76
C GLU C 23 3.36 16.83 3.67
N ARG C 24 4.15 15.76 3.48
CA ARG C 24 5.11 15.57 2.36
C ARG C 24 4.72 14.44 1.38
N ILE C 25 3.49 13.93 1.49
CA ILE C 25 2.93 12.80 0.70
C ILE C 25 1.57 13.25 0.11
N PRO C 26 1.66 14.19 -0.85
CA PRO C 26 0.49 14.89 -1.41
C PRO C 26 -0.57 14.07 -2.12
N TYR C 27 -0.20 13.23 -3.06
CA TYR C 27 -1.23 12.54 -3.81
C TYR C 27 -0.82 11.20 -4.41
N LEU C 28 -1.85 10.57 -4.98
CA LEU C 28 -1.73 9.31 -5.71
C LEU C 28 -1.34 9.69 -7.13
N GLY C 29 -0.86 8.75 -7.93
CA GLY C 29 -0.43 9.10 -9.27
C GLY C 29 -1.43 9.97 -10.04
N PHE C 30 -2.66 9.50 -10.19
CA PHE C 30 -3.67 10.29 -10.88
C PHE C 30 -4.68 10.95 -9.93
N LYS C 31 -4.81 10.41 -8.72
CA LYS C 31 -5.80 10.89 -7.75
C LYS C 31 -5.16 11.28 -6.41
N GLN C 32 -6.01 11.52 -5.39
CA GLN C 32 -5.53 11.86 -4.04
C GLN C 32 -4.80 10.66 -3.43
N ILE C 33 -3.92 10.92 -2.45
CA ILE C 33 -3.11 9.84 -1.84
C ILE C 33 -3.93 8.78 -1.10
N ASN C 34 -4.84 9.20 -0.21
CA ASN C 34 -5.67 8.27 0.57
C ASN C 34 -4.80 7.19 1.25
N LEU C 35 -5.37 6.01 1.53
CA LEU C 35 -4.60 4.93 2.15
C LEU C 35 -5.38 3.62 2.28
N TRP C 36 -6.47 3.64 3.05
CA TRP C 36 -7.30 2.44 3.31
C TRP C 36 -7.63 1.65 2.02
N THR C 37 -7.81 2.37 0.90
CA THR C 37 -8.11 1.79 -0.41
C THR C 37 -6.90 1.09 -1.05
N MET C 38 -5.73 1.73 -1.12
CA MET C 38 -4.52 1.03 -1.60
C MET C 38 -4.12 -0.16 -0.70
N PHE C 39 -4.43 -0.06 0.60
CA PHE C 39 -4.27 -1.18 1.53
C PHE C 39 -5.18 -2.35 1.19
N GLN C 40 -6.51 -2.18 1.18
CA GLN C 40 -7.40 -3.31 0.85
C GLN C 40 -7.19 -3.84 -0.58
N ALA C 41 -6.76 -2.98 -1.52
CA ALA C 41 -6.31 -3.40 -2.84
C ALA C 41 -5.07 -4.32 -2.76
N ALA C 42 -4.00 -3.89 -2.07
CA ALA C 42 -2.82 -4.73 -1.85
C ALA C 42 -3.16 -6.06 -1.16
N GLN C 43 -4.10 -6.05 -0.19
CA GLN C 43 -4.50 -7.27 0.51
C GLN C 43 -5.30 -8.23 -0.39
N LYS C 44 -5.93 -7.72 -1.45
CA LYS C 44 -6.56 -8.56 -2.49
C LYS C 44 -5.51 -9.10 -3.45
N LEU C 45 -4.61 -8.21 -3.91
CA LEU C 45 -3.46 -8.60 -4.74
C LEU C 45 -2.33 -9.35 -3.96
N GLY C 46 -2.58 -9.81 -2.72
CA GLY C 46 -1.65 -10.76 -2.04
C GLY C 46 -0.73 -10.20 -0.93
N GLY C 47 -1.16 -9.09 -0.34
CA GLY C 47 -0.35 -8.28 0.57
C GLY C 47 0.92 -7.72 -0.08
N TYR C 48 1.63 -6.87 0.68
CA TYR C 48 2.96 -6.39 0.28
C TYR C 48 3.96 -7.52 -0.06
N GLU C 49 3.73 -8.75 0.42
CA GLU C 49 4.65 -9.87 0.21
C GLU C 49 4.55 -10.45 -1.21
N THR C 50 3.33 -10.74 -1.70
CA THR C 50 3.14 -11.10 -3.11
C THR C 50 3.50 -9.93 -4.02
N ILE C 51 3.20 -8.70 -3.59
CA ILE C 51 3.63 -7.48 -4.30
C ILE C 51 5.15 -7.43 -4.50
N THR C 52 5.94 -7.73 -3.46
CA THR C 52 7.41 -7.72 -3.56
C THR C 52 7.94 -8.91 -4.36
N ALA C 53 7.30 -10.07 -4.23
CA ALA C 53 7.67 -11.26 -5.02
C ALA C 53 7.32 -11.14 -6.52
N ARG C 54 6.36 -10.27 -6.91
CA ARG C 54 5.82 -10.27 -8.29
C ARG C 54 5.72 -8.90 -8.99
N ARG C 55 6.00 -7.79 -8.30
CA ARG C 55 5.73 -6.40 -8.75
C ARG C 55 4.28 -6.27 -9.21
N GLN C 56 3.41 -6.63 -8.26
CA GLN C 56 1.96 -6.74 -8.51
C GLN C 56 1.23 -5.38 -8.41
N TRP C 57 1.93 -4.27 -8.14
CA TRP C 57 1.35 -2.92 -8.14
C TRP C 57 0.63 -2.56 -9.44
N LYS C 58 1.06 -3.10 -10.57
CA LYS C 58 0.35 -2.83 -11.82
C LYS C 58 -1.10 -3.33 -11.72
N HIS C 59 -1.32 -4.36 -10.89
CA HIS C 59 -2.66 -4.92 -10.65
C HIS C 59 -3.45 -4.04 -9.66
N ILE C 60 -2.75 -3.45 -8.68
CA ILE C 60 -3.34 -2.48 -7.77
C ILE C 60 -3.80 -1.29 -8.60
N TYR C 61 -2.99 -0.82 -9.57
CA TYR C 61 -3.41 0.15 -10.59
C TYR C 61 -4.70 -0.28 -11.34
N ASP C 62 -4.88 -1.60 -11.49
CA ASP C 62 -6.12 -2.17 -12.05
C ASP C 62 -7.32 -1.94 -11.12
N GLU C 63 -7.20 -2.28 -9.84
CA GLU C 63 -8.22 -1.96 -8.82
C GLU C 63 -8.43 -0.43 -8.61
N LEU C 64 -7.39 0.40 -8.69
CA LEU C 64 -7.48 1.87 -8.64
C LEU C 64 -8.26 2.44 -9.85
N GLY C 65 -7.81 2.06 -11.01
CA GLY C 65 -8.43 2.59 -12.20
C GLY C 65 -7.41 2.76 -13.30
N GLY C 66 -7.79 3.24 -14.46
CA GLY C 66 -6.78 3.48 -15.48
C GLY C 66 -6.36 4.95 -15.60
N ASN C 67 -5.07 5.19 -15.82
CA ASN C 67 -4.53 6.55 -16.04
C ASN C 67 -3.81 6.57 -17.42
N PRO C 68 -4.51 7.05 -18.47
CA PRO C 68 -4.00 7.08 -19.87
C PRO C 68 -2.57 7.63 -20.06
N GLY C 69 -1.75 6.88 -20.82
CA GLY C 69 -0.39 7.28 -21.12
C GLY C 69 0.67 6.59 -20.27
N SER C 70 0.25 5.93 -19.19
CA SER C 70 1.21 5.25 -18.31
C SER C 70 1.00 3.75 -18.21
N THR C 71 2.07 2.99 -18.39
CA THR C 71 2.03 1.53 -18.24
C THR C 71 2.61 1.17 -16.86
N SER C 72 3.07 2.21 -16.15
CA SER C 72 3.65 2.05 -14.83
C SER C 72 3.43 3.32 -14.00
N ALA C 73 2.43 3.29 -13.13
CA ALA C 73 2.10 4.44 -12.29
C ALA C 73 2.02 4.06 -10.83
N ALA C 74 1.79 2.78 -10.58
CA ALA C 74 1.68 2.25 -9.23
C ALA C 74 3.05 2.05 -8.59
N THR C 75 4.10 2.15 -9.41
CA THR C 75 5.48 2.01 -8.95
C THR C 75 5.80 3.08 -7.90
N CYS C 76 5.35 4.31 -8.16
CA CYS C 76 5.56 5.42 -7.24
C CYS C 76 4.71 5.25 -5.98
N THR C 77 3.56 4.58 -6.14
CA THR C 77 2.65 4.31 -5.01
C THR C 77 3.33 3.40 -4.00
N ARG C 78 4.23 2.56 -4.50
CA ARG C 78 4.99 1.61 -3.68
C ARG C 78 5.89 2.36 -2.69
N ARG C 79 6.41 3.50 -3.13
CA ARG C 79 7.31 4.33 -2.32
C ARG C 79 6.57 5.08 -1.20
N HIS C 80 5.28 5.34 -1.38
CA HIS C 80 4.40 5.87 -0.33
C HIS C 80 4.02 4.75 0.65
N TYR C 81 3.54 3.59 0.16
CA TYR C 81 3.11 2.46 1.00
C TYR C 81 4.21 1.98 1.97
N GLU C 82 5.48 1.98 1.53
CA GLU C 82 6.61 1.48 2.34
C GLU C 82 6.95 2.41 3.51
N ARG C 83 6.30 3.58 3.59
CA ARG C 83 6.37 4.45 4.77
C ARG C 83 5.00 4.81 5.38
N LEU C 84 3.89 4.43 4.72
CA LEU C 84 2.57 4.93 5.09
C LEU C 84 1.63 3.80 5.58
N ILE C 85 2.03 2.53 5.41
CA ILE C 85 1.34 1.40 6.08
C ILE C 85 2.19 0.15 6.23
N LEU C 86 3.26 -0.05 5.44
CA LEU C 86 4.26 -1.09 5.71
C LEU C 86 4.77 -1.08 7.19
N PRO C 87 5.02 0.07 7.85
CA PRO C 87 5.33 0.10 9.28
C PRO C 87 4.14 -0.15 10.22
N TYR C 88 2.88 -0.06 9.77
CA TYR C 88 1.70 -0.22 10.65
C TYR C 88 0.94 -1.55 10.43
N GLU C 89 0.92 -2.16 9.24
CA GLU C 89 0.43 -3.55 9.07
C GLU C 89 1.20 -4.55 9.96
N ARG C 90 2.36 -4.10 10.47
CA ARG C 90 3.11 -4.83 11.51
C ARG C 90 2.26 -5.24 12.73
N PHE C 91 1.27 -4.43 13.15
CA PHE C 91 0.33 -4.87 14.21
C PHE C 91 -0.71 -5.89 13.71
N ILE C 92 -1.08 -5.84 12.42
CA ILE C 92 -2.06 -6.79 11.84
C ILE C 92 -1.40 -8.16 11.66
N LYS C 93 -0.15 -8.15 11.20
CA LYS C 93 0.58 -9.38 10.82
C LYS C 93 1.42 -9.96 11.97
N GLY C 94 1.44 -9.25 13.10
CA GLY C 94 2.19 -9.67 14.29
C GLY C 94 1.32 -9.87 15.54
N GLU C 95 0.09 -9.32 15.57
CA GLU C 95 -0.80 -9.37 16.75
C GLU C 95 -2.29 -9.55 16.40
N GLU C 96 -2.60 -10.10 15.22
CA GLU C 96 -3.98 -10.45 14.81
C GLU C 96 -4.07 -11.62 13.80
N ASP C 97 -3.26 -11.59 12.75
CA ASP C 97 -3.30 -12.66 11.75
C ASP C 97 -1.94 -12.83 11.08
N LYS C 98 -1.68 -14.04 10.61
CA LYS C 98 -0.41 -14.34 9.93
C LYS C 98 -0.62 -15.29 8.75
N PRO C 99 -1.31 -14.84 7.68
CA PRO C 99 -1.56 -15.67 6.50
C PRO C 99 -0.39 -15.67 5.51
N LEU C 100 0.56 -14.75 5.72
CA LEU C 100 1.71 -14.64 4.84
C LEU C 100 3.00 -14.60 5.65
N PRO C 101 3.67 -15.76 5.81
CA PRO C 101 4.92 -15.84 6.57
C PRO C 101 6.11 -15.27 5.79
N PRO C 102 7.19 -14.88 6.50
CA PRO C 102 8.39 -14.30 5.88
C PRO C 102 9.31 -15.34 5.24
N ILE C 103 8.75 -16.51 4.91
CA ILE C 103 9.52 -17.58 4.26
C ILE C 103 9.81 -17.22 2.80
N LYS C 104 8.86 -16.53 2.17
CA LYS C 104 9.02 -16.10 0.79
C LYS C 104 8.75 -14.61 0.67
N PRO C 105 9.76 -13.76 0.95
CA PRO C 105 9.63 -12.31 0.85
C PRO C 105 9.71 -11.80 -0.59
N ARG C 106 10.47 -12.51 -1.42
CA ARG C 106 10.63 -12.14 -2.82
C ARG C 106 10.94 -13.37 -3.66
N LYS C 107 10.36 -13.44 -4.85
CA LYS C 107 10.57 -14.56 -5.74
C LYS C 107 11.45 -14.14 -6.93
N ARG C 1 -11.92 1.65 7.03
CA ARG C 1 -11.62 3.03 6.54
C ARG C 1 -11.07 3.95 7.64
N ALA C 2 -11.88 4.19 8.69
CA ALA C 2 -11.57 5.23 9.68
C ALA C 2 -10.31 4.92 10.51
N ASP C 3 -10.05 3.66 10.84
CA ASP C 3 -8.86 3.25 11.59
C ASP C 3 -7.58 3.29 10.74
N GLU C 4 -7.67 3.05 9.42
CA GLU C 4 -6.52 3.22 8.53
C GLU C 4 -6.16 4.70 8.43
N GLN C 5 -7.17 5.56 8.24
CA GLN C 5 -6.93 7.00 8.23
C GLN C 5 -6.35 7.50 9.57
N ALA C 6 -6.91 7.08 10.71
CA ALA C 6 -6.35 7.41 12.03
C ALA C 6 -4.88 6.95 12.17
N PHE C 7 -4.56 5.70 11.81
CA PHE C 7 -3.18 5.20 11.89
C PHE C 7 -2.27 5.74 10.79
N LEU C 8 -2.81 6.35 9.70
CA LEU C 8 -1.92 7.03 8.75
C LEU C 8 -1.78 8.53 9.08
N VAL C 9 -2.66 9.09 9.92
CA VAL C 9 -2.43 10.43 10.51
C VAL C 9 -1.37 10.32 11.62
N ALA C 10 -1.39 9.23 12.39
CA ALA C 10 -0.31 8.91 13.33
C ALA C 10 1.02 8.66 12.61
N LEU C 11 1.03 7.88 11.49
CA LEU C 11 2.21 7.80 10.65
C LEU C 11 2.59 9.16 10.07
N TYR C 12 1.66 9.98 9.58
CA TYR C 12 1.98 11.30 9.05
C TYR C 12 2.77 12.15 10.04
N LYS C 13 2.35 12.17 11.32
CA LYS C 13 3.15 12.80 12.38
C LYS C 13 4.52 12.14 12.53
N TYR C 14 4.59 10.83 12.75
CA TYR C 14 5.91 10.17 12.86
C TYR C 14 6.84 10.36 11.64
N MET C 15 6.33 10.29 10.41
CA MET C 15 7.13 10.42 9.19
C MET C 15 7.54 11.87 8.93
N LYS C 16 6.72 12.86 9.31
CA LYS C 16 7.13 14.27 9.33
C LYS C 16 8.28 14.51 10.34
N GLU C 17 8.21 13.84 11.49
CA GLU C 17 9.34 13.79 12.45
C GLU C 17 10.53 12.92 11.96
N ARG C 18 10.43 12.31 10.76
CA ARG C 18 11.55 11.57 10.12
C ARG C 18 11.96 12.17 8.77
N LYS C 19 11.64 13.46 8.53
CA LYS C 19 12.00 14.26 7.35
C LYS C 19 11.40 13.70 6.06
N THR C 20 10.32 12.93 6.21
CA THR C 20 9.67 12.24 5.09
C THR C 20 8.13 12.39 5.19
N PRO C 21 7.57 13.61 5.27
CA PRO C 21 6.13 13.81 5.38
C PRO C 21 5.36 13.37 4.12
N ILE C 22 4.05 13.13 4.26
CA ILE C 22 3.15 12.94 3.08
C ILE C 22 3.14 14.19 2.18
N GLU C 23 3.52 15.35 2.76
CA GLU C 23 3.81 16.57 2.00
C GLU C 23 4.88 16.43 0.88
N ARG C 24 5.65 15.32 0.82
CA ARG C 24 6.57 14.97 -0.30
C ARG C 24 6.14 13.72 -1.09
N ILE C 25 4.91 13.24 -0.88
CA ILE C 25 4.30 12.03 -1.47
C ILE C 25 2.93 12.42 -2.07
N PRO C 26 2.95 13.23 -3.14
CA PRO C 26 1.74 13.83 -3.71
C PRO C 26 0.69 12.92 -4.32
N TYR C 27 1.05 12.05 -5.25
CA TYR C 27 0.02 11.24 -5.90
C TYR C 27 0.26 9.74 -5.89
N LEU C 28 -0.56 9.09 -6.70
CA LEU C 28 -0.59 7.66 -6.97
C LEU C 28 -0.48 7.52 -8.48
N GLY C 29 -0.18 6.32 -9.00
CA GLY C 29 -0.03 6.17 -10.45
C GLY C 29 -1.12 6.88 -11.23
N PHE C 30 -2.38 6.58 -10.98
CA PHE C 30 -3.45 7.27 -11.69
C PHE C 30 -4.14 8.36 -10.84
N LYS C 31 -4.44 8.03 -9.58
CA LYS C 31 -5.16 8.92 -8.67
C LYS C 31 -4.25 9.49 -7.56
N GLN C 32 -4.87 10.11 -6.54
CA GLN C 32 -4.16 10.69 -5.40
C GLN C 32 -3.44 9.58 -4.59
N ILE C 33 -2.51 9.99 -3.72
CA ILE C 33 -1.71 9.03 -2.94
C ILE C 33 -2.55 8.08 -2.07
N ASN C 34 -3.47 8.64 -1.25
CA ASN C 34 -4.30 7.83 -0.34
C ASN C 34 -3.45 6.80 0.40
N LEU C 35 -4.03 5.64 0.75
CA LEU C 35 -3.25 4.59 1.43
C LEU C 35 -4.05 3.31 1.67
N TRP C 36 -5.07 3.40 2.54
CA TRP C 36 -5.92 2.25 2.91
C TRP C 36 -6.31 1.34 1.71
N THR C 37 -6.59 1.95 0.57
CA THR C 37 -6.96 1.26 -0.69
C THR C 37 -5.79 0.51 -1.31
N MET C 38 -4.60 1.13 -1.48
CA MET C 38 -3.42 0.38 -1.97
C MET C 38 -2.98 -0.72 -0.97
N PHE C 39 -3.24 -0.51 0.32
CA PHE C 39 -3.03 -1.54 1.33
C PHE C 39 -3.96 -2.74 1.13
N GLN C 40 -5.29 -2.56 1.18
CA GLN C 40 -6.20 -3.71 0.98
C GLN C 40 -6.06 -4.36 -0.41
N ALA C 41 -5.66 -3.59 -1.43
CA ALA C 41 -5.27 -4.13 -2.73
C ALA C 41 -4.03 -5.03 -2.63
N ALA C 42 -2.93 -4.57 -2.03
CA ALA C 42 -1.74 -5.38 -1.79
C ALA C 42 -2.04 -6.64 -0.97
N GLN C 43 -2.94 -6.55 0.03
CA GLN C 43 -3.32 -7.69 0.86
C GLN C 43 -4.15 -8.73 0.08
N LYS C 44 -4.84 -8.31 -1.00
CA LYS C 44 -5.50 -9.23 -1.92
C LYS C 44 -4.50 -9.86 -2.89
N LEU C 45 -3.63 -9.03 -3.46
CA LEU C 45 -2.52 -9.48 -4.30
C LEU C 45 -1.34 -10.17 -3.51
N GLY C 46 -1.54 -10.53 -2.22
CA GLY C 46 -0.60 -11.42 -1.50
C GLY C 46 0.38 -10.76 -0.50
N GLY C 47 -0.03 -9.60 0.02
CA GLY C 47 0.83 -8.72 0.82
C GLY C 47 2.08 -8.22 0.06
N TYR C 48 2.81 -7.32 0.71
CA TYR C 48 4.13 -6.88 0.22
C TYR C 48 5.10 -8.04 -0.07
N GLU C 49 4.89 -9.22 0.52
CA GLU C 49 5.82 -10.35 0.36
C GLU C 49 5.65 -11.07 -0.98
N THR C 50 4.41 -11.38 -1.40
CA THR C 50 4.15 -11.86 -2.77
C THR C 50 4.47 -10.78 -3.78
N ILE C 51 4.19 -9.50 -3.44
CA ILE C 51 4.59 -8.37 -4.28
C ILE C 51 6.10 -8.33 -4.55
N THR C 52 6.93 -8.55 -3.54
CA THR C 52 8.40 -8.55 -3.69
C THR C 52 8.89 -9.81 -4.41
N ALA C 53 8.27 -10.95 -4.15
CA ALA C 53 8.59 -12.20 -4.85
C ALA C 53 8.17 -12.21 -6.34
N ARG C 54 7.20 -11.37 -6.75
CA ARG C 54 6.59 -11.49 -8.11
C ARG C 54 6.47 -10.19 -8.91
N ARG C 55 6.77 -9.02 -8.33
CA ARG C 55 6.49 -7.67 -8.90
C ARG C 55 5.01 -7.58 -9.30
N GLN C 56 4.19 -7.86 -8.28
CA GLN C 56 2.73 -7.98 -8.46
C GLN C 56 2.01 -6.61 -8.44
N TRP C 57 2.72 -5.48 -8.30
CA TRP C 57 2.14 -4.14 -8.39
C TRP C 57 1.36 -3.89 -9.69
N LYS C 58 1.73 -4.55 -10.76
CA LYS C 58 0.97 -4.40 -11.98
C LYS C 58 -0.46 -4.97 -11.81
N HIS C 59 -0.59 -5.94 -10.91
CA HIS C 59 -1.89 -6.55 -10.59
C HIS C 59 -2.69 -5.63 -9.63
N ILE C 60 -1.98 -4.93 -8.75
CA ILE C 60 -2.58 -3.92 -7.86
C ILE C 60 -3.15 -2.82 -8.76
N TYR C 61 -2.42 -2.39 -9.80
CA TYR C 61 -2.94 -1.51 -10.86
C TYR C 61 -4.22 -2.07 -11.52
N ASP C 62 -4.32 -3.40 -11.57
CA ASP C 62 -5.56 -4.08 -12.03
C ASP C 62 -6.73 -3.85 -11.06
N GLU C 63 -6.53 -4.10 -9.77
CA GLU C 63 -7.53 -3.76 -8.73
C GLU C 63 -7.83 -2.24 -8.62
N LEU C 64 -6.83 -1.36 -8.80
CA LEU C 64 -7.00 0.10 -8.86
C LEU C 64 -7.86 0.54 -10.06
N GLY C 65 -7.53 0.05 -11.24
CA GLY C 65 -8.30 0.48 -12.40
C GLY C 65 -7.50 0.46 -13.70
N GLY C 66 -8.01 1.18 -14.71
CA GLY C 66 -7.28 1.36 -15.96
C GLY C 66 -6.66 2.77 -16.04
N ASN C 67 -5.44 2.91 -16.62
CA ASN C 67 -4.79 4.23 -16.77
C ASN C 67 -4.24 4.40 -18.20
N PRO C 68 -4.98 5.11 -19.10
CA PRO C 68 -4.58 5.31 -20.50
C PRO C 68 -3.14 5.78 -20.74
N GLY C 69 -2.41 5.02 -21.57
CA GLY C 69 -1.05 5.39 -21.96
C GLY C 69 0.08 4.82 -21.10
N SER C 70 -0.24 4.24 -19.95
CA SER C 70 0.80 3.72 -19.05
C SER C 70 0.71 2.20 -18.83
N THR C 71 1.86 1.52 -18.98
CA THR C 71 1.92 0.08 -18.75
C THR C 71 2.56 -0.21 -17.38
N SER C 72 3.10 0.85 -16.76
CA SER C 72 3.73 0.74 -15.45
C SER C 72 3.52 2.01 -14.63
N ALA C 73 2.55 1.97 -13.73
CA ALA C 73 2.24 3.12 -12.89
C ALA C 73 2.17 2.75 -11.41
N ALA C 74 1.91 1.48 -11.12
CA ALA C 74 1.82 1.02 -9.73
C ALA C 74 3.19 0.60 -9.20
N THR C 75 4.16 0.48 -10.12
CA THR C 75 5.53 0.12 -9.75
C THR C 75 6.14 1.21 -8.87
N CYS C 76 5.72 2.45 -9.15
CA CYS C 76 6.17 3.61 -8.40
C CYS C 76 5.59 3.61 -6.98
N THR C 77 4.41 3.00 -6.84
CA THR C 77 3.72 2.90 -5.57
C THR C 77 4.49 2.06 -4.55
N ARG C 78 5.28 1.11 -5.04
CA ARG C 78 6.10 0.24 -4.18
C ARG C 78 7.01 1.04 -3.27
N ARG C 79 7.58 2.10 -3.84
CA ARG C 79 8.50 2.99 -3.15
C ARG C 79 7.80 3.90 -2.12
N HIS C 80 6.52 4.18 -2.32
CA HIS C 80 5.66 4.84 -1.34
C HIS C 80 5.26 3.86 -0.23
N TYR C 81 4.75 2.66 -0.57
CA TYR C 81 4.31 1.66 0.41
C TYR C 81 5.40 1.26 1.41
N GLU C 82 6.67 1.17 0.98
CA GLU C 82 7.79 0.76 1.81
C GLU C 82 8.17 1.81 2.87
N ARG C 83 7.55 2.99 2.82
CA ARG C 83 7.66 4.00 3.88
C ARG C 83 6.31 4.46 4.45
N LEU C 84 5.18 4.04 3.86
CA LEU C 84 3.87 4.60 4.17
C LEU C 84 2.91 3.58 4.80
N ILE C 85 3.29 2.29 4.80
CA ILE C 85 2.57 1.27 5.60
C ILE C 85 3.40 0.02 5.89
N LEU C 86 4.44 -0.30 5.12
CA LEU C 86 5.42 -1.33 5.51
C LEU C 86 5.94 -1.16 6.96
N PRO C 87 6.23 0.06 7.48
CA PRO C 87 6.57 0.25 8.89
C PRO C 87 5.38 0.15 9.88
N TYR C 88 4.11 0.22 9.42
CA TYR C 88 2.94 0.19 10.33
C TYR C 88 2.15 -1.12 10.28
N GLU C 89 2.10 -1.87 9.17
CA GLU C 89 1.58 -3.25 9.17
C GLU C 89 2.34 -4.17 10.17
N ARG C 90 3.51 -3.69 10.62
CA ARG C 90 4.25 -4.31 11.73
C ARG C 90 3.40 -4.54 12.99
N PHE C 91 2.44 -3.67 13.33
CA PHE C 91 1.50 -3.95 14.43
C PHE C 91 0.43 -4.99 14.07
N ILE C 92 0.05 -5.09 12.79
CA ILE C 92 -0.95 -6.08 12.35
C ILE C 92 -0.34 -7.49 12.32
N LYS C 93 0.91 -7.57 11.85
CA LYS C 93 1.60 -8.84 11.62
C LYS C 93 2.44 -9.30 12.82
N GLY C 94 2.50 -8.46 13.86
CA GLY C 94 3.25 -8.75 15.08
C GLY C 94 2.38 -8.78 16.35
N GLU C 95 1.17 -8.19 16.33
CA GLU C 95 0.29 -8.08 17.51
C GLU C 95 -1.21 -8.26 17.20
N GLU C 96 -1.54 -8.94 16.10
CA GLU C 96 -2.93 -9.29 15.75
C GLU C 96 -3.07 -10.58 14.90
N ASP C 97 -2.35 -10.66 13.77
CA ASP C 97 -2.44 -11.83 12.89
C ASP C 97 -1.57 -11.66 11.63
N LYS C 98 -0.99 -12.76 11.18
CA LYS C 98 -0.14 -12.74 9.99
C LYS C 98 -0.98 -13.07 8.75
N PRO C 99 -0.98 -12.18 7.74
CA PRO C 99 -1.74 -12.38 6.50
C PRO C 99 -1.03 -13.31 5.51
N LEU C 100 0.11 -13.86 5.91
CA LEU C 100 0.86 -14.77 5.05
C LEU C 100 0.78 -16.20 5.57
N PRO C 101 0.14 -17.09 4.80
CA PRO C 101 -0.01 -18.50 5.18
C PRO C 101 1.26 -19.30 4.91
N PRO C 102 1.45 -20.42 5.64
CA PRO C 102 2.63 -21.29 5.47
C PRO C 102 2.62 -22.04 4.14
N ILE C 103 1.49 -22.00 3.43
CA ILE C 103 1.36 -22.67 2.14
C ILE C 103 1.65 -21.70 0.99
N LYS C 104 1.36 -20.42 1.19
CA LYS C 104 1.59 -19.41 0.17
C LYS C 104 2.01 -18.07 0.78
N PRO C 105 3.26 -17.97 1.25
CA PRO C 105 3.77 -16.74 1.84
C PRO C 105 4.14 -15.69 0.79
N ARG C 106 4.72 -16.15 -0.32
CA ARG C 106 5.11 -15.26 -1.40
C ARG C 106 5.25 -16.02 -2.72
N LYS C 107 5.69 -17.28 -2.63
CA LYS C 107 5.87 -18.11 -3.81
C LYS C 107 5.45 -19.54 -3.53
N ARG C 1 -13.53 1.57 5.80
CA ARG C 1 -13.19 2.97 5.40
C ARG C 1 -12.67 3.81 6.58
N ALA C 2 -13.51 4.02 7.59
CA ALA C 2 -13.23 4.99 8.65
C ALA C 2 -12.01 4.63 9.52
N ASP C 3 -11.81 3.34 9.79
CA ASP C 3 -10.66 2.87 10.57
C ASP C 3 -9.34 2.93 9.79
N GLU C 4 -9.37 2.76 8.45
CA GLU C 4 -8.17 2.93 7.62
C GLU C 4 -7.79 4.42 7.62
N GLN C 5 -8.77 5.30 7.43
CA GLN C 5 -8.51 6.74 7.51
C GLN C 5 -7.98 7.16 8.90
N ALA C 6 -8.59 6.69 9.99
CA ALA C 6 -8.09 6.94 11.34
C ALA C 6 -6.64 6.44 11.52
N PHE C 7 -6.32 5.20 11.12
CA PHE C 7 -4.97 4.67 11.23
C PHE C 7 -3.98 5.25 10.20
N LEU C 8 -4.46 5.92 9.13
CA LEU C 8 -3.53 6.63 8.25
C LEU C 8 -3.36 8.10 8.68
N VAL C 9 -4.28 8.65 9.50
CA VAL C 9 -4.04 9.94 10.17
C VAL C 9 -3.04 9.75 11.32
N ALA C 10 -3.12 8.63 12.03
CA ALA C 10 -2.09 8.24 12.99
C ALA C 10 -0.72 8.00 12.32
N LEU C 11 -0.69 7.27 11.17
CA LEU C 11 0.54 7.21 10.37
C LEU C 11 0.97 8.59 9.89
N TYR C 12 0.08 9.45 9.40
CA TYR C 12 0.44 10.80 8.94
C TYR C 12 1.20 11.57 10.03
N LYS C 13 0.74 11.53 11.28
CA LYS C 13 1.49 12.10 12.40
C LYS C 13 2.84 11.39 12.59
N TYR C 14 2.88 10.07 12.74
CA TYR C 14 4.18 9.38 12.86
C TYR C 14 5.17 9.60 11.71
N MET C 15 4.71 9.61 10.45
CA MET C 15 5.57 9.78 9.29
C MET C 15 6.02 11.24 9.11
N LYS C 16 5.19 12.23 9.51
CA LYS C 16 5.65 13.62 9.61
C LYS C 16 6.74 13.78 10.69
N GLU C 17 6.61 13.06 11.80
CA GLU C 17 7.69 12.93 12.80
C GLU C 17 8.89 12.07 12.33
N ARG C 18 8.83 11.52 11.10
CA ARG C 18 9.95 10.78 10.47
C ARG C 18 10.44 11.45 9.17
N LYS C 19 10.15 12.75 8.99
CA LYS C 19 10.60 13.61 7.86
C LYS C 19 10.04 13.12 6.51
N THR C 20 8.95 12.37 6.58
CA THR C 20 8.33 11.76 5.40
C THR C 20 6.80 11.93 5.43
N PRO C 21 6.26 13.16 5.55
CA PRO C 21 4.81 13.39 5.61
C PRO C 21 4.10 13.03 4.30
N ILE C 22 2.78 12.81 4.35
CA ILE C 22 1.93 12.70 3.13
C ILE C 22 2.00 14.00 2.29
N GLU C 23 2.36 15.11 2.95
CA GLU C 23 2.71 16.37 2.27
C GLU C 23 3.83 16.26 1.20
N ARG C 24 4.58 15.14 1.12
CA ARG C 24 5.54 14.82 0.03
C ARG C 24 5.12 13.62 -0.85
N ILE C 25 3.87 13.16 -0.72
CA ILE C 25 3.27 12.00 -1.40
C ILE C 25 1.93 12.45 -2.04
N PRO C 26 2.02 13.27 -3.11
CA PRO C 26 0.86 13.92 -3.71
C PRO C 26 -0.15 13.08 -4.48
N TYR C 27 0.27 12.16 -5.33
CA TYR C 27 -0.71 11.44 -6.12
C TYR C 27 -0.55 9.93 -6.14
N LEU C 28 -1.44 9.35 -6.94
CA LEU C 28 -1.52 7.93 -7.25
C LEU C 28 -1.28 7.85 -8.75
N GLY C 29 -0.98 6.68 -9.31
CA GLY C 29 -0.66 6.61 -10.74
C GLY C 29 -1.59 7.45 -11.62
N PHE C 30 -2.90 7.27 -11.48
CA PHE C 30 -3.85 8.08 -12.26
C PHE C 30 -4.52 9.21 -11.44
N LYS C 31 -5.09 8.84 -10.29
CA LYS C 31 -5.85 9.76 -9.42
C LYS C 31 -5.09 10.12 -8.13
N GLN C 32 -5.83 10.73 -7.17
CA GLN C 32 -5.27 11.10 -5.87
C GLN C 32 -4.79 9.87 -5.09
N ILE C 33 -4.08 10.09 -3.96
CA ILE C 33 -3.49 8.98 -3.18
C ILE C 33 -4.49 7.91 -2.75
N ASN C 34 -5.60 8.32 -2.14
CA ASN C 34 -6.65 7.40 -1.69
C ASN C 34 -6.06 6.07 -1.16
N LEU C 35 -5.50 6.14 0.05
CA LEU C 35 -4.85 4.98 0.67
C LEU C 35 -5.75 3.76 0.86
N TRP C 36 -6.85 3.92 1.60
CA TRP C 36 -7.78 2.82 1.91
C TRP C 36 -8.23 2.08 0.63
N THR C 37 -8.24 2.78 -0.51
CA THR C 37 -8.65 2.22 -1.81
C THR C 37 -7.60 1.28 -2.40
N MET C 38 -6.32 1.68 -2.49
CA MET C 38 -5.26 0.74 -2.94
C MET C 38 -5.11 -0.46 -1.98
N PHE C 39 -5.38 -0.26 -0.69
CA PHE C 39 -5.44 -1.35 0.29
C PHE C 39 -6.57 -2.34 -0.02
N GLN C 40 -7.84 -1.91 -0.05
CA GLN C 40 -8.92 -2.87 -0.34
C GLN C 40 -8.82 -3.48 -1.75
N ALA C 41 -8.23 -2.77 -2.72
CA ALA C 41 -7.87 -3.32 -4.02
C ALA C 41 -6.83 -4.44 -3.89
N ALA C 42 -5.70 -4.20 -3.21
CA ALA C 42 -4.69 -5.23 -2.95
C ALA C 42 -5.28 -6.45 -2.20
N GLN C 43 -6.19 -6.23 -1.25
CA GLN C 43 -6.84 -7.31 -0.50
C GLN C 43 -7.79 -8.15 -1.37
N LYS C 44 -8.32 -7.56 -2.45
CA LYS C 44 -9.09 -8.31 -3.46
C LYS C 44 -8.16 -9.08 -4.40
N LEU C 45 -7.11 -8.40 -4.88
CA LEU C 45 -6.06 -9.03 -5.69
C LEU C 45 -5.09 -9.95 -4.87
N GLY C 46 -5.43 -10.30 -3.61
CA GLY C 46 -4.70 -11.39 -2.88
C GLY C 46 -3.69 -10.96 -1.80
N GLY C 47 -3.90 -9.77 -1.25
CA GLY C 47 -2.94 -9.10 -0.36
C GLY C 47 -1.59 -8.81 -1.02
N TYR C 48 -0.74 -8.09 -0.29
CA TYR C 48 0.65 -7.88 -0.69
C TYR C 48 1.42 -9.20 -0.99
N GLU C 49 0.96 -10.33 -0.45
CA GLU C 49 1.66 -11.62 -0.63
C GLU C 49 1.45 -12.23 -2.01
N THR C 50 0.21 -12.30 -2.50
CA THR C 50 -0.06 -12.67 -3.90
C THR C 50 0.52 -11.63 -4.85
N ILE C 51 0.47 -10.35 -4.47
CA ILE C 51 1.11 -9.26 -5.22
C ILE C 51 2.63 -9.51 -5.41
N THR C 52 3.32 -9.92 -4.36
CA THR C 52 4.78 -10.18 -4.45
C THR C 52 5.08 -11.49 -5.20
N ALA C 53 4.24 -12.51 -5.03
CA ALA C 53 4.36 -13.76 -5.77
C ALA C 53 4.04 -13.65 -7.27
N ARG C 54 3.27 -12.62 -7.69
CA ARG C 54 2.73 -12.57 -9.08
C ARG C 54 2.90 -11.25 -9.84
N ARG C 55 3.39 -10.18 -9.18
CA ARG C 55 3.39 -8.78 -9.71
C ARG C 55 1.98 -8.39 -10.18
N GLN C 56 1.06 -8.54 -9.22
CA GLN C 56 -0.38 -8.39 -9.48
C GLN C 56 -0.83 -6.92 -9.43
N TRP C 57 0.07 -5.95 -9.21
CA TRP C 57 -0.25 -4.50 -9.26
C TRP C 57 -0.88 -4.08 -10.59
N LYS C 58 -0.55 -4.74 -11.69
CA LYS C 58 -1.18 -4.43 -12.98
C LYS C 58 -2.70 -4.67 -12.88
N HIS C 59 -3.09 -5.65 -12.04
CA HIS C 59 -4.49 -6.00 -11.81
C HIS C 59 -5.18 -4.99 -10.87
N ILE C 60 -4.43 -4.49 -9.88
CA ILE C 60 -4.90 -3.41 -9.00
C ILE C 60 -5.18 -2.20 -9.88
N TYR C 61 -4.30 -1.89 -10.84
CA TYR C 61 -4.55 -0.89 -11.90
C TYR C 61 -5.87 -1.17 -12.68
N ASP C 62 -6.22 -2.46 -12.80
CA ASP C 62 -7.52 -2.87 -13.38
C ASP C 62 -8.70 -2.45 -12.48
N GLU C 63 -8.65 -2.77 -11.18
CA GLU C 63 -9.65 -2.28 -10.22
C GLU C 63 -9.66 -0.73 -10.05
N LEU C 64 -8.50 -0.06 -10.12
CA LEU C 64 -8.39 1.41 -10.12
C LEU C 64 -9.06 2.05 -11.35
N GLY C 65 -8.72 1.56 -12.51
CA GLY C 65 -9.28 2.18 -13.67
C GLY C 65 -8.30 2.12 -14.83
N GLY C 66 -8.61 2.76 -15.94
CA GLY C 66 -7.64 2.80 -17.02
C GLY C 66 -6.90 4.15 -17.09
N ASN C 67 -5.60 4.12 -17.40
CA ASN C 67 -4.76 5.34 -17.55
C ASN C 67 -3.96 5.25 -18.87
N PRO C 68 -4.45 5.92 -19.93
CA PRO C 68 -3.82 5.91 -21.28
C PRO C 68 -2.33 6.31 -21.35
N GLY C 69 -1.54 5.45 -22.03
CA GLY C 69 -0.11 5.74 -22.24
C GLY C 69 0.84 5.16 -21.20
N SER C 70 0.31 4.60 -20.12
CA SER C 70 1.17 4.06 -19.06
C SER C 70 1.00 2.56 -18.87
N THR C 71 2.11 1.82 -18.95
CA THR C 71 2.10 0.37 -18.77
C THR C 71 2.75 -0.02 -17.44
N SER C 72 3.25 0.98 -16.72
CA SER C 72 3.89 0.76 -15.43
C SER C 72 3.28 1.67 -14.36
N ALA C 73 2.03 2.08 -14.60
CA ALA C 73 1.32 2.95 -13.66
C ALA C 73 1.00 2.20 -12.37
N ALA C 74 1.10 0.87 -12.45
CA ALA C 74 0.86 0.01 -11.31
C ALA C 74 2.04 0.05 -10.35
N THR C 75 3.22 0.33 -10.90
CA THR C 75 4.46 0.41 -10.15
C THR C 75 4.52 1.70 -9.34
N CYS C 76 3.91 2.76 -9.87
CA CYS C 76 3.87 4.06 -9.21
C CYS C 76 3.09 3.97 -7.90
N THR C 77 1.98 3.23 -7.92
CA THR C 77 1.13 3.03 -6.74
C THR C 77 1.83 2.08 -5.75
N ARG C 78 2.64 1.17 -6.28
CA ARG C 78 3.37 0.19 -5.48
C ARG C 78 4.44 0.86 -4.61
N ARG C 79 5.05 1.92 -5.15
CA ARG C 79 6.11 2.66 -4.47
C ARG C 79 5.59 3.57 -3.35
N HIS C 80 4.33 3.99 -3.45
CA HIS C 80 3.61 4.68 -2.37
C HIS C 80 3.17 3.68 -1.29
N TYR C 81 2.52 2.57 -1.66
CA TYR C 81 2.01 1.56 -0.71
C TYR C 81 3.13 0.99 0.19
N GLU C 82 4.34 0.79 -0.34
CA GLU C 82 5.46 0.20 0.40
C GLU C 82 6.03 1.14 1.48
N ARG C 83 5.53 2.38 1.54
CA ARG C 83 5.82 3.31 2.65
C ARG C 83 4.57 3.87 3.33
N LEU C 84 3.37 3.61 2.79
CA LEU C 84 2.15 4.29 3.23
C LEU C 84 1.12 3.34 3.86
N ILE C 85 1.35 2.02 3.76
CA ILE C 85 0.57 1.03 4.54
C ILE C 85 1.27 -0.32 4.70
N LEU C 86 2.23 -0.69 3.86
CA LEU C 86 3.10 -1.84 4.12
C LEU C 86 3.72 -1.82 5.54
N PRO C 87 4.18 -0.68 6.10
CA PRO C 87 4.62 -0.62 7.50
C PRO C 87 3.49 -0.65 8.55
N TYR C 88 2.22 -0.41 8.19
CA TYR C 88 1.11 -0.37 9.16
C TYR C 88 0.16 -1.58 9.10
N GLU C 89 -0.04 -2.26 7.96
CA GLU C 89 -0.71 -3.57 7.91
C GLU C 89 0.01 -4.62 8.80
N ARG C 90 1.24 -4.31 9.20
CA ARG C 90 1.99 -5.07 10.22
C ARG C 90 1.20 -5.29 11.53
N PHE C 91 0.36 -4.34 11.98
CA PHE C 91 -0.53 -4.58 13.13
C PHE C 91 -1.74 -5.48 12.78
N ILE C 92 -2.21 -5.46 11.52
CA ILE C 92 -3.34 -6.29 11.09
C ILE C 92 -2.89 -7.76 10.95
N LYS C 93 -1.69 -7.95 10.39
CA LYS C 93 -1.17 -9.27 10.04
C LYS C 93 -0.31 -9.89 11.15
N GLY C 94 -0.09 -9.13 12.23
CA GLY C 94 0.70 -9.58 13.38
C GLY C 94 -0.09 -9.59 14.70
N GLU C 95 -1.22 -8.88 14.79
CA GLU C 95 -2.01 -8.74 16.04
C GLU C 95 -3.54 -8.75 15.83
N GLU C 96 -4.02 -9.31 14.70
CA GLU C 96 -5.46 -9.49 14.44
C GLU C 96 -5.79 -10.69 13.52
N ASP C 97 -5.08 -10.84 12.41
CA ASP C 97 -5.34 -11.94 11.49
C ASP C 97 -4.49 -13.17 11.79
N LYS C 98 -3.47 -13.39 10.98
CA LYS C 98 -2.58 -14.55 11.13
C LYS C 98 -1.48 -14.27 12.14
N PRO C 99 -1.02 -15.31 12.86
CA PRO C 99 0.05 -15.19 13.85
C PRO C 99 1.44 -15.17 13.20
N LEU C 100 1.47 -15.32 11.87
CA LEU C 100 2.70 -15.32 11.10
C LEU C 100 3.15 -13.90 10.79
N PRO C 101 4.46 -13.63 10.89
CA PRO C 101 5.03 -12.30 10.62
C PRO C 101 5.01 -11.94 9.13
N PRO C 102 5.08 -10.63 8.81
CA PRO C 102 5.06 -10.14 7.41
C PRO C 102 6.35 -10.42 6.64
N ILE C 103 7.37 -11.00 7.30
CA ILE C 103 8.63 -11.30 6.64
C ILE C 103 8.50 -12.54 5.74
N LYS C 104 8.60 -12.31 4.43
CA LYS C 104 8.49 -13.38 3.44
C LYS C 104 8.96 -12.91 2.07
N PRO C 105 10.23 -13.17 1.73
CA PRO C 105 10.79 -12.78 0.43
C PRO C 105 10.32 -13.71 -0.69
N ARG C 106 10.27 -15.00 -0.40
CA ARG C 106 9.83 -16.01 -1.37
C ARG C 106 8.95 -17.06 -0.69
N LYS C 107 9.56 -17.85 0.18
CA LYS C 107 8.86 -18.90 0.90
C LYS C 107 8.98 -18.70 2.41
N ARG C 1 -13.14 1.96 6.15
CA ARG C 1 -12.93 3.32 5.57
C ARG C 1 -12.48 4.36 6.61
N ALA C 2 -13.33 4.62 7.61
CA ALA C 2 -13.13 5.74 8.53
C ALA C 2 -11.87 5.61 9.40
N ASP C 3 -11.55 4.39 9.84
CA ASP C 3 -10.34 4.14 10.65
C ASP C 3 -9.04 4.22 9.83
N GLU C 4 -9.08 3.87 8.53
CA GLU C 4 -7.92 4.04 7.65
C GLU C 4 -7.66 5.54 7.45
N GLN C 5 -8.73 6.31 7.17
CA GLN C 5 -8.60 7.76 7.05
C GLN C 5 -8.10 8.39 8.36
N ALA C 6 -8.65 8.03 9.52
CA ALA C 6 -8.16 8.49 10.82
C ALA C 6 -6.67 8.16 11.02
N PHE C 7 -6.24 6.91 10.78
CA PHE C 7 -4.84 6.53 10.92
C PHE C 7 -3.93 7.05 9.80
N LEU C 8 -4.48 7.52 8.67
CA LEU C 8 -3.62 8.20 7.69
C LEU C 8 -3.60 9.72 7.90
N VAL C 9 -4.54 10.28 8.68
CA VAL C 9 -4.42 11.67 9.16
C VAL C 9 -3.39 11.73 10.30
N ALA C 10 -3.36 10.70 11.16
CA ALA C 10 -2.30 10.53 12.13
C ALA C 10 -0.92 10.33 11.46
N LEU C 11 -0.83 9.48 10.43
CA LEU C 11 0.39 9.42 9.61
C LEU C 11 0.69 10.75 8.94
N TYR C 12 -0.29 11.46 8.37
CA TYR C 12 -0.05 12.77 7.73
C TYR C 12 0.64 13.73 8.68
N LYS C 13 0.20 13.83 9.94
CA LYS C 13 0.90 14.60 10.97
C LYS C 13 2.32 14.05 11.21
N TYR C 14 2.49 12.77 11.53
CA TYR C 14 3.84 12.22 11.71
C TYR C 14 4.79 12.38 10.51
N MET C 15 4.32 12.18 9.28
CA MET C 15 5.15 12.28 8.08
C MET C 15 5.45 13.73 7.71
N LYS C 16 4.55 14.69 8.00
CA LYS C 16 4.87 16.12 7.91
C LYS C 16 5.95 16.51 8.92
N GLU C 17 5.91 15.93 10.12
CA GLU C 17 7.01 16.04 11.11
C GLU C 17 8.27 15.23 10.72
N ARG C 18 8.25 14.53 9.57
CA ARG C 18 9.44 13.82 9.02
C ARG C 18 9.85 14.35 7.63
N LYS C 19 9.43 15.58 7.29
CA LYS C 19 9.78 16.32 6.05
C LYS C 19 9.26 15.63 4.79
N THR C 20 8.23 14.78 4.98
CA THR C 20 7.67 13.97 3.91
C THR C 20 6.13 14.00 3.95
N PRO C 21 5.47 15.18 3.92
CA PRO C 21 4.00 15.29 3.99
C PRO C 21 3.32 14.70 2.74
N ILE C 22 2.02 14.36 2.86
CA ILE C 22 1.18 14.02 1.70
C ILE C 22 1.11 15.19 0.68
N GLU C 23 1.37 16.41 1.18
CA GLU C 23 1.60 17.60 0.34
C GLU C 23 2.71 17.44 -0.73
N ARG C 24 3.57 16.40 -0.69
CA ARG C 24 4.54 16.03 -1.75
C ARG C 24 4.22 14.69 -2.46
N ILE C 25 3.02 14.13 -2.23
CA ILE C 25 2.52 12.85 -2.75
C ILE C 25 1.15 13.09 -3.41
N PRO C 26 1.15 13.76 -4.57
CA PRO C 26 -0.09 14.21 -5.25
C PRO C 26 -1.06 13.14 -5.69
N TYR C 27 -0.70 12.39 -6.72
CA TYR C 27 -1.61 11.39 -7.28
C TYR C 27 -1.07 9.98 -7.23
N LEU C 28 -1.75 9.16 -8.02
CA LEU C 28 -1.48 7.76 -8.28
C LEU C 28 -1.11 7.73 -9.75
N GLY C 29 -0.47 6.67 -10.24
CA GLY C 29 -0.07 6.66 -11.64
C GLY C 29 -1.19 7.07 -12.60
N PHE C 30 -2.35 6.42 -12.51
CA PHE C 30 -3.49 6.79 -13.37
C PHE C 30 -4.59 7.57 -12.62
N LYS C 31 -4.77 7.27 -11.33
CA LYS C 31 -5.83 7.89 -10.50
C LYS C 31 -5.30 8.73 -9.33
N GLN C 32 -6.21 9.12 -8.43
CA GLN C 32 -5.87 9.88 -7.21
C GLN C 32 -5.15 8.96 -6.22
N ILE C 33 -4.63 9.53 -5.12
CA ILE C 33 -3.89 8.74 -4.14
C ILE C 33 -4.72 7.56 -3.57
N ASN C 34 -5.95 7.83 -3.12
CA ASN C 34 -6.85 6.81 -2.53
C ASN C 34 -6.07 5.70 -1.78
N LEU C 35 -5.60 6.04 -0.58
CA LEU C 35 -4.80 5.15 0.26
C LEU C 35 -5.59 3.92 0.75
N TRP C 36 -6.63 4.15 1.53
CA TRP C 36 -7.45 3.06 2.10
C TRP C 36 -7.84 2.00 1.04
N THR C 37 -8.02 2.44 -0.21
CA THR C 37 -8.36 1.56 -1.34
C THR C 37 -7.17 0.72 -1.81
N MET C 38 -5.99 1.30 -2.06
CA MET C 38 -4.80 0.50 -2.39
C MET C 38 -4.38 -0.43 -1.24
N PHE C 39 -4.65 -0.02 0.00
CA PHE C 39 -4.47 -0.87 1.18
C PHE C 39 -5.39 -2.08 1.16
N GLN C 40 -6.72 -1.91 1.14
CA GLN C 40 -7.61 -3.09 1.13
C GLN C 40 -7.44 -3.94 -0.14
N ALA C 41 -7.03 -3.36 -1.27
CA ALA C 41 -6.62 -4.09 -2.46
C ALA C 41 -5.37 -4.96 -2.20
N ALA C 42 -4.30 -4.39 -1.66
CA ALA C 42 -3.11 -5.15 -1.27
C ALA C 42 -3.42 -6.26 -0.25
N GLN C 43 -4.33 -6.02 0.70
CA GLN C 43 -4.73 -7.02 1.69
C GLN C 43 -5.54 -8.17 1.08
N LYS C 44 -6.20 -7.93 -0.07
CA LYS C 44 -6.85 -9.00 -0.84
C LYS C 44 -5.83 -9.77 -1.68
N LEU C 45 -4.95 -9.03 -2.35
CA LEU C 45 -3.83 -9.61 -3.09
C LEU C 45 -2.67 -10.15 -2.18
N GLY C 46 -2.89 -10.29 -0.86
CA GLY C 46 -1.94 -11.05 0.01
C GLY C 46 -1.00 -10.24 0.92
N GLY C 47 -1.41 -9.01 1.23
CA GLY C 47 -0.57 -8.01 1.89
C GLY C 47 0.68 -7.63 1.09
N TYR C 48 1.40 -6.63 1.60
CA TYR C 48 2.73 -6.27 1.06
C TYR C 48 3.71 -7.45 0.98
N GLU C 49 3.50 -8.53 1.76
CA GLU C 49 4.43 -9.66 1.80
C GLU C 49 4.28 -10.59 0.58
N THR C 50 3.05 -10.97 0.20
CA THR C 50 2.82 -11.68 -1.07
C THR C 50 3.16 -10.76 -2.25
N ILE C 51 2.88 -9.46 -2.13
CA ILE C 51 3.28 -8.46 -3.13
C ILE C 51 4.79 -8.46 -3.37
N THR C 52 5.61 -8.50 -2.32
CA THR C 52 7.07 -8.53 -2.46
C THR C 52 7.58 -9.88 -2.95
N ALA C 53 6.96 -10.99 -2.52
CA ALA C 53 7.30 -12.31 -3.00
C ALA C 53 6.91 -12.57 -4.48
N ARG C 54 5.95 -11.82 -5.04
CA ARG C 54 5.36 -12.16 -6.36
C ARG C 54 5.25 -11.00 -7.38
N ARG C 55 5.54 -9.75 -6.99
CA ARG C 55 5.26 -8.52 -7.77
C ARG C 55 3.79 -8.49 -8.20
N GLN C 56 2.95 -8.61 -7.17
CA GLN C 56 1.50 -8.77 -7.34
C GLN C 56 0.77 -7.42 -7.56
N TRP C 57 1.47 -6.28 -7.59
CA TRP C 57 0.90 -4.97 -7.91
C TRP C 57 0.14 -4.94 -9.24
N LYS C 58 0.54 -5.83 -10.11
CA LYS C 58 -0.09 -6.01 -11.39
C LYS C 58 -1.57 -6.39 -11.20
N HIS C 59 -1.87 -7.04 -10.06
CA HIS C 59 -3.23 -7.44 -9.71
C HIS C 59 -4.06 -6.26 -9.17
N ILE C 60 -3.43 -5.34 -8.39
CA ILE C 60 -4.11 -4.11 -7.97
C ILE C 60 -4.49 -3.35 -9.24
N TYR C 61 -3.61 -3.26 -10.23
CA TYR C 61 -3.93 -2.77 -11.59
C TYR C 61 -5.14 -3.51 -12.22
N ASP C 62 -5.30 -4.78 -11.86
CA ASP C 62 -6.48 -5.57 -12.26
C ASP C 62 -7.77 -5.05 -11.60
N GLU C 63 -7.76 -4.89 -10.27
CA GLU C 63 -8.88 -4.24 -9.56
C GLU C 63 -9.12 -2.77 -9.96
N LEU C 64 -8.07 -1.98 -10.26
CA LEU C 64 -8.17 -0.61 -10.79
C LEU C 64 -8.84 -0.57 -12.18
N GLY C 65 -8.41 -1.44 -13.09
CA GLY C 65 -9.03 -1.40 -14.42
C GLY C 65 -8.12 -1.94 -15.51
N GLY C 66 -8.61 -2.04 -16.74
CA GLY C 66 -7.74 -2.46 -17.83
C GLY C 66 -7.19 -1.25 -18.59
N ASN C 67 -5.90 -1.30 -18.99
CA ASN C 67 -5.27 -0.19 -19.74
C ASN C 67 -4.23 -0.74 -20.74
N PRO C 68 -4.64 -1.02 -21.99
CA PRO C 68 -3.77 -1.62 -23.04
C PRO C 68 -2.56 -0.82 -23.52
N GLY C 69 -1.38 -1.48 -23.53
CA GLY C 69 -0.14 -0.88 -24.04
C GLY C 69 0.54 0.15 -23.14
N SER C 70 -0.19 0.71 -22.18
CA SER C 70 0.39 1.72 -21.29
C SER C 70 0.74 1.16 -19.93
N THR C 71 1.82 1.67 -19.35
CA THR C 71 2.29 1.21 -18.06
C THR C 71 2.83 2.36 -17.20
N SER C 72 2.04 2.76 -16.19
CA SER C 72 2.44 3.83 -15.29
C SER C 72 1.49 3.94 -14.11
N ALA C 73 0.96 2.80 -13.63
CA ALA C 73 0.02 2.81 -12.52
C ALA C 73 0.41 1.85 -11.39
N ALA C 74 0.64 0.59 -11.73
CA ALA C 74 1.01 -0.43 -10.73
C ALA C 74 2.31 -0.08 -10.03
N THR C 75 3.28 0.39 -10.80
CA THR C 75 4.60 0.77 -10.27
C THR C 75 4.53 2.04 -9.41
N CYS C 76 3.70 2.98 -9.83
CA CYS C 76 3.54 4.24 -9.13
C CYS C 76 2.88 4.05 -7.76
N THR C 77 1.84 3.21 -7.71
CA THR C 77 1.14 2.92 -6.47
C THR C 77 2.05 2.20 -5.46
N ARG C 78 3.01 1.45 -6.00
CA ARG C 78 3.97 0.71 -5.20
C ARG C 78 4.92 1.66 -4.46
N ARG C 79 5.32 2.71 -5.16
CA ARG C 79 6.25 3.73 -4.66
C ARG C 79 5.59 4.71 -3.69
N HIS C 80 4.27 4.89 -3.80
CA HIS C 80 3.46 5.63 -2.83
C HIS C 80 3.22 4.77 -1.57
N TYR C 81 2.76 3.52 -1.73
CA TYR C 81 2.46 2.62 -0.61
C TYR C 81 3.66 2.41 0.33
N GLU C 82 4.88 2.32 -0.21
CA GLU C 82 6.10 2.08 0.58
C GLU C 82 6.51 3.27 1.45
N ARG C 83 5.80 4.41 1.33
CA ARG C 83 5.93 5.54 2.24
C ARG C 83 4.61 5.99 2.89
N LEU C 84 3.48 5.45 2.45
CA LEU C 84 2.16 5.97 2.81
C LEU C 84 1.32 4.98 3.64
N ILE C 85 1.77 3.72 3.75
CA ILE C 85 1.20 2.77 4.72
C ILE C 85 2.12 1.62 5.08
N LEU C 86 3.12 1.26 4.27
CA LEU C 86 4.19 0.34 4.68
C LEU C 86 4.82 0.71 6.05
N PRO C 87 5.07 1.99 6.39
CA PRO C 87 5.51 2.37 7.73
C PRO C 87 4.42 2.33 8.83
N TYR C 88 3.12 2.27 8.49
CA TYR C 88 2.04 2.30 9.49
C TYR C 88 1.32 0.95 9.68
N GLU C 89 1.23 0.07 8.66
CA GLU C 89 0.80 -1.34 8.88
C GLU C 89 1.70 -2.07 9.90
N ARG C 90 2.87 -1.48 10.18
CA ARG C 90 3.74 -1.92 11.28
C ARG C 90 3.02 -2.04 12.64
N PHE C 91 2.04 -1.19 12.96
CA PHE C 91 1.21 -1.38 14.18
C PHE C 91 0.17 -2.52 14.03
N ILE C 92 -0.30 -2.80 12.81
CA ILE C 92 -1.28 -3.87 12.57
C ILE C 92 -0.58 -5.23 12.66
N LYS C 93 0.62 -5.31 12.09
CA LYS C 93 1.37 -6.57 11.95
C LYS C 93 2.34 -6.83 13.11
N GLY C 94 2.43 -5.87 14.04
CA GLY C 94 3.30 -5.98 15.21
C GLY C 94 2.55 -5.89 16.54
N GLU C 95 1.30 -5.38 16.57
CA GLU C 95 0.53 -5.17 17.81
C GLU C 95 -0.98 -5.46 17.66
N GLU C 96 -1.37 -6.29 16.68
CA GLU C 96 -2.76 -6.75 16.50
C GLU C 96 -2.89 -8.13 15.82
N ASP C 97 -2.23 -8.32 14.68
CA ASP C 97 -2.31 -9.58 13.97
C ASP C 97 -0.97 -9.93 13.36
N LYS C 98 -0.64 -11.22 13.37
CA LYS C 98 0.61 -11.70 12.82
C LYS C 98 0.46 -13.13 12.31
N PRO C 99 0.09 -13.30 11.03
CA PRO C 99 -0.10 -14.61 10.43
C PRO C 99 1.21 -15.22 9.89
N LEU C 100 2.25 -14.38 9.80
CA LEU C 100 3.55 -14.82 9.31
C LEU C 100 4.63 -14.56 10.35
N PRO C 101 5.62 -15.48 10.45
CA PRO C 101 6.72 -15.36 11.42
C PRO C 101 7.69 -14.22 11.09
N PRO C 102 8.47 -13.77 12.10
CA PRO C 102 9.43 -12.67 11.93
C PRO C 102 10.68 -13.06 11.12
N ILE C 103 10.75 -14.33 10.71
CA ILE C 103 11.89 -14.82 9.93
C ILE C 103 11.78 -14.37 8.47
N LYS C 104 10.55 -14.23 7.98
CA LYS C 104 10.32 -13.80 6.60
C LYS C 104 9.42 -12.57 6.57
N PRO C 105 10.00 -11.37 6.76
CA PRO C 105 9.25 -10.11 6.75
C PRO C 105 9.00 -9.56 5.34
N ARG C 106 9.86 -9.92 4.39
CA ARG C 106 9.73 -9.43 3.02
C ARG C 106 9.47 -10.58 2.04
N LYS C 107 10.48 -11.43 1.86
CA LYS C 107 10.36 -12.55 0.93
C LYS C 107 10.25 -13.87 1.70
N ARG C 1 -13.28 0.87 5.52
CA ARG C 1 -12.95 2.27 5.13
C ARG C 1 -12.45 3.12 6.30
N ALA C 2 -13.31 3.32 7.31
CA ALA C 2 -13.04 4.29 8.38
C ALA C 2 -11.83 3.94 9.25
N ASP C 3 -11.61 2.66 9.53
CA ASP C 3 -10.45 2.20 10.31
C ASP C 3 -9.13 2.28 9.54
N GLU C 4 -9.16 2.10 8.21
CA GLU C 4 -7.96 2.30 7.37
C GLU C 4 -7.59 3.78 7.37
N GLN C 5 -8.58 4.66 7.19
CA GLN C 5 -8.33 6.09 7.27
C GLN C 5 -7.82 6.51 8.65
N ALA C 6 -8.43 6.05 9.74
CA ALA C 6 -7.93 6.30 11.10
C ALA C 6 -6.49 5.82 11.29
N PHE C 7 -6.16 4.58 10.88
CA PHE C 7 -4.79 4.07 11.01
C PHE C 7 -3.81 4.66 9.98
N LEU C 8 -4.28 5.33 8.91
CA LEU C 8 -3.35 6.05 8.04
C LEU C 8 -3.21 7.52 8.46
N VAL C 9 -4.13 8.05 9.28
CA VAL C 9 -3.93 9.36 9.96
C VAL C 9 -2.92 9.17 11.11
N ALA C 10 -3.00 8.04 11.82
CA ALA C 10 -1.97 7.66 12.78
C ALA C 10 -0.59 7.44 12.12
N LEU C 11 -0.55 6.72 10.97
CA LEU C 11 0.69 6.67 10.18
C LEU C 11 1.10 8.06 9.70
N TYR C 12 0.21 8.91 9.21
CA TYR C 12 0.56 10.26 8.75
C TYR C 12 1.30 11.05 9.84
N LYS C 13 0.83 11.00 11.09
CA LYS C 13 1.57 11.57 12.23
C LYS C 13 2.92 10.88 12.41
N TYR C 14 2.99 9.56 12.57
CA TYR C 14 4.29 8.89 12.70
C TYR C 14 5.28 9.12 11.54
N MET C 15 4.83 9.13 10.29
CA MET C 15 5.70 9.31 9.13
C MET C 15 6.13 10.77 8.95
N LYS C 16 5.29 11.75 9.35
CA LYS C 16 5.73 13.16 9.46
C LYS C 16 6.81 13.32 10.54
N GLU C 17 6.68 12.59 11.65
CA GLU C 17 7.76 12.48 12.66
C GLU C 17 8.97 11.63 12.19
N ARG C 18 8.92 11.09 10.96
CA ARG C 18 10.06 10.37 10.34
C ARG C 18 10.56 11.04 9.04
N LYS C 19 10.25 12.33 8.86
CA LYS C 19 10.69 13.20 7.74
C LYS C 19 10.15 12.72 6.39
N THR C 20 9.05 11.95 6.44
CA THR C 20 8.46 11.33 5.26
C THR C 20 6.92 11.47 5.28
N PRO C 21 6.36 12.70 5.40
CA PRO C 21 4.91 12.92 5.46
C PRO C 21 4.20 12.55 4.13
N ILE C 22 2.89 12.31 4.19
CA ILE C 22 2.05 12.20 2.96
C ILE C 22 2.11 13.50 2.12
N GLU C 23 2.45 14.61 2.78
CA GLU C 23 2.79 15.87 2.10
C GLU C 23 3.92 15.78 1.03
N ARG C 24 4.69 14.67 0.96
CA ARG C 24 5.65 14.36 -0.13
C ARG C 24 5.26 13.16 -1.00
N ILE C 25 4.01 12.68 -0.88
CA ILE C 25 3.43 11.52 -1.57
C ILE C 25 2.09 11.94 -2.22
N PRO C 26 2.17 12.79 -3.25
CA PRO C 26 0.98 13.43 -3.83
C PRO C 26 -0.04 12.57 -4.55
N TYR C 27 0.37 11.70 -5.46
CA TYR C 27 -0.64 10.95 -6.19
C TYR C 27 -0.38 9.46 -6.33
N LEU C 28 -1.38 8.85 -6.93
CA LEU C 28 -1.42 7.44 -7.29
C LEU C 28 -1.17 7.37 -8.79
N GLY C 29 -0.83 6.21 -9.33
CA GLY C 29 -0.52 6.12 -10.75
C GLY C 29 -1.51 6.85 -11.65
N PHE C 30 -2.80 6.56 -11.50
CA PHE C 30 -3.83 7.24 -12.31
C PHE C 30 -4.59 8.35 -11.54
N LYS C 31 -4.93 8.06 -10.28
CA LYS C 31 -5.73 8.98 -9.45
C LYS C 31 -5.00 9.45 -8.17
N GLN C 32 -5.75 10.08 -7.25
CA GLN C 32 -5.19 10.52 -5.96
C GLN C 32 -4.71 9.30 -5.15
N ILE C 33 -3.99 9.52 -4.04
CA ILE C 33 -3.42 8.41 -3.26
C ILE C 33 -4.45 7.37 -2.79
N ASN C 34 -5.54 7.81 -2.11
CA ASN C 34 -6.60 6.88 -1.61
C ASN C 34 -6.03 5.52 -1.22
N LEU C 35 -5.35 5.45 -0.08
CA LEU C 35 -4.67 4.23 0.37
C LEU C 35 -5.60 3.03 0.58
N TRP C 36 -6.63 3.19 1.41
CA TRP C 36 -7.57 2.11 1.72
C TRP C 36 -7.96 1.27 0.47
N THR C 37 -8.03 1.94 -0.68
CA THR C 37 -8.37 1.34 -1.99
C THR C 37 -7.21 0.53 -2.57
N MET C 38 -5.98 1.07 -2.66
CA MET C 38 -4.83 0.26 -3.09
C MET C 38 -4.53 -0.92 -2.14
N PHE C 39 -4.85 -0.74 -0.85
CA PHE C 39 -4.78 -1.83 0.12
C PHE C 39 -5.77 -2.95 -0.19
N GLN C 40 -7.08 -2.67 -0.22
CA GLN C 40 -8.05 -3.74 -0.51
C GLN C 40 -7.87 -4.35 -1.92
N ALA C 41 -7.36 -3.57 -2.88
CA ALA C 41 -6.94 -4.07 -4.19
C ALA C 41 -5.76 -5.07 -4.06
N ALA C 42 -4.68 -4.71 -3.37
CA ALA C 42 -3.57 -5.61 -3.09
C ALA C 42 -4.01 -6.88 -2.35
N GLN C 43 -4.95 -6.76 -1.40
CA GLN C 43 -5.45 -7.92 -0.66
C GLN C 43 -6.31 -8.87 -1.53
N LYS C 44 -6.89 -8.35 -2.61
CA LYS C 44 -7.57 -9.17 -3.64
C LYS C 44 -6.56 -9.83 -4.57
N LEU C 45 -5.59 -9.04 -5.04
CA LEU C 45 -4.46 -9.54 -5.84
C LEU C 45 -3.39 -10.33 -5.02
N GLY C 46 -3.70 -10.73 -3.76
CA GLY C 46 -2.85 -11.71 -3.03
C GLY C 46 -1.90 -11.18 -1.95
N GLY C 47 -2.25 -10.01 -1.39
CA GLY C 47 -1.39 -9.24 -0.51
C GLY C 47 -0.07 -8.79 -1.16
N TYR C 48 0.69 -7.98 -0.43
CA TYR C 48 2.05 -7.61 -0.83
C TYR C 48 2.97 -8.82 -1.11
N GLU C 49 2.64 -10.01 -0.58
CA GLU C 49 3.49 -11.19 -0.75
C GLU C 49 3.35 -11.84 -2.14
N THR C 50 2.13 -12.06 -2.64
CA THR C 50 1.91 -12.45 -4.04
C THR C 50 2.38 -11.35 -4.99
N ILE C 51 2.17 -10.08 -4.60
CA ILE C 51 2.69 -8.92 -5.36
C ILE C 51 4.21 -9.00 -5.54
N THR C 52 4.96 -9.31 -4.48
CA THR C 52 6.43 -9.41 -4.57
C THR C 52 6.88 -10.67 -5.31
N ALA C 53 6.16 -11.79 -5.14
CA ALA C 53 6.43 -13.02 -5.88
C ALA C 53 6.12 -12.93 -7.39
N ARG C 54 5.23 -12.01 -7.82
CA ARG C 54 4.70 -12.03 -9.21
C ARG C 54 4.72 -10.69 -9.96
N ARG C 55 5.06 -9.56 -9.31
CA ARG C 55 4.91 -8.18 -9.82
C ARG C 55 3.46 -7.97 -10.30
N GLN C 56 2.57 -8.22 -9.35
CA GLN C 56 1.12 -8.23 -9.61
C GLN C 56 0.49 -6.82 -9.58
N TRP C 57 1.26 -5.75 -9.34
CA TRP C 57 0.79 -4.36 -9.40
C TRP C 57 0.11 -4.01 -10.73
N LYS C 58 0.50 -4.62 -11.82
CA LYS C 58 -0.18 -4.34 -13.08
C LYS C 58 -1.64 -4.84 -13.01
N HIS C 59 -1.87 -5.85 -12.17
CA HIS C 59 -3.22 -6.40 -11.95
C HIS C 59 -4.03 -5.50 -11.00
N ILE C 60 -3.37 -4.91 -9.99
CA ILE C 60 -3.99 -3.92 -9.10
C ILE C 60 -4.40 -2.74 -9.98
N TYR C 61 -3.56 -2.29 -10.92
CA TYR C 61 -3.93 -1.33 -11.97
C TYR C 61 -5.18 -1.77 -12.77
N ASP C 62 -5.37 -3.08 -12.90
CA ASP C 62 -6.58 -3.65 -13.50
C ASP C 62 -7.83 -3.40 -12.63
N GLU C 63 -7.76 -3.73 -11.33
CA GLU C 63 -8.82 -3.38 -10.38
C GLU C 63 -9.03 -1.86 -10.19
N LEU C 64 -7.97 -1.04 -10.23
CA LEU C 64 -8.05 0.43 -10.21
C LEU C 64 -8.78 0.99 -11.45
N GLY C 65 -8.32 0.58 -12.61
CA GLY C 65 -8.92 1.15 -13.79
C GLY C 65 -7.88 1.27 -14.89
N GLY C 66 -8.24 1.86 -16.01
CA GLY C 66 -7.22 2.07 -17.02
C GLY C 66 -6.68 3.51 -17.05
N ASN C 67 -5.37 3.68 -17.32
CA ASN C 67 -4.73 5.00 -17.45
C ASN C 67 -4.12 5.12 -18.84
N PRO C 68 -4.84 5.79 -19.78
CA PRO C 68 -4.41 5.95 -21.19
C PRO C 68 -2.98 6.47 -21.41
N GLY C 69 -2.18 5.70 -22.18
CA GLY C 69 -0.82 6.11 -22.51
C GLY C 69 0.26 5.46 -21.66
N SER C 70 -0.12 4.81 -20.57
CA SER C 70 0.84 4.16 -19.67
C SER C 70 0.69 2.64 -19.61
N THR C 71 1.80 1.93 -19.80
CA THR C 71 1.80 0.46 -19.74
C THR C 71 2.30 0.00 -18.36
N SER C 72 2.72 0.97 -17.55
CA SER C 72 3.22 0.69 -16.20
C SER C 72 3.01 1.91 -15.30
N ALA C 73 1.81 2.00 -14.70
CA ALA C 73 1.48 3.13 -13.84
C ALA C 73 1.35 2.71 -12.37
N ALA C 74 1.20 1.41 -12.14
CA ALA C 74 1.07 0.89 -10.79
C ALA C 74 2.43 0.66 -10.15
N THR C 75 3.50 0.73 -10.96
CA THR C 75 4.86 0.55 -10.47
C THR C 75 5.19 1.62 -9.45
N CYS C 76 4.60 2.81 -9.66
CA CYS C 76 4.78 3.94 -8.75
C CYS C 76 4.08 3.69 -7.43
N THR C 77 2.93 3.01 -7.51
CA THR C 77 2.13 2.69 -6.33
C THR C 77 2.88 1.71 -5.42
N ARG C 78 3.71 0.86 -6.02
CA ARG C 78 4.50 -0.13 -5.29
C ARG C 78 5.48 0.54 -4.33
N ARG C 79 6.08 1.62 -4.80
CA ARG C 79 7.06 2.40 -4.07
C ARG C 79 6.44 3.26 -2.96
N HIS C 80 5.17 3.64 -3.12
CA HIS C 80 4.37 4.28 -2.07
C HIS C 80 3.92 3.25 -1.03
N TYR C 81 3.34 2.11 -1.44
CA TYR C 81 2.85 1.06 -0.54
C TYR C 81 3.94 0.53 0.41
N GLU C 82 5.19 0.39 -0.06
CA GLU C 82 6.30 -0.15 0.73
C GLU C 82 6.76 0.79 1.85
N ARG C 83 6.21 2.02 1.89
CA ARG C 83 6.39 2.94 3.03
C ARG C 83 5.08 3.43 3.66
N LEU C 84 3.92 3.13 3.05
CA LEU C 84 2.66 3.74 3.44
C LEU C 84 1.65 2.73 4.01
N ILE C 85 1.94 1.43 3.91
CA ILE C 85 1.18 0.39 4.64
C ILE C 85 1.93 -0.92 4.82
N LEU C 86 2.95 -1.24 4.01
CA LEU C 86 3.86 -2.36 4.30
C LEU C 86 4.42 -2.33 5.75
N PRO C 87 4.79 -1.17 6.35
CA PRO C 87 5.15 -1.09 7.77
C PRO C 87 3.98 -1.21 8.77
N TYR C 88 2.71 -1.02 8.35
CA TYR C 88 1.56 -1.05 9.27
C TYR C 88 0.68 -2.31 9.15
N GLU C 89 0.57 -2.97 7.98
CA GLU C 89 -0.04 -4.32 7.90
C GLU C 89 0.68 -5.34 8.81
N ARG C 90 1.89 -4.98 9.27
CA ARG C 90 2.61 -5.71 10.31
C ARG C 90 1.77 -5.98 11.57
N PHE C 91 0.87 -5.08 11.99
CA PHE C 91 -0.07 -5.38 13.09
C PHE C 91 -1.21 -6.34 12.68
N ILE C 92 -1.62 -6.33 11.40
CA ILE C 92 -2.69 -7.21 10.90
C ILE C 92 -2.16 -8.64 10.77
N LYS C 93 -0.93 -8.76 10.27
CA LYS C 93 -0.33 -10.06 9.93
C LYS C 93 0.51 -10.65 11.08
N GLY C 94 0.64 -9.90 12.17
CA GLY C 94 1.38 -10.33 13.36
C GLY C 94 0.54 -10.39 14.64
N GLU C 95 -0.63 -9.73 14.68
CA GLU C 95 -1.48 -9.66 15.89
C GLU C 95 -3.00 -9.73 15.60
N GLU C 96 -3.40 -10.30 14.45
CA GLU C 96 -4.81 -10.55 14.11
C GLU C 96 -5.04 -11.75 13.16
N ASP C 97 -4.27 -11.83 12.09
CA ASP C 97 -4.39 -12.94 11.14
C ASP C 97 -3.03 -13.32 10.57
N LYS C 98 -2.56 -14.51 10.92
CA LYS C 98 -1.26 -14.99 10.45
C LYS C 98 -1.34 -16.45 10.01
N PRO C 99 -1.62 -16.69 8.71
CA PRO C 99 -1.71 -18.05 8.17
C PRO C 99 -0.33 -18.63 7.80
N LEU C 100 0.71 -17.80 7.88
CA LEU C 100 2.06 -18.23 7.56
C LEU C 100 3.01 -17.88 8.70
N PRO C 101 4.13 -18.63 8.83
CA PRO C 101 5.12 -18.39 9.89
C PRO C 101 5.82 -17.03 9.74
N PRO C 102 6.39 -16.51 10.85
CA PRO C 102 7.08 -15.20 10.85
C PRO C 102 8.40 -15.21 10.07
N ILE C 103 8.85 -16.38 9.63
CA ILE C 103 10.09 -16.50 8.88
C ILE C 103 9.86 -16.46 7.37
N LYS C 104 8.72 -15.92 6.95
CA LYS C 104 8.38 -15.82 5.54
C LYS C 104 8.26 -14.36 5.10
N PRO C 105 9.35 -13.77 4.58
CA PRO C 105 9.34 -12.38 4.10
C PRO C 105 8.71 -12.24 2.71
N ARG C 106 8.85 -13.30 1.91
CA ARG C 106 8.29 -13.33 0.56
C ARG C 106 7.68 -14.70 0.28
N LYS C 107 6.58 -14.71 -0.48
CA LYS C 107 5.91 -15.96 -0.82
C LYS C 107 6.74 -16.77 -1.82
N ARG C 1 -13.94 1.91 5.66
CA ARG C 1 -13.56 3.28 5.21
C ARG C 1 -13.07 4.18 6.35
N ALA C 2 -13.93 4.45 7.33
CA ALA C 2 -13.66 5.47 8.35
C ALA C 2 -12.46 5.13 9.26
N ASP C 3 -12.28 3.86 9.60
CA ASP C 3 -11.16 3.42 10.43
C ASP C 3 -9.82 3.44 9.68
N GLU C 4 -9.82 3.19 8.36
CA GLU C 4 -8.60 3.32 7.54
C GLU C 4 -8.20 4.79 7.48
N GLN C 5 -9.17 5.68 7.22
CA GLN C 5 -8.89 7.12 7.24
C GLN C 5 -8.40 7.59 8.61
N ALA C 6 -9.04 7.20 9.71
CA ALA C 6 -8.56 7.50 11.06
C ALA C 6 -7.13 7.00 11.31
N PHE C 7 -6.81 5.74 10.96
CA PHE C 7 -5.47 5.20 11.13
C PHE C 7 -4.45 5.72 10.10
N LEU C 8 -4.90 6.34 8.99
CA LEU C 8 -3.93 7.01 8.10
C LEU C 8 -3.77 8.49 8.45
N VAL C 9 -4.69 9.08 9.23
CA VAL C 9 -4.46 10.41 9.84
C VAL C 9 -3.49 10.27 11.02
N ALA C 10 -3.60 9.18 11.78
CA ALA C 10 -2.59 8.83 12.78
C ALA C 10 -1.22 8.54 12.15
N LEU C 11 -1.17 7.77 11.05
CA LEU C 11 0.08 7.65 10.28
C LEU C 11 0.54 9.00 9.74
N TYR C 12 -0.34 9.84 9.19
CA TYR C 12 0.05 11.16 8.68
C TYR C 12 0.80 11.98 9.73
N LYS C 13 0.30 12.01 10.98
CA LYS C 13 1.03 12.62 12.10
C LYS C 13 2.37 11.93 12.34
N TYR C 14 2.40 10.60 12.56
CA TYR C 14 3.68 9.91 12.75
C TYR C 14 4.70 10.07 11.60
N MET C 15 4.27 10.02 10.34
CA MET C 15 5.17 10.13 9.19
C MET C 15 5.62 11.56 8.95
N LYS C 16 4.81 12.58 9.28
CA LYS C 16 5.27 13.98 9.33
C LYS C 16 6.34 14.17 10.41
N GLU C 17 6.18 13.51 11.55
CA GLU C 17 7.23 13.43 12.59
C GLU C 17 8.44 12.53 12.19
N ARG C 18 8.40 11.93 10.99
CA ARG C 18 9.53 11.15 10.43
C ARG C 18 10.06 11.75 9.11
N LYS C 19 9.78 13.03 8.86
CA LYS C 19 10.25 13.84 7.69
C LYS C 19 9.73 13.30 6.36
N THR C 20 8.62 12.56 6.44
CA THR C 20 8.02 11.89 5.28
C THR C 20 6.50 12.07 5.26
N PRO C 21 5.96 13.31 5.31
CA PRO C 21 4.52 13.56 5.33
C PRO C 21 3.83 13.14 4.01
N ILE C 22 2.51 12.94 4.05
CA ILE C 22 1.69 12.77 2.82
C ILE C 22 1.78 14.02 1.92
N GLU C 23 2.15 15.16 2.53
CA GLU C 23 2.52 16.38 1.79
C GLU C 23 3.66 16.22 0.75
N ARG C 24 4.41 15.08 0.74
CA ARG C 24 5.39 14.71 -0.31
C ARG C 24 4.98 13.47 -1.13
N ILE C 25 3.72 13.02 -1.01
CA ILE C 25 3.13 11.83 -1.65
C ILE C 25 1.81 12.26 -2.34
N PRO C 26 1.95 13.05 -3.43
CA PRO C 26 0.82 13.69 -4.08
C PRO C 26 -0.20 12.82 -4.79
N TYR C 27 0.22 11.86 -5.59
CA TYR C 27 -0.78 11.10 -6.33
C TYR C 27 -0.55 9.60 -6.38
N LEU C 28 -1.55 8.97 -6.97
CA LEU C 28 -1.63 7.55 -7.26
C LEU C 28 -1.30 7.43 -8.73
N GLY C 29 -1.00 6.24 -9.25
CA GLY C 29 -0.64 6.12 -10.65
C GLY C 29 -1.56 6.89 -11.60
N PHE C 30 -2.87 6.66 -11.51
CA PHE C 30 -3.83 7.37 -12.37
C PHE C 30 -4.60 8.50 -11.65
N LYS C 31 -4.94 8.28 -10.38
CA LYS C 31 -5.76 9.23 -9.61
C LYS C 31 -5.06 9.67 -8.31
N GLN C 32 -5.82 10.32 -7.42
CA GLN C 32 -5.30 10.75 -6.12
C GLN C 32 -4.87 9.52 -5.29
N ILE C 33 -4.14 9.77 -4.20
CA ILE C 33 -3.59 8.68 -3.37
C ILE C 33 -4.65 7.69 -2.83
N ASN C 34 -5.72 8.20 -2.19
CA ASN C 34 -6.80 7.34 -1.62
C ASN C 34 -6.24 6.01 -1.06
N LEU C 35 -5.63 6.07 0.12
CA LEU C 35 -5.00 4.90 0.75
C LEU C 35 -5.93 3.70 0.96
N TRP C 36 -7.07 3.90 1.62
CA TRP C 36 -8.01 2.80 1.92
C TRP C 36 -8.38 1.98 0.67
N THR C 37 -8.43 2.65 -0.49
CA THR C 37 -8.75 2.02 -1.80
C THR C 37 -7.61 1.18 -2.34
N MET C 38 -6.36 1.69 -2.40
CA MET C 38 -5.22 0.85 -2.80
C MET C 38 -4.98 -0.32 -1.82
N PHE C 39 -5.31 -0.12 -0.54
CA PHE C 39 -5.30 -1.19 0.45
C PHE C 39 -6.31 -2.29 0.14
N GLN C 40 -7.62 -1.99 0.07
CA GLN C 40 -8.61 -3.04 -0.24
C GLN C 40 -8.41 -3.67 -1.64
N ALA C 41 -7.85 -2.91 -2.60
CA ALA C 41 -7.41 -3.45 -3.88
C ALA C 41 -6.26 -4.47 -3.70
N ALA C 42 -5.18 -4.12 -3.00
CA ALA C 42 -4.10 -5.05 -2.69
C ALA C 42 -4.60 -6.30 -1.94
N GLN C 43 -5.55 -6.15 -1.01
CA GLN C 43 -6.11 -7.28 -0.26
C GLN C 43 -6.97 -8.21 -1.15
N LYS C 44 -7.51 -7.69 -2.25
CA LYS C 44 -8.18 -8.53 -3.27
C LYS C 44 -7.15 -9.21 -4.17
N LEU C 45 -6.17 -8.45 -4.64
CA LEU C 45 -5.03 -8.99 -5.39
C LEU C 45 -4.01 -9.80 -4.54
N GLY C 46 -4.35 -10.18 -3.28
CA GLY C 46 -3.54 -11.18 -2.52
C GLY C 46 -2.61 -10.64 -1.41
N GLY C 47 -2.95 -9.46 -0.89
CA GLY C 47 -2.08 -8.70 0.00
C GLY C 47 -0.75 -8.29 -0.62
N TYR C 48 0.02 -7.49 0.12
CA TYR C 48 1.41 -7.16 -0.24
C TYR C 48 2.29 -8.40 -0.49
N GLU C 49 1.92 -9.57 0.05
CA GLU C 49 2.75 -10.79 -0.08
C GLU C 49 2.63 -11.44 -1.46
N THR C 50 1.40 -11.63 -1.98
CA THR C 50 1.22 -12.05 -3.38
C THR C 50 1.74 -10.97 -4.34
N ILE C 51 1.55 -9.69 -3.98
CA ILE C 51 2.11 -8.56 -4.73
C ILE C 51 3.64 -8.67 -4.88
N THR C 52 4.36 -8.99 -3.80
CA THR C 52 5.82 -9.13 -3.84
C THR C 52 6.26 -10.40 -4.56
N ALA C 53 5.51 -11.50 -4.39
CA ALA C 53 5.77 -12.75 -5.10
C ALA C 53 5.49 -12.67 -6.62
N ARG C 54 4.64 -11.74 -7.08
CA ARG C 54 4.14 -11.76 -8.48
C ARG C 54 4.22 -10.43 -9.26
N ARG C 55 4.57 -9.32 -8.61
CA ARG C 55 4.46 -7.94 -9.16
C ARG C 55 3.05 -7.69 -9.67
N GLN C 56 2.11 -7.91 -8.74
CA GLN C 56 0.68 -7.89 -9.04
C GLN C 56 0.08 -6.46 -9.04
N TRP C 57 0.88 -5.41 -8.80
CA TRP C 57 0.44 -4.01 -8.89
C TRP C 57 -0.19 -3.66 -10.24
N LYS C 58 0.24 -4.31 -11.31
CA LYS C 58 -0.36 -4.10 -12.62
C LYS C 58 -1.85 -4.50 -12.58
N HIS C 59 -2.17 -5.46 -11.71
CA HIS C 59 -3.54 -5.96 -11.51
C HIS C 59 -4.36 -5.00 -10.62
N ILE C 60 -3.72 -4.40 -9.61
CA ILE C 60 -4.35 -3.36 -8.78
C ILE C 60 -4.74 -2.22 -9.72
N TYR C 61 -3.87 -1.81 -10.66
CA TYR C 61 -4.20 -0.90 -11.76
C TYR C 61 -5.44 -1.35 -12.56
N ASP C 62 -5.64 -2.68 -12.65
CA ASP C 62 -6.86 -3.25 -13.25
C ASP C 62 -8.11 -2.96 -12.41
N GLU C 63 -8.06 -3.23 -11.10
CA GLU C 63 -9.14 -2.83 -10.18
C GLU C 63 -9.35 -1.30 -10.06
N LEU C 64 -8.28 -0.49 -10.12
CA LEU C 64 -8.34 0.98 -10.17
C LEU C 64 -9.04 1.50 -11.44
N GLY C 65 -8.56 1.03 -12.56
CA GLY C 65 -9.12 1.54 -13.78
C GLY C 65 -8.07 1.58 -14.88
N GLY C 66 -8.39 2.20 -16.00
CA GLY C 66 -7.38 2.35 -17.03
C GLY C 66 -6.80 3.78 -17.08
N ASN C 67 -5.49 3.90 -17.31
CA ASN C 67 -4.79 5.20 -17.44
C ASN C 67 -4.15 5.26 -18.85
N PRO C 68 -4.83 5.94 -19.82
CA PRO C 68 -4.36 6.03 -21.22
C PRO C 68 -2.91 6.52 -21.40
N GLY C 69 -2.09 5.71 -22.10
CA GLY C 69 -0.72 6.09 -22.39
C GLY C 69 0.33 5.46 -21.48
N SER C 70 -0.09 5.00 -20.30
CA SER C 70 0.86 4.44 -19.35
C SER C 70 0.60 2.96 -19.06
N THR C 71 1.67 2.16 -19.15
CA THR C 71 1.59 0.73 -18.88
C THR C 71 2.06 0.43 -17.45
N SER C 72 2.84 1.36 -16.88
CA SER C 72 3.37 1.21 -15.52
C SER C 72 2.92 2.37 -14.64
N ALA C 73 1.65 2.35 -14.23
CA ALA C 73 1.09 3.40 -13.40
C ALA C 73 1.01 2.98 -11.93
N ALA C 74 0.59 1.73 -11.70
CA ALA C 74 0.47 1.21 -10.35
C ALA C 74 1.80 0.73 -9.80
N THR C 75 2.79 0.60 -10.68
CA THR C 75 4.12 0.19 -10.27
C THR C 75 4.70 1.23 -9.31
N CYS C 76 4.37 2.49 -9.59
CA CYS C 76 4.80 3.61 -8.76
C CYS C 76 4.06 3.61 -7.42
N THR C 77 2.85 3.06 -7.41
CA THR C 77 2.03 2.97 -6.20
C THR C 77 2.68 2.06 -5.15
N ARG C 78 3.47 1.09 -5.61
CA ARG C 78 4.18 0.16 -4.72
C ARG C 78 5.11 0.90 -3.76
N ARG C 79 5.72 1.96 -4.29
CA ARG C 79 6.66 2.81 -3.57
C ARG C 79 5.96 3.72 -2.54
N HIS C 80 4.69 4.05 -2.77
CA HIS C 80 3.84 4.73 -1.80
C HIS C 80 3.38 3.76 -0.70
N TYR C 81 2.83 2.58 -1.07
CA TYR C 81 2.33 1.58 -0.12
C TYR C 81 3.39 1.13 0.90
N GLU C 82 4.66 1.00 0.49
CA GLU C 82 5.74 0.54 1.36
C GLU C 82 6.15 1.56 2.43
N ARG C 83 5.56 2.77 2.37
CA ARG C 83 5.67 3.76 3.46
C ARG C 83 4.33 4.25 4.00
N LEU C 84 3.20 3.88 3.37
CA LEU C 84 1.91 4.48 3.67
C LEU C 84 0.91 3.49 4.26
N ILE C 85 1.23 2.19 4.24
CA ILE C 85 0.46 1.18 5.01
C ILE C 85 1.24 -0.10 5.30
N LEU C 86 2.29 -0.44 4.56
CA LEU C 86 3.22 -1.51 4.96
C LEU C 86 3.71 -1.38 6.43
N PRO C 87 4.03 -0.17 6.96
CA PRO C 87 4.34 -0.01 8.39
C PRO C 87 3.13 -0.09 9.34
N TYR C 88 1.88 0.03 8.86
CA TYR C 88 0.69 0.03 9.73
C TYR C 88 -0.16 -1.26 9.66
N GLU C 89 -0.20 -1.99 8.53
CA GLU C 89 -0.78 -3.35 8.50
C GLU C 89 -0.07 -4.30 9.51
N ARG C 90 1.10 -3.87 9.99
CA ARG C 90 1.80 -4.53 11.10
C ARG C 90 0.92 -4.74 12.35
N PHE C 91 -0.02 -3.85 12.68
CA PHE C 91 -1.00 -4.11 13.75
C PHE C 91 -2.10 -5.11 13.35
N ILE C 92 -2.46 -5.18 12.06
CA ILE C 92 -3.48 -6.12 11.58
C ILE C 92 -2.91 -7.55 11.55
N LYS C 93 -1.66 -7.67 11.11
CA LYS C 93 -1.02 -8.97 10.88
C LYS C 93 -0.21 -9.47 12.08
N GLY C 94 -0.15 -8.65 13.14
CA GLY C 94 0.57 -8.98 14.38
C GLY C 94 -0.33 -8.98 15.62
N GLU C 95 -1.52 -8.37 15.58
CA GLU C 95 -2.42 -8.24 16.74
C GLU C 95 -3.92 -8.36 16.40
N GLU C 96 -4.25 -9.02 15.28
CA GLU C 96 -5.65 -9.31 14.89
C GLU C 96 -5.81 -10.58 14.02
N ASP C 97 -5.01 -10.70 12.96
CA ASP C 97 -5.11 -11.87 12.08
C ASP C 97 -3.80 -12.11 11.33
N LYS C 98 -3.36 -13.37 11.32
CA LYS C 98 -2.13 -13.73 10.65
C LYS C 98 -2.29 -15.08 9.93
N PRO C 99 -2.75 -15.05 8.66
CA PRO C 99 -2.94 -16.27 7.87
C PRO C 99 -1.65 -16.74 7.18
N LEU C 100 -0.62 -15.90 7.23
CA LEU C 100 0.67 -16.22 6.61
C LEU C 100 1.78 -16.27 7.66
N PRO C 101 2.50 -17.40 7.73
CA PRO C 101 3.60 -17.58 8.68
C PRO C 101 4.85 -16.76 8.31
N PRO C 102 5.72 -16.48 9.31
CA PRO C 102 6.96 -15.70 9.10
C PRO C 102 8.04 -16.48 8.35
N ILE C 103 7.72 -17.70 7.92
CA ILE C 103 8.68 -18.53 7.19
C ILE C 103 8.77 -18.08 5.73
N LYS C 104 7.79 -17.28 5.29
CA LYS C 104 7.76 -16.77 3.94
C LYS C 104 7.60 -15.25 3.95
N PRO C 105 8.70 -14.50 4.21
CA PRO C 105 8.67 -13.04 4.24
C PRO C 105 8.77 -12.42 2.84
N ARG C 106 9.42 -13.15 1.93
CA ARG C 106 9.60 -12.68 0.56
C ARG C 106 8.96 -13.67 -0.42
N LYS C 107 9.39 -13.61 -1.68
CA LYS C 107 8.88 -14.51 -2.71
C LYS C 107 9.27 -15.96 -2.41
N ARG C 1 -10.08 1.25 8.12
CA ARG C 1 -9.86 2.65 7.65
C ARG C 1 -9.24 3.55 8.73
N ALA C 2 -9.95 3.75 9.83
CA ALA C 2 -9.59 4.75 10.83
C ALA C 2 -8.25 4.47 11.54
N ASP C 3 -7.95 3.20 11.82
CA ASP C 3 -6.69 2.81 12.46
C ASP C 3 -5.48 2.91 11.51
N GLU C 4 -5.68 2.70 10.20
CA GLU C 4 -4.61 2.91 9.21
C GLU C 4 -4.29 4.40 9.13
N GLN C 5 -5.33 5.24 9.04
CA GLN C 5 -5.13 6.69 9.06
C GLN C 5 -4.46 7.17 10.36
N ALA C 6 -4.91 6.71 11.53
CA ALA C 6 -4.24 7.01 12.81
C ALA C 6 -2.77 6.58 12.82
N PHE C 7 -2.45 5.35 12.40
CA PHE C 7 -1.05 4.89 12.35
C PHE C 7 -0.24 5.49 11.19
N LEU C 8 -0.89 6.10 10.18
CA LEU C 8 -0.09 6.83 9.17
C LEU C 8 0.04 8.32 9.53
N VAL C 9 -0.78 8.84 10.45
CA VAL C 9 -0.53 10.16 11.06
C VAL C 9 0.61 10.06 12.08
N ALA C 10 0.68 8.94 12.82
CA ALA C 10 1.83 8.62 13.66
C ALA C 10 3.12 8.43 12.81
N LEU C 11 3.04 7.68 11.70
CA LEU C 11 4.16 7.65 10.74
C LEU C 11 4.46 9.03 10.17
N TYR C 12 3.48 9.84 9.79
CA TYR C 12 3.71 11.19 9.26
C TYR C 12 4.56 12.03 10.22
N LYS C 13 4.26 12.01 11.53
CA LYS C 13 5.12 12.63 12.53
C LYS C 13 6.52 12.00 12.55
N TYR C 14 6.64 10.68 12.73
CA TYR C 14 7.97 10.06 12.70
C TYR C 14 8.79 10.30 11.43
N MET C 15 8.19 10.25 10.24
CA MET C 15 8.89 10.42 8.97
C MET C 15 9.23 11.89 8.71
N LYS C 16 8.42 12.85 9.19
CA LYS C 16 8.82 14.28 9.20
C LYS C 16 10.02 14.51 10.12
N GLU C 17 10.07 13.81 11.26
CA GLU C 17 11.27 13.77 12.12
C GLU C 17 12.45 12.94 11.51
N ARG C 18 12.26 12.37 10.32
CA ARG C 18 13.32 11.66 9.57
C ARG C 18 13.62 12.31 8.21
N LYS C 19 13.25 13.59 8.02
CA LYS C 19 13.50 14.43 6.84
C LYS C 19 12.81 13.89 5.58
N THR C 20 11.76 13.09 5.80
CA THR C 20 11.03 12.42 4.72
C THR C 20 9.51 12.52 4.94
N PRO C 21 8.93 13.72 5.10
CA PRO C 21 7.49 13.89 5.35
C PRO C 21 6.63 13.46 4.14
N ILE C 22 5.35 13.19 4.37
CA ILE C 22 4.36 13.00 3.27
C ILE C 22 4.25 14.28 2.40
N GLU C 23 4.64 15.42 2.98
CA GLU C 23 4.85 16.68 2.23
C GLU C 23 5.82 16.59 1.03
N ARG C 24 6.61 15.51 0.88
CA ARG C 24 7.44 15.20 -0.31
C ARG C 24 6.97 13.96 -1.10
N ILE C 25 5.78 13.44 -0.81
CA ILE C 25 5.15 12.24 -1.39
C ILE C 25 3.73 12.61 -1.86
N PRO C 26 3.60 13.41 -2.93
CA PRO C 26 2.30 13.96 -3.34
C PRO C 26 1.26 13.04 -3.98
N TYR C 27 1.62 12.07 -4.80
CA TYR C 27 0.58 11.28 -5.46
C TYR C 27 0.79 9.76 -5.45
N LEU C 28 -0.16 9.12 -6.14
CA LEU C 28 -0.20 7.68 -6.40
C LEU C 28 -0.09 7.56 -7.92
N GLY C 29 0.22 6.38 -8.46
CA GLY C 29 0.40 6.27 -9.90
C GLY C 29 -0.68 6.98 -10.72
N PHE C 30 -1.94 6.64 -10.52
CA PHE C 30 -3.01 7.29 -11.29
C PHE C 30 -3.78 8.36 -10.50
N LYS C 31 -3.89 8.18 -9.19
CA LYS C 31 -4.69 9.07 -8.32
C LYS C 31 -3.88 9.64 -7.15
N GLN C 32 -4.58 10.23 -6.17
CA GLN C 32 -3.93 10.79 -4.97
C GLN C 32 -3.24 9.66 -4.20
N ILE C 33 -2.40 10.01 -3.21
CA ILE C 33 -1.59 9.02 -2.49
C ILE C 33 -2.40 7.86 -1.84
N ASN C 34 -3.42 8.17 -1.04
CA ASN C 34 -4.26 7.15 -0.37
C ASN C 34 -3.44 5.92 0.11
N LEU C 35 -2.90 5.97 1.33
CA LEU C 35 -2.06 4.88 1.86
C LEU C 35 -2.81 3.59 2.17
N TRP C 36 -3.82 3.66 3.06
CA TRP C 36 -4.58 2.47 3.46
C TRP C 36 -5.09 1.65 2.26
N THR C 37 -5.31 2.32 1.13
CA THR C 37 -5.79 1.67 -0.09
C THR C 37 -4.70 0.85 -0.80
N MET C 38 -3.50 1.41 -1.03
CA MET C 38 -2.39 0.61 -1.60
C MET C 38 -1.96 -0.53 -0.65
N PHE C 39 -2.12 -0.33 0.66
CA PHE C 39 -1.92 -1.39 1.65
C PHE C 39 -2.93 -2.53 1.49
N GLN C 40 -4.24 -2.28 1.61
CA GLN C 40 -5.22 -3.36 1.46
C GLN C 40 -5.21 -3.99 0.06
N ALA C 41 -4.82 -3.24 -0.98
CA ALA C 41 -4.55 -3.78 -2.31
C ALA C 41 -3.36 -4.75 -2.30
N ALA C 42 -2.21 -4.36 -1.75
CA ALA C 42 -1.06 -5.25 -1.59
C ALA C 42 -1.39 -6.50 -0.77
N GLN C 43 -2.21 -6.37 0.28
CA GLN C 43 -2.60 -7.50 1.11
C GLN C 43 -3.54 -8.49 0.37
N LYS C 44 -4.26 -8.00 -0.65
CA LYS C 44 -5.04 -8.87 -1.55
C LYS C 44 -4.13 -9.54 -2.58
N LEU C 45 -3.25 -8.74 -3.19
CA LEU C 45 -2.22 -9.26 -4.10
C LEU C 45 -1.05 -10.02 -3.40
N GLY C 46 -1.18 -10.38 -2.10
CA GLY C 46 -0.25 -11.33 -1.45
C GLY C 46 0.82 -10.77 -0.50
N GLY C 47 0.52 -9.59 0.05
CA GLY C 47 1.47 -8.78 0.81
C GLY C 47 2.69 -8.34 -0.01
N TYR C 48 3.52 -7.49 0.60
CA TYR C 48 4.82 -7.12 0.04
C TYR C 48 5.72 -8.33 -0.32
N GLU C 49 5.47 -9.50 0.27
CA GLU C 49 6.32 -10.69 0.03
C GLU C 49 6.02 -11.36 -1.31
N THR C 50 4.75 -11.61 -1.64
CA THR C 50 4.38 -12.05 -3.01
C THR C 50 4.70 -10.96 -4.02
N ILE C 51 4.53 -9.69 -3.66
CA ILE C 51 4.93 -8.56 -4.50
C ILE C 51 6.42 -8.62 -4.86
N THR C 52 7.30 -8.89 -3.90
CA THR C 52 8.75 -8.98 -4.15
C THR C 52 9.12 -10.25 -4.90
N ALA C 53 8.45 -11.36 -4.62
CA ALA C 53 8.65 -12.62 -5.36
C ALA C 53 8.15 -12.57 -6.82
N ARG C 54 7.21 -11.68 -7.16
CA ARG C 54 6.51 -11.74 -8.47
C ARG C 54 6.42 -10.42 -9.26
N ARG C 55 6.83 -9.29 -8.68
CA ARG C 55 6.58 -7.91 -9.22
C ARG C 55 5.10 -7.73 -9.52
N GLN C 56 4.33 -7.96 -8.46
CA GLN C 56 2.86 -8.00 -8.55
C GLN C 56 2.22 -6.60 -8.48
N TRP C 57 3.00 -5.51 -8.37
CA TRP C 57 2.50 -4.12 -8.40
C TRP C 57 1.66 -3.82 -9.65
N LYS C 58 1.94 -4.48 -10.77
CA LYS C 58 1.12 -4.27 -11.96
C LYS C 58 -0.33 -4.73 -11.67
N HIS C 59 -0.46 -5.72 -10.77
CA HIS C 59 -1.77 -6.26 -10.37
C HIS C 59 -2.46 -5.33 -9.37
N ILE C 60 -1.68 -4.66 -8.50
CA ILE C 60 -2.20 -3.62 -7.59
C ILE C 60 -2.78 -2.51 -8.46
N TYR C 61 -2.09 -2.10 -9.54
CA TYR C 61 -2.63 -1.21 -10.58
C TYR C 61 -3.98 -1.72 -11.16
N ASP C 62 -4.14 -3.06 -11.20
CA ASP C 62 -5.41 -3.69 -11.58
C ASP C 62 -6.52 -3.42 -10.54
N GLU C 63 -6.25 -3.67 -9.25
CA GLU C 63 -7.18 -3.30 -8.17
C GLU C 63 -7.41 -1.76 -8.04
N LEU C 64 -6.40 -0.92 -8.28
CA LEU C 64 -6.52 0.54 -8.33
C LEU C 64 -7.44 1.02 -9.48
N GLY C 65 -7.20 0.54 -10.66
CA GLY C 65 -8.02 1.02 -11.74
C GLY C 65 -7.24 1.03 -13.04
N GLY C 66 -7.84 1.54 -14.10
CA GLY C 66 -7.08 1.65 -15.34
C GLY C 66 -6.55 3.09 -15.55
N ASN C 67 -5.34 3.23 -16.11
CA ASN C 67 -4.74 4.54 -16.41
C ASN C 67 -4.16 4.54 -17.85
N PRO C 68 -4.94 5.02 -18.85
CA PRO C 68 -4.54 5.03 -20.28
C PRO C 68 -3.12 5.55 -20.61
N GLY C 69 -2.33 4.71 -21.30
CA GLY C 69 -0.99 5.10 -21.72
C GLY C 69 0.13 4.61 -20.82
N SER C 70 -0.21 3.98 -19.71
CA SER C 70 0.80 3.52 -18.75
C SER C 70 0.81 2.00 -18.56
N THR C 71 2.00 1.41 -18.69
CA THR C 71 2.17 -0.02 -18.46
C THR C 71 3.04 -0.22 -17.22
N SER C 72 3.41 0.90 -16.59
CA SER C 72 4.24 0.87 -15.40
C SER C 72 4.00 2.12 -14.54
N ALA C 73 2.91 2.10 -13.78
CA ALA C 73 2.55 3.23 -12.91
C ALA C 73 2.61 2.83 -11.44
N ALA C 74 2.54 1.52 -11.18
CA ALA C 74 2.59 1.02 -9.82
C ALA C 74 4.03 0.84 -9.32
N THR C 75 4.98 0.92 -10.25
CA THR C 75 6.40 0.81 -9.91
C THR C 75 6.81 1.95 -8.99
N CYS C 76 6.17 3.10 -9.18
CA CYS C 76 6.43 4.27 -8.37
C CYS C 76 5.89 4.06 -6.95
N THR C 77 4.78 3.32 -6.86
CA THR C 77 4.14 3.01 -5.57
C THR C 77 5.02 2.09 -4.72
N ARG C 78 5.82 1.25 -5.39
CA ARG C 78 6.72 0.30 -4.72
C ARG C 78 7.77 1.00 -3.87
N ARG C 79 8.33 2.06 -4.44
CA ARG C 79 9.37 2.87 -3.80
C ARG C 79 8.84 3.78 -2.69
N HIS C 80 7.56 4.14 -2.76
CA HIS C 80 6.85 4.82 -1.67
C HIS C 80 6.49 3.83 -0.56
N TYR C 81 5.88 2.68 -0.88
CA TYR C 81 5.47 1.66 0.10
C TYR C 81 6.63 1.17 0.99
N GLU C 82 7.84 1.02 0.42
CA GLU C 82 9.01 0.51 1.14
C GLU C 82 9.56 1.50 2.18
N ARG C 83 9.01 2.72 2.22
CA ARG C 83 9.28 3.68 3.30
C ARG C 83 8.02 4.20 4.01
N LEU C 84 6.82 3.87 3.51
CA LEU C 84 5.59 4.50 3.98
C LEU C 84 4.63 3.51 4.67
N ILE C 85 4.92 2.20 4.59
CA ILE C 85 4.22 1.20 5.42
C ILE C 85 4.99 -0.11 5.59
N LEU C 86 5.94 -0.46 4.71
CA LEU C 86 6.88 -1.55 4.98
C LEU C 86 7.55 -1.47 6.38
N PRO C 87 7.96 -0.30 6.89
CA PRO C 87 8.45 -0.17 8.27
C PRO C 87 7.36 -0.24 9.36
N TYR C 88 6.05 -0.08 9.04
CA TYR C 88 4.98 -0.07 10.05
C TYR C 88 4.10 -1.33 10.05
N GLU C 89 3.91 -2.03 8.92
CA GLU C 89 3.29 -3.39 8.95
C GLU C 89 4.09 -4.38 9.83
N ARG C 90 5.33 -3.99 10.18
CA ARG C 90 6.13 -4.69 11.19
C ARG C 90 5.40 -4.91 12.53
N PHE C 91 4.52 -3.99 12.98
CA PHE C 91 3.69 -4.26 14.16
C PHE C 91 2.51 -5.22 13.88
N ILE C 92 2.01 -5.26 12.64
CA ILE C 92 0.90 -6.16 12.26
C ILE C 92 1.43 -7.60 12.14
N LYS C 93 2.61 -7.74 11.55
CA LYS C 93 3.19 -9.04 11.21
C LYS C 93 4.12 -9.59 12.30
N GLY C 94 4.33 -8.79 13.36
CA GLY C 94 5.18 -9.18 14.50
C GLY C 94 4.44 -9.19 15.84
N GLU C 95 3.27 -8.53 15.95
CA GLU C 95 2.52 -8.41 17.22
C GLU C 95 0.99 -8.50 17.06
N GLU C 96 0.50 -9.12 15.97
CA GLU C 96 -0.93 -9.37 15.75
C GLU C 96 -1.23 -10.61 14.88
N ASP C 97 -0.56 -10.73 13.73
CA ASP C 97 -0.81 -11.86 12.83
C ASP C 97 0.17 -11.86 11.66
N LYS C 98 -0.11 -12.68 10.65
CA LYS C 98 0.74 -12.78 9.47
C LYS C 98 -0.12 -12.98 8.22
N PRO C 99 0.30 -12.39 7.08
CA PRO C 99 -0.44 -12.52 5.80
C PRO C 99 -0.24 -13.89 5.15
N LEU C 100 0.69 -14.68 5.69
CA LEU C 100 0.97 -16.00 5.17
C LEU C 100 0.43 -17.08 6.10
N PRO C 101 -0.30 -18.07 5.56
CA PRO C 101 -0.87 -19.17 6.34
C PRO C 101 0.18 -20.20 6.75
N PRO C 102 -0.11 -20.98 7.82
CA PRO C 102 0.81 -22.01 8.33
C PRO C 102 0.94 -23.22 7.40
N ILE C 103 0.11 -23.28 6.36
CA ILE C 103 0.16 -24.39 5.41
C ILE C 103 1.18 -24.14 4.30
N LYS C 104 1.08 -22.99 3.62
CA LYS C 104 2.00 -22.64 2.54
C LYS C 104 1.81 -21.20 2.08
N PRO C 105 2.89 -20.40 2.12
CA PRO C 105 2.85 -18.99 1.71
C PRO C 105 2.78 -18.82 0.18
N ARG C 106 3.29 -19.81 -0.55
CA ARG C 106 3.28 -19.77 -2.01
C ARG C 106 2.02 -20.44 -2.56
N LYS C 107 1.69 -20.12 -3.81
CA LYS C 107 0.51 -20.68 -4.47
C LYS C 107 0.71 -22.16 -4.78
N ARG C 1 -14.70 1.58 3.46
CA ARG C 1 -14.34 2.92 2.91
C ARG C 1 -13.94 3.93 3.98
N ALA C 2 -14.87 4.24 4.90
CA ALA C 2 -14.70 5.36 5.83
C ALA C 2 -13.55 5.15 6.83
N ASP C 3 -13.35 3.92 7.30
CA ASP C 3 -12.26 3.60 8.22
C ASP C 3 -10.87 3.59 7.55
N GLU C 4 -10.80 3.24 6.26
CA GLU C 4 -9.54 3.34 5.51
C GLU C 4 -9.18 4.81 5.32
N GLN C 5 -10.16 5.64 4.94
CA GLN C 5 -9.93 7.08 4.84
C GLN C 5 -9.53 7.69 6.20
N ALA C 6 -10.22 7.37 7.29
CA ALA C 6 -9.84 7.81 8.63
C ALA C 6 -8.40 7.39 9.00
N PHE C 7 -8.04 6.11 8.79
CA PHE C 7 -6.68 5.65 9.09
C PHE C 7 -5.62 6.10 8.07
N LEU C 8 -6.02 6.61 6.89
CA LEU C 8 -5.02 7.22 5.99
C LEU C 8 -4.93 8.74 6.22
N VAL C 9 -5.92 9.36 6.89
CA VAL C 9 -5.77 10.75 7.39
C VAL C 9 -4.86 10.74 8.62
N ALA C 10 -4.98 9.72 9.48
CA ALA C 10 -4.03 9.49 10.57
C ALA C 10 -2.61 9.21 10.04
N LEU C 11 -2.47 8.34 9.02
CA LEU C 11 -1.17 8.20 8.34
C LEU C 11 -0.73 9.52 7.71
N TYR C 12 -1.59 10.28 7.03
CA TYR C 12 -1.21 11.56 6.43
C TYR C 12 -0.56 12.49 7.45
N LYS C 13 -1.13 12.61 8.66
CA LYS C 13 -0.49 13.35 9.75
C LYS C 13 0.86 12.72 10.13
N TYR C 14 0.92 11.43 10.47
CA TYR C 14 2.21 10.81 10.80
C TYR C 14 3.28 10.89 9.70
N MET C 15 2.93 10.72 8.42
CA MET C 15 3.89 10.76 7.32
C MET C 15 4.32 12.19 6.98
N LYS C 16 3.45 13.20 7.17
CA LYS C 16 3.86 14.61 7.12
C LYS C 16 4.85 14.94 8.24
N GLU C 17 4.65 14.37 9.44
CA GLU C 17 5.64 14.42 10.53
C GLU C 17 6.90 13.53 10.28
N ARG C 18 6.95 12.83 9.13
CA ARG C 18 8.13 12.05 8.71
C ARG C 18 8.72 12.54 7.38
N LYS C 19 8.43 13.80 6.99
CA LYS C 19 8.94 14.51 5.79
C LYS C 19 8.51 13.83 4.48
N THR C 20 7.43 13.06 4.56
CA THR C 20 6.92 12.27 3.43
C THR C 20 5.39 12.40 3.32
N PRO C 21 4.82 13.62 3.22
CA PRO C 21 3.37 13.81 3.13
C PRO C 21 2.77 13.26 1.82
N ILE C 22 1.46 13.00 1.81
CA ILE C 22 0.73 12.71 0.56
C ILE C 22 0.84 13.88 -0.46
N GLU C 23 1.12 15.08 0.07
CA GLU C 23 1.50 16.25 -0.74
C GLU C 23 2.71 16.02 -1.70
N ARG C 24 3.49 14.92 -1.56
CA ARG C 24 4.54 14.50 -2.52
C ARG C 24 4.22 13.17 -3.25
N ILE C 25 2.98 12.70 -3.16
CA ILE C 25 2.45 11.44 -3.72
C ILE C 25 1.17 11.75 -4.53
N PRO C 26 1.32 12.44 -5.67
CA PRO C 26 0.17 12.96 -6.44
C PRO C 26 -0.85 11.95 -6.97
N TYR C 27 -0.44 10.98 -7.77
CA TYR C 27 -1.39 10.04 -8.36
C TYR C 27 -0.97 8.58 -8.25
N LEU C 28 -1.73 7.78 -9.01
CA LEU C 28 -1.57 6.34 -9.22
C LEU C 28 -0.98 6.24 -10.62
N GLY C 29 -0.43 5.11 -11.05
CA GLY C 29 0.19 5.06 -12.39
C GLY C 29 -0.64 5.74 -13.48
N PHE C 30 -1.91 5.37 -13.64
CA PHE C 30 -2.77 6.05 -14.62
C PHE C 30 -3.77 7.01 -13.95
N LYS C 31 -4.38 6.53 -12.87
CA LYS C 31 -5.43 7.26 -12.15
C LYS C 31 -4.88 7.98 -10.92
N GLN C 32 -5.77 8.53 -10.09
CA GLN C 32 -5.38 9.21 -8.86
C GLN C 32 -4.94 8.18 -7.81
N ILE C 33 -4.35 8.63 -6.70
CA ILE C 33 -3.82 7.70 -5.67
C ILE C 33 -4.87 6.71 -5.12
N ASN C 34 -6.01 7.23 -4.64
CA ASN C 34 -7.10 6.40 -4.05
C ASN C 34 -6.54 5.18 -3.31
N LEU C 35 -6.09 5.40 -2.08
CA LEU C 35 -5.48 4.33 -1.25
C LEU C 35 -6.41 3.16 -0.96
N TRP C 36 -7.56 3.42 -0.32
CA TRP C 36 -8.52 2.36 0.05
C TRP C 36 -8.83 1.39 -1.10
N THR C 37 -8.79 1.91 -2.33
CA THR C 37 -9.05 1.12 -3.55
C THR C 37 -7.87 0.21 -3.92
N MET C 38 -6.63 0.71 -3.96
CA MET C 38 -5.47 -0.18 -4.20
C MET C 38 -5.30 -1.21 -3.06
N PHE C 39 -5.70 -0.85 -1.83
CA PHE C 39 -5.75 -1.78 -0.71
C PHE C 39 -6.76 -2.91 -0.95
N GLN C 40 -8.05 -2.62 -1.13
CA GLN C 40 -9.02 -3.71 -1.35
C GLN C 40 -8.75 -4.51 -2.64
N ALA C 41 -8.14 -3.88 -3.65
CA ALA C 41 -7.63 -4.57 -4.83
C ALA C 41 -6.50 -5.57 -4.46
N ALA C 42 -5.47 -5.13 -3.74
CA ALA C 42 -4.42 -6.01 -3.26
C ALA C 42 -4.95 -7.15 -2.38
N GLN C 43 -5.96 -6.88 -1.54
CA GLN C 43 -6.57 -7.91 -0.69
C GLN C 43 -7.38 -8.94 -1.48
N LYS C 44 -7.86 -8.58 -2.68
CA LYS C 44 -8.48 -9.53 -3.62
C LYS C 44 -7.41 -10.33 -4.37
N LEU C 45 -6.39 -9.64 -4.87
CA LEU C 45 -5.22 -10.28 -5.48
C LEU C 45 -4.25 -10.97 -4.47
N GLY C 46 -4.66 -11.17 -3.20
CA GLY C 46 -3.91 -12.06 -2.28
C GLY C 46 -3.03 -11.39 -1.20
N GLY C 47 -3.39 -10.16 -0.84
CA GLY C 47 -2.57 -9.29 0.00
C GLY C 47 -1.20 -8.97 -0.60
N TYR C 48 -0.48 -8.07 0.07
CA TYR C 48 0.93 -7.80 -0.26
C TYR C 48 1.83 -9.06 -0.30
N GLU C 49 1.42 -10.15 0.36
CA GLU C 49 2.23 -11.37 0.45
C GLU C 49 2.19 -12.19 -0.84
N THR C 50 1.00 -12.45 -1.42
CA THR C 50 0.89 -13.04 -2.76
C THR C 50 1.47 -12.09 -3.81
N ILE C 51 1.26 -10.78 -3.63
CA ILE C 51 1.89 -9.76 -4.48
C ILE C 51 3.42 -9.89 -4.53
N THR C 52 4.07 -10.08 -3.38
CA THR C 52 5.53 -10.22 -3.32
C THR C 52 5.99 -11.58 -3.84
N ALA C 53 5.23 -12.63 -3.58
CA ALA C 53 5.53 -13.97 -4.11
C ALA C 53 5.32 -14.10 -5.64
N ARG C 54 4.51 -13.22 -6.26
CA ARG C 54 4.10 -13.43 -7.68
C ARG C 54 4.21 -12.21 -8.60
N ARG C 55 4.55 -11.02 -8.09
CA ARG C 55 4.48 -9.72 -8.81
C ARG C 55 3.09 -9.54 -9.43
N GLN C 56 2.11 -9.63 -8.53
CA GLN C 56 0.70 -9.65 -8.92
C GLN C 56 0.12 -8.24 -9.13
N TRP C 57 0.90 -7.17 -8.98
CA TRP C 57 0.48 -5.78 -9.28
C TRP C 57 -0.08 -5.61 -10.70
N LYS C 58 0.40 -6.36 -11.65
CA LYS C 58 -0.16 -6.26 -12.98
C LYS C 58 -1.63 -6.72 -12.97
N HIS C 59 -1.97 -7.61 -12.03
CA HIS C 59 -3.34 -8.11 -11.86
C HIS C 59 -4.23 -7.06 -11.15
N ILE C 60 -3.64 -6.31 -10.20
CA ILE C 60 -4.33 -5.19 -9.56
C ILE C 60 -4.68 -4.19 -10.65
N TYR C 61 -3.76 -3.91 -11.59
CA TYR C 61 -4.03 -3.15 -12.82
C TYR C 61 -5.21 -3.73 -13.62
N ASP C 62 -5.40 -5.06 -13.54
CA ASP C 62 -6.56 -5.73 -14.13
C ASP C 62 -7.87 -5.35 -13.42
N GLU C 63 -7.91 -5.45 -12.09
CA GLU C 63 -9.04 -4.94 -11.29
C GLU C 63 -9.27 -3.41 -11.40
N LEU C 64 -8.21 -2.60 -11.49
CA LEU C 64 -8.29 -1.14 -11.74
C LEU C 64 -8.90 -0.83 -13.12
N GLY C 65 -8.37 -1.42 -14.16
CA GLY C 65 -8.87 -1.08 -15.47
C GLY C 65 -7.76 -1.18 -16.51
N GLY C 66 -8.00 -0.72 -17.73
CA GLY C 66 -6.91 -0.70 -18.69
C GLY C 66 -6.34 0.72 -18.88
N ASN C 67 -5.04 0.86 -19.07
CA ASN C 67 -4.41 2.17 -19.31
C ASN C 67 -4.06 2.29 -20.81
N PRO C 68 -4.83 3.10 -21.57
CA PRO C 68 -4.63 3.26 -23.04
C PRO C 68 -3.22 3.68 -23.46
N GLY C 69 -2.59 2.85 -24.32
CA GLY C 69 -1.28 3.15 -24.85
C GLY C 69 -0.09 2.63 -24.03
N SER C 70 -0.33 2.27 -22.78
CA SER C 70 0.76 1.80 -21.91
C SER C 70 0.56 0.38 -21.38
N THR C 71 1.61 -0.43 -21.54
CA THR C 71 1.64 -1.81 -21.08
C THR C 71 2.13 -1.87 -19.62
N SER C 72 2.26 -0.69 -18.99
CA SER C 72 2.73 -0.60 -17.61
C SER C 72 2.13 0.59 -16.88
N ALA C 73 1.62 0.34 -15.68
CA ALA C 73 1.02 1.38 -14.85
C ALA C 73 0.89 0.93 -13.41
N ALA C 74 0.89 -0.39 -13.21
CA ALA C 74 0.77 -0.96 -11.88
C ALA C 74 2.11 -1.09 -11.17
N THR C 75 3.20 -1.01 -11.94
CA THR C 75 4.55 -1.08 -11.37
C THR C 75 4.80 0.10 -10.47
N CYS C 76 4.34 1.27 -10.91
CA CYS C 76 4.47 2.51 -10.14
C CYS C 76 3.55 2.48 -8.92
N THR C 77 2.44 1.75 -9.04
CA THR C 77 1.45 1.61 -7.97
C THR C 77 2.05 0.92 -6.74
N ARG C 78 2.98 -0.02 -6.97
CA ARG C 78 3.64 -0.74 -5.89
C ARG C 78 4.48 0.22 -5.04
N ARG C 79 5.07 1.17 -5.75
CA ARG C 79 5.93 2.19 -5.16
C ARG C 79 5.17 3.21 -4.31
N HIS C 80 3.88 3.41 -4.59
CA HIS C 80 2.97 4.17 -3.75
C HIS C 80 2.56 3.35 -2.51
N TYR C 81 2.11 2.10 -2.68
CA TYR C 81 1.66 1.22 -1.58
C TYR C 81 2.73 1.03 -0.50
N GLU C 82 4.01 0.93 -0.87
CA GLU C 82 5.11 0.69 0.05
C GLU C 82 5.42 1.89 0.96
N ARG C 83 4.75 3.03 0.70
CA ARG C 83 4.78 4.19 1.61
C ARG C 83 3.39 4.67 2.05
N LEU C 84 2.31 4.13 1.49
CA LEU C 84 0.97 4.68 1.68
C LEU C 84 0.03 3.71 2.43
N ILE C 85 0.44 2.45 2.62
CA ILE C 85 -0.27 1.54 3.53
C ILE C 85 0.60 0.38 4.04
N LEU C 86 1.69 -0.01 3.36
CA LEU C 86 2.68 -0.92 3.93
C LEU C 86 3.14 -0.52 5.36
N PRO C 87 3.36 0.77 5.70
CA PRO C 87 3.64 1.18 7.08
C PRO C 87 2.41 1.18 8.03
N TYR C 88 1.16 1.13 7.53
CA TYR C 88 -0.03 1.19 8.38
C TYR C 88 -0.78 -0.15 8.51
N GLU C 89 -0.76 -1.06 7.53
CA GLU C 89 -1.24 -2.45 7.71
C GLU C 89 -0.48 -3.16 8.86
N ARG C 90 0.66 -2.59 9.27
CA ARG C 90 1.38 -3.00 10.48
C ARG C 90 0.49 -3.07 11.74
N PHE C 91 -0.52 -2.20 11.91
CA PHE C 91 -1.49 -2.36 13.01
C PHE C 91 -2.52 -3.48 12.77
N ILE C 92 -2.84 -3.79 11.51
CA ILE C 92 -3.80 -4.87 11.19
C ILE C 92 -3.13 -6.23 11.39
N LYS C 93 -1.86 -6.34 10.98
CA LYS C 93 -1.12 -7.60 10.97
C LYS C 93 -0.30 -7.85 12.25
N GLY C 94 -0.31 -6.86 13.15
CA GLY C 94 0.39 -6.93 14.43
C GLY C 94 -0.52 -6.81 15.66
N GLU C 95 -1.74 -6.28 15.50
CA GLU C 95 -2.67 -6.04 16.63
C GLU C 95 -4.16 -6.32 16.30
N GLU C 96 -4.43 -7.16 15.30
CA GLU C 96 -5.79 -7.63 14.97
C GLU C 96 -5.84 -9.03 14.31
N ASP C 97 -5.01 -9.25 13.29
CA ASP C 97 -4.98 -10.53 12.61
C ASP C 97 -3.58 -10.84 12.10
N LYS C 98 -2.97 -11.88 12.66
CA LYS C 98 -1.62 -12.27 12.25
C LYS C 98 -1.59 -13.77 11.93
N PRO C 99 -1.84 -14.12 10.66
CA PRO C 99 -1.84 -15.51 10.21
C PRO C 99 -0.43 -16.04 9.91
N LEU C 100 0.56 -15.15 9.98
CA LEU C 100 1.94 -15.53 9.71
C LEU C 100 2.85 -15.11 10.87
N PRO C 101 3.78 -16.00 11.28
CA PRO C 101 4.71 -15.71 12.36
C PRO C 101 5.84 -14.77 11.92
N PRO C 102 6.46 -14.06 12.88
CA PRO C 102 7.55 -13.11 12.58
C PRO C 102 8.84 -13.80 12.13
N ILE C 103 8.89 -15.12 12.24
CA ILE C 103 10.06 -15.90 11.84
C ILE C 103 10.08 -16.12 10.32
N LYS C 104 8.89 -16.12 9.71
CA LYS C 104 8.78 -16.33 8.27
C LYS C 104 7.82 -15.31 7.64
N PRO C 105 8.35 -14.18 7.15
CA PRO C 105 7.54 -13.13 6.51
C PRO C 105 7.15 -13.46 5.08
N ARG C 106 7.96 -14.29 4.42
CA ARG C 106 7.70 -14.68 3.04
C ARG C 106 6.86 -15.96 2.99
N LYS C 107 5.62 -15.82 2.53
CA LYS C 107 4.70 -16.95 2.42
C LYS C 107 4.35 -17.23 0.97
N ARG C 1 -10.71 0.79 7.66
CA ARG C 1 -10.47 2.19 7.22
C ARG C 1 -9.93 3.09 8.34
N ALA C 2 -10.72 3.27 9.41
CA ALA C 2 -10.43 4.28 10.43
C ALA C 2 -9.14 4.00 11.22
N ASP C 3 -8.84 2.73 11.51
CA ASP C 3 -7.63 2.35 12.23
C ASP C 3 -6.36 2.47 11.36
N GLU C 4 -6.47 2.27 10.04
CA GLU C 4 -5.33 2.49 9.12
C GLU C 4 -5.03 4.00 9.07
N GLN C 5 -6.08 4.83 8.93
CA GLN C 5 -5.89 6.27 8.97
C GLN C 5 -5.31 6.74 10.31
N ALA C 6 -5.82 6.27 11.45
CA ALA C 6 -5.24 6.57 12.76
C ALA C 6 -3.76 6.17 12.86
N PHE C 7 -3.41 4.94 12.46
CA PHE C 7 -2.01 4.49 12.49
C PHE C 7 -1.13 5.10 11.39
N LEU C 8 -1.72 5.72 10.35
CA LEU C 8 -0.87 6.46 9.40
C LEU C 8 -0.78 7.94 9.78
N VAL C 9 -1.66 8.45 10.65
CA VAL C 9 -1.46 9.77 11.28
C VAL C 9 -0.38 9.67 12.37
N ALA C 10 -0.36 8.55 13.11
CA ALA C 10 0.75 8.24 14.00
C ALA C 10 2.08 8.07 13.25
N LEU C 11 2.09 7.32 12.12
CA LEU C 11 3.27 7.31 11.24
C LEU C 11 3.59 8.71 10.71
N TYR C 12 2.62 9.50 10.26
CA TYR C 12 2.88 10.86 9.76
C TYR C 12 3.66 11.69 10.78
N LYS C 13 3.27 11.66 12.06
CA LYS C 13 4.06 12.29 13.13
C LYS C 13 5.46 11.67 13.23
N TYR C 14 5.58 10.35 13.40
CA TYR C 14 6.93 9.74 13.46
C TYR C 14 7.82 9.99 12.24
N MET C 15 7.29 9.95 11.02
CA MET C 15 8.07 10.14 9.80
C MET C 15 8.41 11.62 9.56
N LYS C 16 7.56 12.57 10.00
CA LYS C 16 7.95 14.00 10.05
C LYS C 16 9.08 14.23 11.05
N GLU C 17 9.07 13.53 12.18
CA GLU C 17 10.21 13.49 13.12
C GLU C 17 11.43 12.68 12.58
N ARG C 18 11.33 12.11 11.36
CA ARG C 18 12.45 11.42 10.69
C ARG C 18 12.82 12.09 9.34
N LYS C 19 12.45 13.36 9.16
CA LYS C 19 12.76 14.23 7.99
C LYS C 19 12.16 13.68 6.69
N THR C 20 11.11 12.87 6.83
CA THR C 20 10.46 12.20 5.71
C THR C 20 8.93 12.28 5.84
N PRO C 21 8.32 13.48 5.97
CA PRO C 21 6.86 13.63 6.12
C PRO C 21 6.10 13.21 4.86
N ILE C 22 4.80 12.91 5.00
CA ILE C 22 3.89 12.72 3.84
C ILE C 22 3.82 14.01 2.97
N GLU C 23 4.16 15.15 3.59
CA GLU C 23 4.40 16.42 2.86
C GLU C 23 5.45 16.35 1.72
N ARG C 24 6.26 15.27 1.62
CA ARG C 24 7.16 14.98 0.47
C ARG C 24 6.76 13.74 -0.35
N ILE C 25 5.55 13.22 -0.14
CA ILE C 25 4.98 12.01 -0.76
C ILE C 25 3.58 12.37 -1.33
N PRO C 26 3.55 13.35 -2.25
CA PRO C 26 2.29 13.93 -2.74
C PRO C 26 1.30 13.05 -3.47
N TYR C 27 1.73 12.04 -4.21
CA TYR C 27 0.76 11.26 -4.96
C TYR C 27 0.99 9.75 -4.94
N LEU C 28 0.09 9.12 -5.69
CA LEU C 28 0.05 7.69 -5.93
C LEU C 28 0.21 7.52 -7.44
N GLY C 29 0.52 6.33 -7.91
CA GLY C 29 0.73 6.12 -9.34
C GLY C 29 -0.31 6.79 -10.24
N PHE C 30 -1.59 6.56 -9.99
CA PHE C 30 -2.64 7.18 -10.80
C PHE C 30 -3.31 8.39 -10.14
N LYS C 31 -3.58 8.26 -8.83
CA LYS C 31 -4.30 9.29 -8.07
C LYS C 31 -3.52 9.75 -6.84
N GLN C 32 -4.21 10.45 -5.92
CA GLN C 32 -3.59 10.93 -4.68
C GLN C 32 -3.05 9.74 -3.88
N ILE C 33 -2.29 10.01 -2.80
CA ILE C 33 -1.62 8.95 -2.03
C ILE C 33 -2.54 7.83 -1.56
N ASN C 34 -3.64 8.17 -0.86
CA ASN C 34 -4.60 7.17 -0.34
C ASN C 34 -3.89 5.88 0.14
N LEU C 35 -3.35 5.94 1.35
CA LEU C 35 -2.60 4.82 1.93
C LEU C 35 -3.45 3.56 2.19
N TRP C 36 -4.49 3.69 3.00
CA TRP C 36 -5.36 2.55 3.35
C TRP C 36 -5.89 1.81 2.10
N THR C 37 -6.01 2.54 0.98
CA THR C 37 -6.51 1.98 -0.29
C THR C 37 -5.47 1.09 -0.99
N MET C 38 -4.22 1.55 -1.17
CA MET C 38 -3.17 0.66 -1.73
C MET C 38 -2.88 -0.53 -0.81
N PHE C 39 -3.06 -0.37 0.51
CA PHE C 39 -2.98 -1.47 1.46
C PHE C 39 -4.08 -2.51 1.24
N GLN C 40 -5.37 -2.15 1.32
CA GLN C 40 -6.43 -3.14 1.11
C GLN C 40 -6.42 -3.72 -0.32
N ALA C 41 -5.95 -2.98 -1.31
CA ALA C 41 -5.68 -3.49 -2.65
C ALA C 41 -4.58 -4.57 -2.64
N ALA C 42 -3.41 -4.28 -2.05
CA ALA C 42 -2.35 -5.28 -1.89
C ALA C 42 -2.81 -6.52 -1.12
N GLN C 43 -3.65 -6.36 -0.09
CA GLN C 43 -4.17 -7.49 0.70
C GLN C 43 -5.17 -8.35 -0.11
N LYS C 44 -5.81 -7.78 -1.14
CA LYS C 44 -6.63 -8.54 -2.08
C LYS C 44 -5.75 -9.24 -3.11
N LEU C 45 -4.79 -8.52 -3.67
CA LEU C 45 -3.77 -9.09 -4.58
C LEU C 45 -2.70 -9.97 -3.86
N GLY C 46 -2.91 -10.36 -2.58
CA GLY C 46 -2.08 -11.42 -1.94
C GLY C 46 -1.00 -10.97 -0.94
N GLY C 47 -1.22 -9.79 -0.35
CA GLY C 47 -0.22 -9.10 0.46
C GLY C 47 1.06 -8.74 -0.31
N TYR C 48 1.94 -7.99 0.36
CA TYR C 48 3.29 -7.72 -0.16
C TYR C 48 4.08 -8.99 -0.54
N GLU C 49 3.72 -10.15 0.01
CA GLU C 49 4.46 -11.39 -0.24
C GLU C 49 4.16 -12.01 -1.61
N THR C 50 2.88 -12.12 -2.01
CA THR C 50 2.51 -12.48 -3.39
C THR C 50 2.97 -11.40 -4.36
N ILE C 51 2.88 -10.12 -3.95
CA ILE C 51 3.41 -9.01 -4.74
C ILE C 51 4.91 -9.18 -5.06
N THR C 52 5.73 -9.57 -4.08
CA THR C 52 7.17 -9.78 -4.29
C THR C 52 7.45 -11.05 -5.08
N ALA C 53 6.68 -12.11 -4.86
CA ALA C 53 6.80 -13.34 -5.63
C ALA C 53 6.34 -13.22 -7.10
N ARG C 54 5.50 -12.23 -7.44
CA ARG C 54 4.84 -12.18 -8.78
C ARG C 54 4.89 -10.84 -9.52
N ARG C 55 5.38 -9.76 -8.89
CA ARG C 55 5.27 -8.36 -9.39
C ARG C 55 3.81 -8.03 -9.72
N GLN C 56 2.98 -8.24 -8.69
CA GLN C 56 1.53 -8.14 -8.82
C GLN C 56 1.01 -6.68 -8.73
N TRP C 57 1.88 -5.68 -8.55
CA TRP C 57 1.50 -4.26 -8.55
C TRP C 57 0.73 -3.83 -9.81
N LYS C 58 0.98 -4.45 -10.95
CA LYS C 58 0.19 -4.09 -12.13
C LYS C 58 -1.29 -4.47 -11.91
N HIS C 59 -1.51 -5.50 -11.08
CA HIS C 59 -2.85 -5.96 -10.72
C HIS C 59 -3.48 -5.03 -9.66
N ILE C 60 -2.65 -4.51 -8.76
CA ILE C 60 -3.06 -3.50 -7.76
C ILE C 60 -3.50 -2.26 -8.55
N TYR C 61 -2.76 -1.85 -9.58
CA TYR C 61 -3.19 -0.82 -10.55
C TYR C 61 -4.56 -1.13 -11.17
N ASP C 62 -4.87 -2.43 -11.32
CA ASP C 62 -6.21 -2.87 -11.77
C ASP C 62 -7.30 -2.57 -10.72
N GLU C 63 -7.08 -2.96 -9.46
CA GLU C 63 -7.97 -2.56 -8.35
C GLU C 63 -8.04 -1.04 -8.10
N LEU C 64 -6.93 -0.30 -8.26
CA LEU C 64 -6.89 1.18 -8.19
C LEU C 64 -7.73 1.84 -9.30
N GLY C 65 -7.48 1.42 -10.51
CA GLY C 65 -8.19 2.05 -11.59
C GLY C 65 -7.37 2.10 -12.84
N GLY C 66 -7.89 2.71 -13.89
CA GLY C 66 -7.08 2.85 -15.09
C GLY C 66 -6.46 4.24 -15.24
N ASN C 67 -5.22 4.29 -15.72
CA ASN C 67 -4.48 5.55 -15.98
C ASN C 67 -3.91 5.48 -17.40
N PRO C 68 -4.63 6.04 -18.39
CA PRO C 68 -4.22 6.01 -19.82
C PRO C 68 -2.78 6.49 -20.11
N GLY C 69 -1.99 5.60 -20.73
CA GLY C 69 -0.63 5.95 -21.14
C GLY C 69 0.47 5.57 -20.16
N SER C 70 0.13 5.17 -18.94
CA SER C 70 1.15 4.86 -17.94
C SER C 70 1.29 3.37 -17.64
N THR C 71 2.55 2.92 -17.61
CA THR C 71 2.88 1.54 -17.30
C THR C 71 4.00 1.52 -16.23
N SER C 72 4.07 2.59 -15.42
CA SER C 72 5.06 2.70 -14.36
C SER C 72 4.44 3.31 -13.11
N ALA C 73 3.13 3.52 -13.15
CA ALA C 73 2.39 4.08 -12.02
C ALA C 73 2.51 3.20 -10.77
N ALA C 74 2.16 1.92 -10.92
CA ALA C 74 2.21 0.97 -9.82
C ALA C 74 3.64 0.59 -9.44
N THR C 75 4.57 0.81 -10.38
CA THR C 75 5.98 0.50 -10.15
C THR C 75 6.59 1.48 -9.13
N CYS C 76 6.40 2.77 -9.37
CA CYS C 76 6.91 3.80 -8.47
C CYS C 76 6.12 3.83 -7.15
N THR C 77 4.87 3.38 -7.21
CA THR C 77 4.00 3.33 -6.03
C THR C 77 4.56 2.37 -4.97
N ARG C 78 5.15 1.27 -5.42
CA ARG C 78 5.73 0.27 -4.52
C ARG C 78 6.83 0.89 -3.65
N ARG C 79 7.50 1.90 -4.21
CA ARG C 79 8.59 2.59 -3.54
C ARG C 79 8.12 3.48 -2.38
N HIS C 80 6.87 3.93 -2.43
CA HIS C 80 6.19 4.61 -1.31
C HIS C 80 5.76 3.57 -0.25
N TYR C 81 5.06 2.50 -0.64
CA TYR C 81 4.57 1.46 0.27
C TYR C 81 5.68 0.84 1.13
N GLU C 82 6.88 0.63 0.56
CA GLU C 82 8.00 -0.01 1.26
C GLU C 82 8.61 0.86 2.36
N ARG C 83 8.14 2.13 2.47
CA ARG C 83 8.49 3.00 3.60
C ARG C 83 7.26 3.57 4.34
N LEU C 84 6.04 3.37 3.81
CA LEU C 84 4.85 4.05 4.31
C LEU C 84 3.82 3.11 4.93
N ILE C 85 4.00 1.79 4.77
CA ILE C 85 3.23 0.79 5.55
C ILE C 85 3.90 -0.57 5.65
N LEU C 86 4.82 -0.96 4.75
CA LEU C 86 5.68 -2.13 4.96
C LEU C 86 6.34 -2.18 6.37
N PRO C 87 6.83 -1.06 6.95
CA PRO C 87 7.31 -1.06 8.34
C PRO C 87 6.20 -1.10 9.42
N TYR C 88 4.93 -0.82 9.10
CA TYR C 88 3.84 -0.79 10.10
C TYR C 88 2.87 -1.98 10.02
N GLU C 89 2.63 -2.61 8.86
CA GLU C 89 1.92 -3.90 8.80
C GLU C 89 2.63 -5.00 9.63
N ARG C 90 3.89 -4.72 10.00
CA ARG C 90 4.63 -5.54 10.98
C ARG C 90 3.87 -5.79 12.29
N PHE C 91 3.06 -4.83 12.79
CA PHE C 91 2.19 -5.10 13.95
C PHE C 91 0.96 -5.95 13.60
N ILE C 92 0.47 -5.88 12.36
CA ILE C 92 -0.70 -6.67 11.94
C ILE C 92 -0.29 -8.13 11.73
N LYS C 93 0.89 -8.33 11.14
CA LYS C 93 1.38 -9.66 10.73
C LYS C 93 2.25 -10.34 11.80
N GLY C 94 2.51 -9.62 12.89
CA GLY C 94 3.31 -10.13 14.02
C GLY C 94 2.55 -10.16 15.35
N GLU C 95 1.44 -9.43 15.50
CA GLU C 95 0.68 -9.32 16.76
C GLU C 95 -0.85 -9.28 16.59
N GLU C 96 -1.37 -9.79 15.46
CA GLU C 96 -2.81 -9.93 15.22
C GLU C 96 -3.20 -11.09 14.27
N ASP C 97 -2.52 -11.19 13.14
CA ASP C 97 -2.81 -12.24 12.17
C ASP C 97 -1.53 -12.70 11.49
N LYS C 98 -1.62 -13.79 10.73
CA LYS C 98 -0.48 -14.33 10.01
C LYS C 98 -0.95 -15.15 8.80
N PRO C 99 -0.80 -14.59 7.59
CA PRO C 99 -1.21 -15.27 6.35
C PRO C 99 -0.17 -16.25 5.84
N LEU C 100 0.95 -16.35 6.57
CA LEU C 100 2.03 -17.26 6.19
C LEU C 100 1.98 -18.55 7.01
N PRO C 101 1.65 -19.68 6.36
CA PRO C 101 1.58 -20.98 7.04
C PRO C 101 2.96 -21.57 7.34
N PRO C 102 3.05 -22.49 8.32
CA PRO C 102 4.33 -23.12 8.71
C PRO C 102 4.86 -24.11 7.67
N ILE C 103 4.07 -24.40 6.64
CA ILE C 103 4.50 -25.33 5.60
C ILE C 103 4.76 -24.63 4.26
N LYS C 104 3.79 -23.86 3.78
CA LYS C 104 3.95 -23.15 2.51
C LYS C 104 4.66 -21.81 2.70
N PRO C 105 5.82 -21.63 2.04
CA PRO C 105 6.59 -20.40 2.12
C PRO C 105 6.00 -19.27 1.27
N ARG C 106 5.33 -19.65 0.19
CA ARG C 106 4.70 -18.69 -0.72
C ARG C 106 3.57 -19.34 -1.50
N LYS C 107 3.00 -18.60 -2.44
CA LYS C 107 1.90 -19.12 -3.26
C LYS C 107 2.45 -19.98 -4.39
N ARG C 1 -15.00 1.69 3.79
CA ARG C 1 -14.60 3.06 3.38
C ARG C 1 -14.19 3.95 4.56
N ALA C 2 -15.13 4.20 5.48
CA ALA C 2 -14.94 5.21 6.53
C ALA C 2 -13.82 4.87 7.53
N ASP C 3 -13.67 3.59 7.87
CA ASP C 3 -12.61 3.14 8.78
C ASP C 3 -11.21 3.15 8.14
N GLU C 4 -11.12 2.94 6.81
CA GLU C 4 -9.83 3.06 6.10
C GLU C 4 -9.42 4.54 6.08
N GLN C 5 -10.37 5.43 5.75
CA GLN C 5 -10.10 6.87 5.81
C GLN C 5 -9.71 7.33 7.23
N ALA C 6 -10.44 6.91 8.27
CA ALA C 6 -10.07 7.20 9.65
C ALA C 6 -8.66 6.70 10.00
N PHE C 7 -8.32 5.45 9.68
CA PHE C 7 -6.99 4.90 9.95
C PHE C 7 -5.90 5.43 9.01
N LEU C 8 -6.26 6.06 7.87
CA LEU C 8 -5.21 6.73 7.06
C LEU C 8 -5.08 8.21 7.44
N VAL C 9 -6.06 8.80 8.15
CA VAL C 9 -5.89 10.12 8.79
C VAL C 9 -5.00 9.96 10.04
N ALA C 10 -5.18 8.87 10.78
CA ALA C 10 -4.26 8.50 11.85
C ALA C 10 -2.84 8.21 11.34
N LEU C 11 -2.69 7.45 10.23
CA LEU C 11 -1.39 7.34 9.57
C LEU C 11 -0.89 8.70 9.08
N TYR C 12 -1.71 9.55 8.47
CA TYR C 12 -1.28 10.87 8.00
C TYR C 12 -0.63 11.69 9.13
N LYS C 13 -1.22 11.70 10.33
CA LYS C 13 -0.58 12.30 11.50
C LYS C 13 0.74 11.59 11.84
N TYR C 14 0.74 10.27 12.04
CA TYR C 14 2.00 9.57 12.33
C TYR C 14 3.11 9.74 11.27
N MET C 15 2.78 9.70 9.98
CA MET C 15 3.77 9.82 8.90
C MET C 15 4.25 11.26 8.72
N LYS C 16 3.41 12.28 8.99
CA LYS C 16 3.87 13.67 9.10
C LYS C 16 4.85 13.86 10.26
N GLU C 17 4.59 13.18 11.38
CA GLU C 17 5.56 13.08 12.51
C GLU C 17 6.79 12.18 12.18
N ARG C 18 6.85 11.59 10.97
CA ARG C 18 8.02 10.82 10.50
C ARG C 18 8.66 11.43 9.23
N LYS C 19 8.40 12.72 8.96
CA LYS C 19 8.97 13.54 7.86
C LYS C 19 8.55 13.00 6.49
N THR C 20 7.44 12.26 6.47
CA THR C 20 6.93 11.62 5.25
C THR C 20 5.41 11.80 5.12
N PRO C 21 4.89 13.04 5.13
CA PRO C 21 3.43 13.29 5.04
C PRO C 21 2.85 12.89 3.66
N ILE C 22 1.53 12.68 3.60
CA ILE C 22 0.81 12.53 2.31
C ILE C 22 0.98 13.80 1.43
N GLU C 23 1.29 14.93 2.08
CA GLU C 23 1.73 16.16 1.39
C GLU C 23 2.95 15.99 0.44
N ARG C 24 3.69 14.87 0.48
CA ARG C 24 4.75 14.50 -0.49
C ARG C 24 4.41 13.26 -1.36
N ILE C 25 3.14 12.82 -1.34
CA ILE C 25 2.60 11.64 -2.04
C ILE C 25 1.35 12.08 -2.83
N PRO C 26 1.56 12.88 -3.90
CA PRO C 26 0.47 13.51 -4.67
C PRO C 26 -0.58 12.57 -5.25
N TYR C 27 -0.19 11.74 -6.20
CA TYR C 27 -1.15 10.88 -6.87
C TYR C 27 -0.72 9.41 -6.93
N LEU C 28 -1.45 8.72 -7.80
CA LEU C 28 -1.25 7.33 -8.20
C LEU C 28 -1.05 7.41 -9.71
N GLY C 29 -0.58 6.37 -10.39
CA GLY C 29 -0.33 6.49 -11.83
C GLY C 29 -1.46 7.16 -12.63
N PHE C 30 -2.68 6.64 -12.54
CA PHE C 30 -3.80 7.27 -13.26
C PHE C 30 -4.66 8.13 -12.35
N LYS C 31 -5.08 7.53 -11.23
CA LYS C 31 -5.94 8.20 -10.25
C LYS C 31 -5.16 8.69 -9.05
N GLN C 32 -5.88 9.14 -8.03
CA GLN C 32 -5.30 9.63 -6.78
C GLN C 32 -4.72 8.44 -6.00
N ILE C 33 -3.99 8.71 -4.90
CA ILE C 33 -3.35 7.64 -4.12
C ILE C 33 -4.33 6.55 -3.68
N ASN C 34 -5.49 6.95 -3.13
CA ASN C 34 -6.54 6.03 -2.68
C ASN C 34 -5.96 4.74 -2.06
N LEU C 35 -5.52 4.86 -0.81
CA LEU C 35 -4.89 3.75 -0.09
C LEU C 35 -5.80 2.54 0.06
N TRP C 36 -7.00 2.75 0.59
CA TRP C 36 -7.95 1.66 0.83
C TRP C 36 -8.12 0.73 -0.41
N THR C 37 -8.04 1.32 -1.60
CA THR C 37 -8.17 0.60 -2.88
C THR C 37 -6.92 -0.22 -3.23
N MET C 38 -5.71 0.36 -3.17
CA MET C 38 -4.48 -0.44 -3.38
C MET C 38 -4.30 -1.53 -2.30
N PHE C 39 -4.80 -1.27 -1.08
CA PHE C 39 -4.85 -2.26 -0.02
C PHE C 39 -5.76 -3.43 -0.38
N GLN C 40 -7.07 -3.21 -0.62
CA GLN C 40 -7.96 -4.34 -0.96
C GLN C 40 -7.55 -5.04 -2.28
N ALA C 41 -6.93 -4.33 -3.22
CA ALA C 41 -6.31 -4.92 -4.40
C ALA C 41 -5.15 -5.85 -4.02
N ALA C 42 -4.19 -5.40 -3.22
CA ALA C 42 -3.10 -6.25 -2.71
C ALA C 42 -3.61 -7.46 -1.94
N GLN C 43 -4.70 -7.31 -1.14
CA GLN C 43 -5.28 -8.42 -0.39
C GLN C 43 -5.97 -9.46 -1.29
N LYS C 44 -6.40 -9.04 -2.50
CA LYS C 44 -6.90 -9.98 -3.52
C LYS C 44 -5.74 -10.66 -4.24
N LEU C 45 -4.74 -9.88 -4.64
CA LEU C 45 -3.50 -10.40 -5.22
C LEU C 45 -2.55 -11.10 -4.19
N GLY C 46 -3.02 -11.40 -2.96
CA GLY C 46 -2.27 -12.30 -2.04
C GLY C 46 -1.50 -11.64 -0.88
N GLY C 47 -1.96 -10.46 -0.48
CA GLY C 47 -1.25 -9.58 0.45
C GLY C 47 0.14 -9.15 -0.04
N TYR C 48 0.76 -8.24 0.73
CA TYR C 48 2.16 -7.87 0.50
C TYR C 48 3.14 -9.07 0.45
N GLU C 49 2.76 -10.22 1.02
CA GLU C 49 3.65 -11.39 1.08
C GLU C 49 3.74 -12.13 -0.25
N THR C 50 2.60 -12.44 -0.91
CA THR C 50 2.60 -12.94 -2.28
C THR C 50 3.18 -11.90 -3.24
N ILE C 51 2.88 -10.62 -3.01
CA ILE C 51 3.48 -9.52 -3.76
C ILE C 51 5.03 -9.54 -3.71
N THR C 52 5.61 -9.75 -2.54
CA THR C 52 7.08 -9.81 -2.40
C THR C 52 7.66 -11.11 -2.96
N ALA C 53 6.95 -12.23 -2.82
CA ALA C 53 7.36 -13.50 -3.39
C ALA C 53 7.26 -13.55 -4.94
N ARG C 54 6.43 -12.70 -5.56
CA ARG C 54 6.10 -12.83 -7.01
C ARG C 54 6.21 -11.56 -7.86
N ARG C 55 6.43 -10.39 -7.26
CA ARG C 55 6.32 -9.05 -7.91
C ARG C 55 4.96 -8.92 -8.61
N GLN C 56 3.93 -9.13 -7.77
CA GLN C 56 2.55 -9.21 -8.24
C GLN C 56 1.88 -7.82 -8.41
N TRP C 57 2.60 -6.71 -8.16
CA TRP C 57 2.10 -5.35 -8.40
C TRP C 57 1.62 -5.13 -9.83
N LYS C 58 2.17 -5.87 -10.76
CA LYS C 58 1.75 -5.79 -12.13
C LYS C 58 0.29 -6.30 -12.27
N HIS C 59 -0.11 -7.19 -11.35
CA HIS C 59 -1.48 -7.72 -11.33
C HIS C 59 -2.47 -6.71 -10.72
N ILE C 60 -2.00 -5.84 -9.80
CA ILE C 60 -2.84 -4.74 -9.30
C ILE C 60 -3.20 -3.87 -10.49
N TYR C 61 -2.26 -3.58 -11.40
CA TYR C 61 -2.54 -2.95 -12.70
C TYR C 61 -3.60 -3.72 -13.52
N ASP C 62 -3.65 -5.05 -13.34
CA ASP C 62 -4.71 -5.88 -13.93
C ASP C 62 -6.09 -5.57 -13.31
N GLU C 63 -6.20 -5.57 -11.98
CA GLU C 63 -7.43 -5.13 -11.30
C GLU C 63 -7.80 -3.65 -11.55
N LEU C 64 -6.82 -2.74 -11.66
CA LEU C 64 -7.02 -1.33 -12.03
C LEU C 64 -7.58 -1.18 -13.46
N GLY C 65 -6.95 -1.89 -14.42
CA GLY C 65 -7.37 -1.80 -15.83
C GLY C 65 -6.27 -2.23 -16.82
N GLY C 66 -6.61 -2.61 -18.05
CA GLY C 66 -5.56 -2.94 -19.01
C GLY C 66 -5.28 -1.79 -19.98
N ASN C 67 -3.99 -1.51 -20.25
CA ASN C 67 -3.60 -0.49 -21.24
C ASN C 67 -2.26 -0.91 -21.87
N PRO C 68 -2.31 -1.68 -22.96
CA PRO C 68 -1.11 -2.22 -23.64
C PRO C 68 0.01 -1.22 -23.95
N GLY C 69 1.21 -1.54 -23.44
CA GLY C 69 2.43 -0.77 -23.70
C GLY C 69 2.89 0.18 -22.60
N SER C 70 1.99 0.63 -21.72
CA SER C 70 2.40 1.55 -20.65
C SER C 70 2.08 0.97 -19.27
N THR C 71 3.09 0.95 -18.40
CA THR C 71 2.92 0.43 -17.04
C THR C 71 3.76 1.21 -16.04
N SER C 72 3.14 2.16 -15.35
CA SER C 72 3.83 2.95 -14.33
C SER C 72 2.88 3.37 -13.23
N ALA C 73 1.72 2.73 -13.18
CA ALA C 73 0.72 3.05 -12.18
C ALA C 73 0.87 2.17 -10.94
N ALA C 74 0.66 0.87 -11.12
CA ALA C 74 0.75 -0.08 -10.02
C ALA C 74 2.19 -0.40 -9.62
N THR C 75 3.13 -0.20 -10.54
CA THR C 75 4.54 -0.44 -10.25
C THR C 75 5.04 0.57 -9.23
N CYS C 76 4.64 1.82 -9.44
CA CYS C 76 4.99 2.91 -8.56
C CYS C 76 4.25 2.81 -7.23
N THR C 77 3.07 2.18 -7.26
CA THR C 77 2.23 2.01 -6.06
C THR C 77 2.98 1.27 -4.94
N ARG C 78 3.92 0.39 -5.31
CA ARG C 78 4.71 -0.37 -4.32
C ARG C 78 5.46 0.58 -3.38
N ARG C 79 6.00 1.63 -3.97
CA ARG C 79 6.76 2.64 -3.25
C ARG C 79 5.89 3.55 -2.38
N HIS C 80 4.62 3.71 -2.74
CA HIS C 80 3.60 4.37 -1.92
C HIS C 80 3.14 3.44 -0.78
N TYR C 81 2.77 2.18 -1.08
CA TYR C 81 2.30 1.21 -0.08
C TYR C 81 3.29 0.98 1.06
N GLU C 82 4.60 0.98 0.78
CA GLU C 82 5.65 0.72 1.77
C GLU C 82 5.83 1.86 2.78
N ARG C 83 5.11 2.99 2.56
CA ARG C 83 5.02 4.07 3.55
C ARG C 83 3.57 4.46 3.92
N LEU C 84 2.57 3.90 3.24
CA LEU C 84 1.19 4.38 3.35
C LEU C 84 0.25 3.31 3.96
N ILE C 85 0.71 2.06 4.09
CA ILE C 85 -0.01 1.05 4.88
C ILE C 85 0.87 -0.10 5.37
N LEU C 86 2.03 -0.39 4.75
CA LEU C 86 3.02 -1.30 5.33
C LEU C 86 3.35 -0.98 6.81
N PRO C 87 3.49 0.29 7.25
CA PRO C 87 3.64 0.61 8.67
C PRO C 87 2.35 0.48 9.52
N TYR C 88 1.15 0.41 8.93
CA TYR C 88 -0.11 0.34 9.69
C TYR C 88 -0.80 -1.04 9.67
N GLU C 89 -0.66 -1.87 8.62
CA GLU C 89 -1.07 -3.29 8.67
C GLU C 89 -0.36 -4.06 9.82
N ARG C 90 0.70 -3.45 10.36
CA ARG C 90 1.36 -3.92 11.59
C ARG C 90 0.38 -4.13 12.77
N PHE C 91 -0.67 -3.33 12.92
CA PHE C 91 -1.71 -3.61 13.94
C PHE C 91 -2.65 -4.77 13.53
N ILE C 92 -2.87 -4.99 12.23
CA ILE C 92 -3.74 -6.09 11.75
C ILE C 92 -3.02 -7.43 11.92
N LYS C 93 -1.73 -7.43 11.60
CA LYS C 93 -0.92 -8.67 11.55
C LYS C 93 -0.19 -8.96 12.87
N GLY C 94 -0.31 -8.05 13.83
CA GLY C 94 0.30 -8.20 15.16
C GLY C 94 -0.70 -8.20 16.32
N GLU C 95 -1.94 -7.72 16.12
CA GLU C 95 -2.96 -7.60 17.18
C GLU C 95 -4.40 -7.93 16.71
N GLU C 96 -4.54 -8.71 15.64
CA GLU C 96 -5.86 -9.21 15.17
C GLU C 96 -5.79 -10.55 14.40
N ASP C 97 -4.87 -10.69 13.46
CA ASP C 97 -4.74 -11.94 12.70
C ASP C 97 -3.30 -12.39 12.57
N LYS C 98 -2.88 -13.31 13.44
CA LYS C 98 -1.52 -13.84 13.42
C LYS C 98 -1.32 -14.95 14.45
N PRO C 99 -0.82 -16.12 14.01
CA PRO C 99 -0.57 -17.26 14.90
C PRO C 99 0.76 -17.11 15.64
N LEU C 100 1.56 -16.13 15.21
CA LEU C 100 2.85 -15.84 15.82
C LEU C 100 2.83 -14.49 16.54
N PRO C 101 3.72 -14.28 17.52
CA PRO C 101 3.81 -13.02 18.28
C PRO C 101 4.17 -11.82 17.40
N PRO C 102 3.86 -10.59 17.89
CA PRO C 102 4.15 -9.33 17.17
C PRO C 102 5.63 -8.93 17.20
N ILE C 103 6.49 -9.80 17.77
CA ILE C 103 7.92 -9.52 17.82
C ILE C 103 8.58 -9.74 16.46
N LYS C 104 8.00 -10.65 15.67
CA LYS C 104 8.50 -10.94 14.34
C LYS C 104 7.36 -10.90 13.31
N PRO C 105 7.03 -9.70 12.81
CA PRO C 105 5.96 -9.53 11.82
C PRO C 105 6.38 -9.96 10.42
N ARG C 106 7.66 -9.80 10.11
CA ARG C 106 8.20 -10.18 8.81
C ARG C 106 9.70 -10.48 8.93
N LYS C 107 10.38 -10.50 7.79
CA LYS C 107 11.82 -10.77 7.77
C LYS C 107 12.61 -9.60 8.37
N ARG C 1 -14.24 3.04 5.67
CA ARG C 1 -13.84 4.37 5.16
C ARG C 1 -13.35 5.33 6.25
N ALA C 2 -14.23 5.65 7.20
CA ALA C 2 -13.98 6.72 8.17
C ALA C 2 -12.81 6.43 9.11
N ASP C 3 -12.65 5.17 9.54
CA ASP C 3 -11.54 4.76 10.41
C ASP C 3 -10.19 4.72 9.69
N GLU C 4 -10.17 4.41 8.39
CA GLU C 4 -8.93 4.47 7.60
C GLU C 4 -8.51 5.94 7.46
N GLN C 5 -9.46 6.82 7.13
CA GLN C 5 -9.17 8.26 7.08
C GLN C 5 -8.69 8.80 8.44
N ALA C 6 -9.36 8.47 9.54
CA ALA C 6 -8.92 8.83 10.88
C ALA C 6 -7.49 8.34 11.18
N PHE C 7 -7.19 7.06 10.92
CA PHE C 7 -5.84 6.52 11.15
C PHE C 7 -4.81 6.96 10.11
N LEU C 8 -5.22 7.54 8.96
CA LEU C 8 -4.22 8.13 8.06
C LEU C 8 -4.06 9.63 8.33
N VAL C 9 -4.98 10.28 9.05
CA VAL C 9 -4.76 11.63 9.59
C VAL C 9 -3.80 11.54 10.80
N ALA C 10 -3.95 10.49 11.62
CA ALA C 10 -2.97 10.19 12.66
C ALA C 10 -1.58 9.85 12.08
N LEU C 11 -1.52 9.02 11.02
CA LEU C 11 -0.25 8.84 10.29
C LEU C 11 0.23 10.16 9.68
N TYR C 12 -0.61 10.98 9.07
CA TYR C 12 -0.20 12.27 8.50
C TYR C 12 0.53 13.13 9.53
N LYS C 13 0.00 13.24 10.75
CA LYS C 13 0.72 13.90 11.85
C LYS C 13 2.05 13.20 12.17
N TYR C 14 2.05 11.89 12.46
CA TYR C 14 3.32 11.20 12.71
C TYR C 14 4.37 11.28 11.59
N MET C 15 3.96 11.16 10.32
CA MET C 15 4.88 11.20 9.18
C MET C 15 5.37 12.62 8.88
N LYS C 16 4.56 13.67 9.14
CA LYS C 16 5.03 15.05 9.11
C LYS C 16 6.08 15.30 10.21
N GLU C 17 5.89 14.69 11.39
CA GLU C 17 6.92 14.66 12.45
C GLU C 17 8.11 13.72 12.12
N ARG C 18 8.10 13.06 10.96
CA ARG C 18 9.23 12.24 10.46
C ARG C 18 9.80 12.75 9.13
N LYS C 19 9.55 14.03 8.80
CA LYS C 19 10.05 14.76 7.61
C LYS C 19 9.55 14.16 6.30
N THR C 20 8.44 13.43 6.38
CA THR C 20 7.85 12.72 5.25
C THR C 20 6.33 12.91 5.19
N PRO C 21 5.81 14.16 5.16
CA PRO C 21 4.37 14.42 5.12
C PRO C 21 3.70 13.95 3.82
N ILE C 22 2.38 13.76 3.84
CA ILE C 22 1.59 13.53 2.61
C ILE C 22 1.72 14.74 1.63
N GLU C 23 2.08 15.90 2.19
CA GLU C 23 2.49 17.08 1.40
C GLU C 23 3.66 16.83 0.40
N ARG C 24 4.38 15.70 0.47
CA ARG C 24 5.38 15.25 -0.54
C ARG C 24 4.97 13.97 -1.31
N ILE C 25 3.71 13.55 -1.18
CA ILE C 25 3.12 12.34 -1.77
C ILE C 25 1.81 12.74 -2.52
N PRO C 26 1.94 13.40 -3.68
CA PRO C 26 0.79 13.97 -4.40
C PRO C 26 -0.28 12.99 -4.89
N TYR C 27 0.05 12.10 -5.82
CA TYR C 27 -0.98 11.21 -6.37
C TYR C 27 -0.58 9.74 -6.39
N LEU C 28 -1.55 8.94 -6.85
CA LEU C 28 -1.42 7.51 -7.07
C LEU C 28 -0.70 7.37 -8.41
N GLY C 29 -0.16 6.20 -8.74
CA GLY C 29 0.62 6.07 -9.97
C GLY C 29 0.02 6.76 -11.19
N PHE C 30 -1.24 6.45 -11.56
CA PHE C 30 -1.85 7.15 -12.69
C PHE C 30 -2.91 8.17 -12.22
N LYS C 31 -3.74 7.75 -11.26
CA LYS C 31 -4.83 8.57 -10.73
C LYS C 31 -4.47 9.22 -9.40
N GLN C 32 -5.46 9.84 -8.75
CA GLN C 32 -5.27 10.50 -7.46
C GLN C 32 -4.86 9.48 -6.38
N ILE C 33 -4.24 9.97 -5.30
CA ILE C 33 -3.68 9.09 -4.25
C ILE C 33 -4.68 8.08 -3.62
N ASN C 34 -5.85 8.55 -3.17
CA ASN C 34 -6.87 7.67 -2.55
C ASN C 34 -6.26 6.51 -1.74
N LEU C 35 -5.91 6.79 -0.48
CA LEU C 35 -5.27 5.80 0.40
C LEU C 35 -6.15 4.59 0.74
N TRP C 36 -7.27 4.83 1.45
CA TRP C 36 -8.17 3.75 1.88
C TRP C 36 -8.53 2.79 0.70
N THR C 37 -8.53 3.32 -0.53
CA THR C 37 -8.85 2.55 -1.75
C THR C 37 -7.70 1.61 -2.15
N MET C 38 -6.45 2.08 -2.24
CA MET C 38 -5.32 1.16 -2.50
C MET C 38 -5.13 0.12 -1.37
N PHE C 39 -5.49 0.50 -0.13
CA PHE C 39 -5.53 -0.44 0.99
C PHE C 39 -6.57 -1.54 0.79
N GLN C 40 -7.86 -1.22 0.65
CA GLN C 40 -8.87 -2.27 0.45
C GLN C 40 -8.66 -3.08 -0.85
N ALA C 41 -8.07 -2.48 -1.88
CA ALA C 41 -7.60 -3.18 -3.08
C ALA C 41 -6.50 -4.19 -2.74
N ALA C 42 -5.43 -3.79 -2.05
CA ALA C 42 -4.38 -4.70 -1.60
C ALA C 42 -4.92 -5.83 -0.71
N GLN C 43 -5.90 -5.54 0.16
CA GLN C 43 -6.51 -6.54 1.04
C GLN C 43 -7.37 -7.56 0.26
N LYS C 44 -7.87 -7.18 -0.92
CA LYS C 44 -8.54 -8.11 -1.83
C LYS C 44 -7.52 -8.94 -2.62
N LEU C 45 -6.50 -8.27 -3.15
CA LEU C 45 -5.36 -8.93 -3.80
C LEU C 45 -4.38 -9.66 -2.82
N GLY C 46 -4.75 -9.85 -1.54
CA GLY C 46 -4.00 -10.77 -0.63
C GLY C 46 -3.08 -10.12 0.42
N GLY C 47 -3.39 -8.88 0.78
CA GLY C 47 -2.53 -8.02 1.59
C GLY C 47 -1.17 -7.74 0.96
N TYR C 48 -0.40 -6.86 1.60
CA TYR C 48 1.00 -6.62 1.23
C TYR C 48 1.86 -7.90 1.17
N GLU C 49 1.45 -8.99 1.85
CA GLU C 49 2.24 -10.22 1.89
C GLU C 49 2.13 -11.05 0.61
N THR C 50 0.92 -11.27 0.08
CA THR C 50 0.76 -11.86 -1.27
C THR C 50 1.32 -10.93 -2.33
N ILE C 51 1.16 -9.61 -2.14
CA ILE C 51 1.78 -8.61 -3.02
C ILE C 51 3.30 -8.77 -3.11
N THR C 52 3.99 -8.97 -1.98
CA THR C 52 5.45 -9.15 -1.96
C THR C 52 5.87 -10.52 -2.50
N ALA C 53 5.08 -11.57 -2.21
CA ALA C 53 5.32 -12.90 -2.75
C ALA C 53 5.07 -13.02 -4.27
N ARG C 54 4.26 -12.12 -4.88
CA ARG C 54 3.80 -12.32 -6.27
C ARG C 54 3.92 -11.11 -7.21
N ARG C 55 4.30 -9.92 -6.70
CA ARG C 55 4.25 -8.62 -7.42
C ARG C 55 2.84 -8.40 -8.00
N GLN C 56 1.88 -8.48 -7.07
CA GLN C 56 0.46 -8.46 -7.41
C GLN C 56 -0.09 -7.03 -7.61
N TRP C 57 0.73 -5.98 -7.49
CA TRP C 57 0.33 -4.59 -7.77
C TRP C 57 -0.27 -4.40 -9.16
N LYS C 58 0.14 -5.26 -10.09
CA LYS C 58 -0.40 -5.25 -11.43
C LYS C 58 -1.91 -5.56 -11.40
N HIS C 59 -2.33 -6.36 -10.39
CA HIS C 59 -3.75 -6.71 -10.20
C HIS C 59 -4.53 -5.55 -9.56
N ILE C 60 -3.90 -4.82 -8.61
CA ILE C 60 -4.53 -3.62 -8.04
C ILE C 60 -4.76 -2.65 -9.18
N TYR C 61 -3.80 -2.46 -10.09
CA TYR C 61 -3.98 -1.73 -11.36
C TYR C 61 -5.17 -2.26 -12.18
N ASP C 62 -5.44 -3.57 -12.07
CA ASP C 62 -6.64 -4.18 -12.67
C ASP C 62 -7.94 -3.68 -12.02
N GLU C 63 -8.02 -3.73 -10.69
CA GLU C 63 -9.15 -3.12 -9.95
C GLU C 63 -9.26 -1.58 -10.12
N LEU C 64 -8.14 -0.85 -10.20
CA LEU C 64 -8.11 0.59 -10.51
C LEU C 64 -8.66 0.91 -11.91
N GLY C 65 -8.20 0.08 -12.86
CA GLY C 65 -8.57 0.20 -14.27
C GLY C 65 -7.56 -0.54 -15.13
N GLY C 66 -7.97 -1.52 -15.93
CA GLY C 66 -6.95 -2.21 -16.72
C GLY C 66 -6.72 -1.62 -18.11
N ASN C 67 -5.44 -1.54 -18.50
CA ASN C 67 -5.04 -1.04 -19.81
C ASN C 67 -3.81 -1.82 -20.32
N PRO C 68 -4.01 -2.86 -21.15
CA PRO C 68 -2.91 -3.69 -21.68
C PRO C 68 -1.82 -2.92 -22.43
N GLY C 69 -0.57 -3.32 -22.19
CA GLY C 69 0.58 -2.74 -22.88
C GLY C 69 1.24 -1.56 -22.18
N SER C 70 0.52 -0.88 -21.30
CA SER C 70 1.07 0.28 -20.60
C SER C 70 1.08 0.08 -19.09
N THR C 71 2.20 0.42 -18.46
CA THR C 71 2.30 0.28 -17.00
C THR C 71 3.34 1.23 -16.41
N SER C 72 3.02 1.76 -15.23
CA SER C 72 3.88 2.67 -14.48
C SER C 72 3.17 3.17 -13.23
N ALA C 73 2.04 2.53 -12.91
CA ALA C 73 1.26 2.92 -11.74
C ALA C 73 1.38 1.88 -10.64
N ALA C 74 1.50 0.61 -11.03
CA ALA C 74 1.63 -0.48 -10.07
C ALA C 74 2.91 -0.31 -9.24
N THR C 75 3.99 0.07 -9.92
CA THR C 75 5.28 0.28 -9.29
C THR C 75 5.32 1.53 -8.40
N CYS C 76 4.76 2.63 -8.92
CA CYS C 76 4.74 3.90 -8.18
C CYS C 76 3.85 3.84 -6.95
N THR C 77 2.70 3.17 -7.07
CA THR C 77 1.77 3.06 -5.95
C THR C 77 2.36 2.20 -4.82
N ARG C 78 3.23 1.26 -5.18
CA ARG C 78 3.88 0.40 -4.18
C ARG C 78 4.82 1.24 -3.33
N ARG C 79 5.43 2.23 -3.96
CA ARG C 79 6.38 3.13 -3.30
C ARG C 79 5.70 4.13 -2.36
N HIS C 80 4.43 4.44 -2.60
CA HIS C 80 3.59 5.21 -1.69
C HIS C 80 3.11 4.33 -0.52
N TYR C 81 2.57 3.13 -0.79
CA TYR C 81 2.06 2.21 0.24
C TYR C 81 3.12 1.85 1.29
N GLU C 82 4.39 1.67 0.88
CA GLU C 82 5.47 1.27 1.78
C GLU C 82 5.87 2.37 2.77
N ARG C 83 5.30 3.58 2.62
CA ARG C 83 5.44 4.64 3.62
C ARG C 83 4.10 5.19 4.13
N LEU C 84 2.96 4.79 3.53
CA LEU C 84 1.67 5.43 3.78
C LEU C 84 0.66 4.48 4.45
N ILE C 85 0.97 3.18 4.55
CA ILE C 85 0.20 2.25 5.39
C ILE C 85 0.97 0.99 5.78
N LEU C 86 2.02 0.57 5.07
CA LEU C 86 2.94 -0.46 5.54
C LEU C 86 3.43 -0.22 6.99
N PRO C 87 3.77 1.02 7.43
CA PRO C 87 4.08 1.29 8.84
C PRO C 87 2.87 1.30 9.80
N TYR C 88 1.61 1.40 9.31
CA TYR C 88 0.43 1.48 10.19
C TYR C 88 -0.42 0.20 10.22
N GLU C 89 -0.47 -0.62 9.15
CA GLU C 89 -1.07 -1.98 9.24
C GLU C 89 -0.36 -2.85 10.31
N ARG C 90 0.83 -2.40 10.75
CA ARG C 90 1.51 -2.97 11.91
C ARG C 90 0.64 -3.07 13.17
N PHE C 91 -0.30 -2.14 13.43
CA PHE C 91 -1.27 -2.31 14.53
C PHE C 91 -2.38 -3.33 14.21
N ILE C 92 -2.73 -3.51 12.93
CA ILE C 92 -3.78 -4.47 12.52
C ILE C 92 -3.22 -5.90 12.61
N LYS C 93 -1.97 -6.07 12.18
CA LYS C 93 -1.33 -7.39 12.05
C LYS C 93 -0.53 -7.80 13.30
N GLY C 94 -0.46 -6.89 14.28
CA GLY C 94 0.25 -7.14 15.54
C GLY C 94 -0.64 -7.03 16.78
N GLU C 95 -1.82 -6.40 16.70
CA GLU C 95 -2.72 -6.17 17.84
C GLU C 95 -4.22 -6.32 17.51
N GLU C 96 -4.56 -7.05 16.45
CA GLU C 96 -5.96 -7.37 16.10
C GLU C 96 -6.14 -8.70 15.32
N ASP C 97 -5.34 -8.93 14.29
CA ASP C 97 -5.46 -10.16 13.50
C ASP C 97 -4.52 -11.25 14.00
N LYS C 98 -3.64 -11.73 13.13
CA LYS C 98 -2.69 -12.78 13.48
C LYS C 98 -1.58 -12.24 14.37
N PRO C 99 -0.90 -13.12 15.13
CA PRO C 99 0.19 -12.71 16.02
C PRO C 99 1.53 -12.55 15.29
N LEU C 100 1.54 -12.75 13.98
CA LEU C 100 2.76 -12.62 13.19
C LEU C 100 3.04 -11.15 12.85
N PRO C 101 4.29 -10.71 13.11
CA PRO C 101 4.71 -9.33 12.85
C PRO C 101 4.95 -9.04 11.37
N PRO C 102 4.88 -7.76 10.96
CA PRO C 102 5.09 -7.34 9.57
C PRO C 102 6.55 -7.39 9.11
N ILE C 103 7.42 -7.95 9.96
CA ILE C 103 8.84 -8.07 9.63
C ILE C 103 9.07 -9.23 8.64
N LYS C 104 8.08 -10.11 8.54
CA LYS C 104 8.15 -11.25 7.63
C LYS C 104 7.08 -11.13 6.54
N PRO C 105 7.46 -10.57 5.37
CA PRO C 105 6.54 -10.38 4.25
C PRO C 105 6.34 -11.66 3.43
N ARG C 106 7.26 -12.60 3.57
CA ARG C 106 7.18 -13.87 2.85
C ARG C 106 6.31 -14.86 3.62
N LYS C 107 5.50 -15.61 2.89
CA LYS C 107 4.60 -16.59 3.50
C LYS C 107 5.21 -17.99 3.42
#